data_1ISE
# 
_entry.id   1ISE 
# 
_audit_conform.dict_name       mmcif_pdbx.dic 
_audit_conform.dict_version    5.383 
_audit_conform.dict_location   http://mmcif.pdb.org/dictionaries/ascii/mmcif_pdbx.dic 
# 
loop_
_database_2.database_id 
_database_2.database_code 
_database_2.pdbx_database_accession 
_database_2.pdbx_DOI 
PDB   1ISE         pdb_00001ise 10.2210/pdb1ise/pdb 
RCSB  RCSB005231   ?            ?                   
WWPDB D_1000005231 ?            ?                   
# 
loop_
_pdbx_audit_revision_history.ordinal 
_pdbx_audit_revision_history.data_content_type 
_pdbx_audit_revision_history.major_revision 
_pdbx_audit_revision_history.minor_revision 
_pdbx_audit_revision_history.revision_date 
1 'Structure model' 1 0 2003-10-07 
2 'Structure model' 1 1 2008-04-27 
3 'Structure model' 1 2 2011-07-13 
4 'Structure model' 1 3 2021-11-10 
5 'Structure model' 1 4 2023-12-27 
# 
_pdbx_audit_revision_details.ordinal             1 
_pdbx_audit_revision_details.revision_ordinal    1 
_pdbx_audit_revision_details.data_content_type   'Structure model' 
_pdbx_audit_revision_details.provider            repository 
_pdbx_audit_revision_details.type                'Initial release' 
_pdbx_audit_revision_details.description         ? 
_pdbx_audit_revision_details.details             ? 
# 
loop_
_pdbx_audit_revision_group.ordinal 
_pdbx_audit_revision_group.revision_ordinal 
_pdbx_audit_revision_group.data_content_type 
_pdbx_audit_revision_group.group 
1 2 'Structure model' 'Version format compliance' 
2 3 'Structure model' 'Version format compliance' 
3 4 'Structure model' 'Database references'       
4 5 'Structure model' 'Data collection'           
# 
loop_
_pdbx_audit_revision_category.ordinal 
_pdbx_audit_revision_category.revision_ordinal 
_pdbx_audit_revision_category.data_content_type 
_pdbx_audit_revision_category.category 
1 4 'Structure model' database_2         
2 4 'Structure model' struct_ref_seq_dif 
3 5 'Structure model' chem_comp_atom     
4 5 'Structure model' chem_comp_bond     
# 
loop_
_pdbx_audit_revision_item.ordinal 
_pdbx_audit_revision_item.revision_ordinal 
_pdbx_audit_revision_item.data_content_type 
_pdbx_audit_revision_item.item 
1 4 'Structure model' '_database_2.pdbx_DOI'                
2 4 'Structure model' '_database_2.pdbx_database_accession' 
3 4 'Structure model' '_struct_ref_seq_dif.details'         
# 
_pdbx_database_status.status_code                     REL 
_pdbx_database_status.entry_id                        1ISE 
_pdbx_database_status.recvd_initial_deposition_date   2001-11-30 
_pdbx_database_status.deposit_site                    PDBJ 
_pdbx_database_status.process_site                    PDBJ 
_pdbx_database_status.status_code_sf                  REL 
_pdbx_database_status.SG_entry                        . 
_pdbx_database_status.pdb_format_compatible           Y 
_pdbx_database_status.status_code_mr                  ? 
_pdbx_database_status.status_code_cs                  ? 
_pdbx_database_status.status_code_nmr_data            ? 
_pdbx_database_status.methods_development_category    ? 
# 
_pdbx_database_related.db_name        PDB 
_pdbx_database_related.db_id          1EK8 
_pdbx_database_related.details        '1EK8 contains the ribosome recycling factor from Escherichia coli' 
_pdbx_database_related.content_type   unspecified 
# 
loop_
_audit_author.name 
_audit_author.pdbx_ordinal 
'Nakano, H.'    1 
'Yoshida, T.'   2 
'Oka, S.'       3 
'Uchiyama, S.'  4 
'Nishina, K.'   5 
'Ohkubo, T.'    6 
'Kato, H.'      7 
'Yamagata, Y.'  8 
'Kobayashi, Y.' 9 
# 
_citation.id                        primary 
_citation.title                     'Crystal structure of a mutant of ribosome recycling factor from Escherichia coli, Arg132Gly' 
_citation.journal_abbrev            'To be Published' 
_citation.journal_volume            ? 
_citation.page_first                ? 
_citation.page_last                 ? 
_citation.year                      ? 
_citation.journal_id_ASTM           ? 
_citation.country                   ? 
_citation.journal_id_ISSN           ? 
_citation.journal_id_CSD            0353 
_citation.book_publisher            ? 
_citation.pdbx_database_id_PubMed   ? 
_citation.pdbx_database_id_DOI      ? 
# 
loop_
_citation_author.citation_id 
_citation_author.name 
_citation_author.ordinal 
_citation_author.identifier_ORCID 
primary 'Nakano, H.'    1 ? 
primary 'Yoshida, T.'   2 ? 
primary 'Oka, S.'       3 ? 
primary 'Uchiyama, S.'  4 ? 
primary 'Nishina, K.'   5 ? 
primary 'Ohkubo, T.'    6 ? 
primary 'Kato, H.'      7 ? 
primary 'Yamagata, Y.'  8 ? 
primary 'Kobayashi, Y.' 9 ? 
# 
loop_
_entity.id 
_entity.type 
_entity.src_method 
_entity.pdbx_description 
_entity.formula_weight 
_entity.pdbx_number_of_molecules 
_entity.pdbx_ec 
_entity.pdbx_mutation 
_entity.pdbx_fragment 
_entity.details 
1 polymer man 'Ribosome Recycling Factor' 20571.479 1   ? R132G ? ? 
2 water   nat water                       18.015    202 ? ?     ? ? 
# 
_entity_poly.entity_id                      1 
_entity_poly.type                           'polypeptide(L)' 
_entity_poly.nstd_linkage                   no 
_entity_poly.nstd_monomer                   no 
_entity_poly.pdbx_seq_one_letter_code       
;MISDIRKDAEVRMDKCVEAFKTQISKIRTGRASPSLLDGIVVEYYGTPTPLRQLASVTVEDSRTLKINVFDRSMSPAVEK
AIMASDLGLNPNSAGSDIRVPLPPLTEERRKDLTKIVRGEAEQARVAVRNVGRDANDKVKALLKDKEISEDDDRRSQDDV
QKLTDAAIKKIEAALADKEAELMQF
;
_entity_poly.pdbx_seq_one_letter_code_can   
;MISDIRKDAEVRMDKCVEAFKTQISKIRTGRASPSLLDGIVVEYYGTPTPLRQLASVTVEDSRTLKINVFDRSMSPAVEK
AIMASDLGLNPNSAGSDIRVPLPPLTEERRKDLTKIVRGEAEQARVAVRNVGRDANDKVKALLKDKEISEDDDRRSQDDV
QKLTDAAIKKIEAALADKEAELMQF
;
_entity_poly.pdbx_strand_id                 A 
_entity_poly.pdbx_target_identifier         ? 
# 
_pdbx_entity_nonpoly.entity_id   2 
_pdbx_entity_nonpoly.name        water 
_pdbx_entity_nonpoly.comp_id     HOH 
# 
loop_
_entity_poly_seq.entity_id 
_entity_poly_seq.num 
_entity_poly_seq.mon_id 
_entity_poly_seq.hetero 
1 1   MET n 
1 2   ILE n 
1 3   SER n 
1 4   ASP n 
1 5   ILE n 
1 6   ARG n 
1 7   LYS n 
1 8   ASP n 
1 9   ALA n 
1 10  GLU n 
1 11  VAL n 
1 12  ARG n 
1 13  MET n 
1 14  ASP n 
1 15  LYS n 
1 16  CYS n 
1 17  VAL n 
1 18  GLU n 
1 19  ALA n 
1 20  PHE n 
1 21  LYS n 
1 22  THR n 
1 23  GLN n 
1 24  ILE n 
1 25  SER n 
1 26  LYS n 
1 27  ILE n 
1 28  ARG n 
1 29  THR n 
1 30  GLY n 
1 31  ARG n 
1 32  ALA n 
1 33  SER n 
1 34  PRO n 
1 35  SER n 
1 36  LEU n 
1 37  LEU n 
1 38  ASP n 
1 39  GLY n 
1 40  ILE n 
1 41  VAL n 
1 42  VAL n 
1 43  GLU n 
1 44  TYR n 
1 45  TYR n 
1 46  GLY n 
1 47  THR n 
1 48  PRO n 
1 49  THR n 
1 50  PRO n 
1 51  LEU n 
1 52  ARG n 
1 53  GLN n 
1 54  LEU n 
1 55  ALA n 
1 56  SER n 
1 57  VAL n 
1 58  THR n 
1 59  VAL n 
1 60  GLU n 
1 61  ASP n 
1 62  SER n 
1 63  ARG n 
1 64  THR n 
1 65  LEU n 
1 66  LYS n 
1 67  ILE n 
1 68  ASN n 
1 69  VAL n 
1 70  PHE n 
1 71  ASP n 
1 72  ARG n 
1 73  SER n 
1 74  MET n 
1 75  SER n 
1 76  PRO n 
1 77  ALA n 
1 78  VAL n 
1 79  GLU n 
1 80  LYS n 
1 81  ALA n 
1 82  ILE n 
1 83  MET n 
1 84  ALA n 
1 85  SER n 
1 86  ASP n 
1 87  LEU n 
1 88  GLY n 
1 89  LEU n 
1 90  ASN n 
1 91  PRO n 
1 92  ASN n 
1 93  SER n 
1 94  ALA n 
1 95  GLY n 
1 96  SER n 
1 97  ASP n 
1 98  ILE n 
1 99  ARG n 
1 100 VAL n 
1 101 PRO n 
1 102 LEU n 
1 103 PRO n 
1 104 PRO n 
1 105 LEU n 
1 106 THR n 
1 107 GLU n 
1 108 GLU n 
1 109 ARG n 
1 110 ARG n 
1 111 LYS n 
1 112 ASP n 
1 113 LEU n 
1 114 THR n 
1 115 LYS n 
1 116 ILE n 
1 117 VAL n 
1 118 ARG n 
1 119 GLY n 
1 120 GLU n 
1 121 ALA n 
1 122 GLU n 
1 123 GLN n 
1 124 ALA n 
1 125 ARG n 
1 126 VAL n 
1 127 ALA n 
1 128 VAL n 
1 129 ARG n 
1 130 ASN n 
1 131 VAL n 
1 132 GLY n 
1 133 ARG n 
1 134 ASP n 
1 135 ALA n 
1 136 ASN n 
1 137 ASP n 
1 138 LYS n 
1 139 VAL n 
1 140 LYS n 
1 141 ALA n 
1 142 LEU n 
1 143 LEU n 
1 144 LYS n 
1 145 ASP n 
1 146 LYS n 
1 147 GLU n 
1 148 ILE n 
1 149 SER n 
1 150 GLU n 
1 151 ASP n 
1 152 ASP n 
1 153 ASP n 
1 154 ARG n 
1 155 ARG n 
1 156 SER n 
1 157 GLN n 
1 158 ASP n 
1 159 ASP n 
1 160 VAL n 
1 161 GLN n 
1 162 LYS n 
1 163 LEU n 
1 164 THR n 
1 165 ASP n 
1 166 ALA n 
1 167 ALA n 
1 168 ILE n 
1 169 LYS n 
1 170 LYS n 
1 171 ILE n 
1 172 GLU n 
1 173 ALA n 
1 174 ALA n 
1 175 LEU n 
1 176 ALA n 
1 177 ASP n 
1 178 LYS n 
1 179 GLU n 
1 180 ALA n 
1 181 GLU n 
1 182 LEU n 
1 183 MET n 
1 184 GLN n 
1 185 PHE n 
# 
_entity_src_gen.entity_id                          1 
_entity_src_gen.pdbx_src_id                        1 
_entity_src_gen.pdbx_alt_source_flag               sample 
_entity_src_gen.pdbx_seq_type                      ? 
_entity_src_gen.pdbx_beg_seq_num                   ? 
_entity_src_gen.pdbx_end_seq_num                   ? 
_entity_src_gen.gene_src_common_name               ? 
_entity_src_gen.gene_src_genus                     Escherichia 
_entity_src_gen.pdbx_gene_src_gene                 frr 
_entity_src_gen.gene_src_species                   ? 
_entity_src_gen.gene_src_strain                    ? 
_entity_src_gen.gene_src_tissue                    ? 
_entity_src_gen.gene_src_tissue_fraction           ? 
_entity_src_gen.gene_src_details                   ? 
_entity_src_gen.pdbx_gene_src_fragment             ? 
_entity_src_gen.pdbx_gene_src_scientific_name      'Escherichia coli' 
_entity_src_gen.pdbx_gene_src_ncbi_taxonomy_id     562 
_entity_src_gen.pdbx_gene_src_variant              ? 
_entity_src_gen.pdbx_gene_src_cell_line            ? 
_entity_src_gen.pdbx_gene_src_atcc                 ? 
_entity_src_gen.pdbx_gene_src_organ                ? 
_entity_src_gen.pdbx_gene_src_organelle            ? 
_entity_src_gen.pdbx_gene_src_cell                 ? 
_entity_src_gen.pdbx_gene_src_cellular_location    ? 
_entity_src_gen.host_org_common_name               ? 
_entity_src_gen.pdbx_host_org_scientific_name      'Escherichia coli BL21(DE3)' 
_entity_src_gen.pdbx_host_org_ncbi_taxonomy_id     469008 
_entity_src_gen.host_org_genus                     Escherichia 
_entity_src_gen.pdbx_host_org_gene                 ? 
_entity_src_gen.pdbx_host_org_organ                ? 
_entity_src_gen.host_org_species                   'Escherichia coli' 
_entity_src_gen.pdbx_host_org_tissue               ? 
_entity_src_gen.pdbx_host_org_tissue_fraction      ? 
_entity_src_gen.pdbx_host_org_strain               'BL21(DE3)' 
_entity_src_gen.pdbx_host_org_variant              ? 
_entity_src_gen.pdbx_host_org_cell_line            ? 
_entity_src_gen.pdbx_host_org_atcc                 ? 
_entity_src_gen.pdbx_host_org_culture_collection   ? 
_entity_src_gen.pdbx_host_org_cell                 ? 
_entity_src_gen.pdbx_host_org_organelle            ? 
_entity_src_gen.pdbx_host_org_cellular_location    ? 
_entity_src_gen.pdbx_host_org_vector_type          PLASMID 
_entity_src_gen.pdbx_host_org_vector               ? 
_entity_src_gen.host_org_details                   ? 
_entity_src_gen.expression_system_id               ? 
_entity_src_gen.plasmid_name                       'pET22b(+)' 
_entity_src_gen.plasmid_details                    ? 
_entity_src_gen.pdbx_description                   ? 
# 
loop_
_chem_comp.id 
_chem_comp.type 
_chem_comp.mon_nstd_flag 
_chem_comp.name 
_chem_comp.pdbx_synonyms 
_chem_comp.formula 
_chem_comp.formula_weight 
ALA 'L-peptide linking' y ALANINE         ? 'C3 H7 N O2'     89.093  
ARG 'L-peptide linking' y ARGININE        ? 'C6 H15 N4 O2 1' 175.209 
ASN 'L-peptide linking' y ASPARAGINE      ? 'C4 H8 N2 O3'    132.118 
ASP 'L-peptide linking' y 'ASPARTIC ACID' ? 'C4 H7 N O4'     133.103 
CYS 'L-peptide linking' y CYSTEINE        ? 'C3 H7 N O2 S'   121.158 
GLN 'L-peptide linking' y GLUTAMINE       ? 'C5 H10 N2 O3'   146.144 
GLU 'L-peptide linking' y 'GLUTAMIC ACID' ? 'C5 H9 N O4'     147.129 
GLY 'peptide linking'   y GLYCINE         ? 'C2 H5 N O2'     75.067  
HOH non-polymer         . WATER           ? 'H2 O'           18.015  
ILE 'L-peptide linking' y ISOLEUCINE      ? 'C6 H13 N O2'    131.173 
LEU 'L-peptide linking' y LEUCINE         ? 'C6 H13 N O2'    131.173 
LYS 'L-peptide linking' y LYSINE          ? 'C6 H15 N2 O2 1' 147.195 
MET 'L-peptide linking' y METHIONINE      ? 'C5 H11 N O2 S'  149.211 
PHE 'L-peptide linking' y PHENYLALANINE   ? 'C9 H11 N O2'    165.189 
PRO 'L-peptide linking' y PROLINE         ? 'C5 H9 N O2'     115.130 
SER 'L-peptide linking' y SERINE          ? 'C3 H7 N O3'     105.093 
THR 'L-peptide linking' y THREONINE       ? 'C4 H9 N O3'     119.119 
TYR 'L-peptide linking' y TYROSINE        ? 'C9 H11 N O3'    181.189 
VAL 'L-peptide linking' y VALINE          ? 'C5 H11 N O2'    117.146 
# 
loop_
_pdbx_poly_seq_scheme.asym_id 
_pdbx_poly_seq_scheme.entity_id 
_pdbx_poly_seq_scheme.seq_id 
_pdbx_poly_seq_scheme.mon_id 
_pdbx_poly_seq_scheme.ndb_seq_num 
_pdbx_poly_seq_scheme.pdb_seq_num 
_pdbx_poly_seq_scheme.auth_seq_num 
_pdbx_poly_seq_scheme.pdb_mon_id 
_pdbx_poly_seq_scheme.auth_mon_id 
_pdbx_poly_seq_scheme.pdb_strand_id 
_pdbx_poly_seq_scheme.pdb_ins_code 
_pdbx_poly_seq_scheme.hetero 
A 1 1   MET 1   1   ?   ?   ?   A . n 
A 1 2   ILE 2   2   2   ILE ILE A . n 
A 1 3   SER 3   3   3   SER SER A . n 
A 1 4   ASP 4   4   4   ASP ASP A . n 
A 1 5   ILE 5   5   5   ILE ILE A . n 
A 1 6   ARG 6   6   6   ARG ARG A . n 
A 1 7   LYS 7   7   7   LYS LYS A . n 
A 1 8   ASP 8   8   8   ASP ASP A . n 
A 1 9   ALA 9   9   9   ALA ALA A . n 
A 1 10  GLU 10  10  10  GLU GLU A . n 
A 1 11  VAL 11  11  11  VAL VAL A . n 
A 1 12  ARG 12  12  12  ARG ARG A . n 
A 1 13  MET 13  13  13  MET MET A . n 
A 1 14  ASP 14  14  14  ASP ASP A . n 
A 1 15  LYS 15  15  15  LYS LYS A . n 
A 1 16  CYS 16  16  16  CYS CYS A . n 
A 1 17  VAL 17  17  17  VAL VAL A . n 
A 1 18  GLU 18  18  18  GLU GLU A . n 
A 1 19  ALA 19  19  19  ALA ALA A . n 
A 1 20  PHE 20  20  20  PHE PHE A . n 
A 1 21  LYS 21  21  21  LYS LYS A . n 
A 1 22  THR 22  22  22  THR THR A . n 
A 1 23  GLN 23  23  23  GLN GLN A . n 
A 1 24  ILE 24  24  24  ILE ILE A . n 
A 1 25  SER 25  25  25  SER SER A . n 
A 1 26  LYS 26  26  26  LYS LYS A . n 
A 1 27  ILE 27  27  27  ILE ILE A . n 
A 1 28  ARG 28  28  28  ARG ARG A . n 
A 1 29  THR 29  29  29  THR THR A . n 
A 1 30  GLY 30  30  30  GLY GLY A . n 
A 1 31  ARG 31  31  31  ARG ARG A . n 
A 1 32  ALA 32  32  32  ALA ALA A . n 
A 1 33  SER 33  33  33  SER SER A . n 
A 1 34  PRO 34  34  34  PRO PRO A . n 
A 1 35  SER 35  35  35  SER SER A . n 
A 1 36  LEU 36  36  36  LEU LEU A . n 
A 1 37  LEU 37  37  37  LEU LEU A . n 
A 1 38  ASP 38  38  38  ASP ASP A . n 
A 1 39  GLY 39  39  39  GLY GLY A . n 
A 1 40  ILE 40  40  40  ILE ILE A . n 
A 1 41  VAL 41  41  41  VAL VAL A . n 
A 1 42  VAL 42  42  42  VAL VAL A . n 
A 1 43  GLU 43  43  43  GLU GLU A . n 
A 1 44  TYR 44  44  44  TYR TYR A . n 
A 1 45  TYR 45  45  45  TYR TYR A . n 
A 1 46  GLY 46  46  46  GLY GLY A . n 
A 1 47  THR 47  47  47  THR THR A . n 
A 1 48  PRO 48  48  48  PRO PRO A . n 
A 1 49  THR 49  49  49  THR THR A . n 
A 1 50  PRO 50  50  50  PRO PRO A . n 
A 1 51  LEU 51  51  51  LEU LEU A . n 
A 1 52  ARG 52  52  52  ARG ARG A . n 
A 1 53  GLN 53  53  53  GLN GLN A . n 
A 1 54  LEU 54  54  54  LEU LEU A . n 
A 1 55  ALA 55  55  55  ALA ALA A . n 
A 1 56  SER 56  56  56  SER SER A . n 
A 1 57  VAL 57  57  57  VAL VAL A . n 
A 1 58  THR 58  58  58  THR THR A . n 
A 1 59  VAL 59  59  59  VAL VAL A . n 
A 1 60  GLU 60  60  60  GLU GLU A . n 
A 1 61  ASP 61  61  61  ASP ASP A . n 
A 1 62  SER 62  62  62  SER SER A . n 
A 1 63  ARG 63  63  63  ARG ARG A . n 
A 1 64  THR 64  64  64  THR THR A . n 
A 1 65  LEU 65  65  65  LEU LEU A . n 
A 1 66  LYS 66  66  66  LYS LYS A . n 
A 1 67  ILE 67  67  67  ILE ILE A . n 
A 1 68  ASN 68  68  68  ASN ASN A . n 
A 1 69  VAL 69  69  69  VAL VAL A . n 
A 1 70  PHE 70  70  70  PHE PHE A . n 
A 1 71  ASP 71  71  71  ASP ASP A . n 
A 1 72  ARG 72  72  72  ARG ARG A . n 
A 1 73  SER 73  73  73  SER SER A . n 
A 1 74  MET 74  74  74  MET MET A . n 
A 1 75  SER 75  75  75  SER SER A . n 
A 1 76  PRO 76  76  76  PRO PRO A . n 
A 1 77  ALA 77  77  77  ALA ALA A . n 
A 1 78  VAL 78  78  78  VAL VAL A . n 
A 1 79  GLU 79  79  79  GLU GLU A . n 
A 1 80  LYS 80  80  80  LYS LYS A . n 
A 1 81  ALA 81  81  81  ALA ALA A . n 
A 1 82  ILE 82  82  82  ILE ILE A . n 
A 1 83  MET 83  83  83  MET MET A . n 
A 1 84  ALA 84  84  84  ALA ALA A . n 
A 1 85  SER 85  85  85  SER SER A . n 
A 1 86  ASP 86  86  86  ASP ASP A . n 
A 1 87  LEU 87  87  87  LEU LEU A . n 
A 1 88  GLY 88  88  88  GLY GLY A . n 
A 1 89  LEU 89  89  89  LEU LEU A . n 
A 1 90  ASN 90  90  90  ASN ASN A . n 
A 1 91  PRO 91  91  91  PRO PRO A . n 
A 1 92  ASN 92  92  92  ASN ASN A . n 
A 1 93  SER 93  93  93  SER SER A . n 
A 1 94  ALA 94  94  94  ALA ALA A . n 
A 1 95  GLY 95  95  95  GLY GLY A . n 
A 1 96  SER 96  96  96  SER SER A . n 
A 1 97  ASP 97  97  97  ASP ASP A . n 
A 1 98  ILE 98  98  98  ILE ILE A . n 
A 1 99  ARG 99  99  99  ARG ARG A . n 
A 1 100 VAL 100 100 100 VAL VAL A . n 
A 1 101 PRO 101 101 101 PRO PRO A . n 
A 1 102 LEU 102 102 102 LEU LEU A . n 
A 1 103 PRO 103 103 103 PRO PRO A . n 
A 1 104 PRO 104 104 104 PRO PRO A . n 
A 1 105 LEU 105 105 105 LEU LEU A . n 
A 1 106 THR 106 106 106 THR THR A . n 
A 1 107 GLU 107 107 107 GLU GLU A . n 
A 1 108 GLU 108 108 108 GLU GLU A . n 
A 1 109 ARG 109 109 109 ARG ARG A . n 
A 1 110 ARG 110 110 110 ARG ARG A . n 
A 1 111 LYS 111 111 111 LYS LYS A . n 
A 1 112 ASP 112 112 112 ASP ASP A . n 
A 1 113 LEU 113 113 113 LEU LEU A . n 
A 1 114 THR 114 114 114 THR THR A . n 
A 1 115 LYS 115 115 115 LYS LYS A . n 
A 1 116 ILE 116 116 116 ILE ILE A . n 
A 1 117 VAL 117 117 117 VAL VAL A . n 
A 1 118 ARG 118 118 118 ARG ARG A . n 
A 1 119 GLY 119 119 119 GLY GLY A . n 
A 1 120 GLU 120 120 120 GLU GLU A . n 
A 1 121 ALA 121 121 121 ALA ALA A . n 
A 1 122 GLU 122 122 122 GLU GLU A . n 
A 1 123 GLN 123 123 123 GLN GLN A . n 
A 1 124 ALA 124 124 124 ALA ALA A . n 
A 1 125 ARG 125 125 125 ARG ARG A . n 
A 1 126 VAL 126 126 126 VAL VAL A . n 
A 1 127 ALA 127 127 127 ALA ALA A . n 
A 1 128 VAL 128 128 128 VAL VAL A . n 
A 1 129 ARG 129 129 129 ARG ARG A . n 
A 1 130 ASN 130 130 130 ASN ASN A . n 
A 1 131 VAL 131 131 131 VAL VAL A . n 
A 1 132 GLY 132 132 132 GLY GLY A . n 
A 1 133 ARG 133 133 133 ARG ARG A . n 
A 1 134 ASP 134 134 134 ASP ASP A . n 
A 1 135 ALA 135 135 135 ALA ALA A . n 
A 1 136 ASN 136 136 136 ASN ASN A . n 
A 1 137 ASP 137 137 137 ASP ASP A . n 
A 1 138 LYS 138 138 138 LYS LYS A . n 
A 1 139 VAL 139 139 139 VAL VAL A . n 
A 1 140 LYS 140 140 140 LYS LYS A . n 
A 1 141 ALA 141 141 141 ALA ALA A . n 
A 1 142 LEU 142 142 142 LEU LEU A . n 
A 1 143 LEU 143 143 143 LEU LEU A . n 
A 1 144 LYS 144 144 144 LYS LYS A . n 
A 1 145 ASP 145 145 145 ASP ASP A . n 
A 1 146 LYS 146 146 146 LYS LYS A . n 
A 1 147 GLU 147 147 147 GLU GLU A . n 
A 1 148 ILE 148 148 148 ILE ILE A . n 
A 1 149 SER 149 149 149 SER SER A . n 
A 1 150 GLU 150 150 150 GLU GLU A . n 
A 1 151 ASP 151 151 151 ASP ASP A . n 
A 1 152 ASP 152 152 152 ASP ASP A . n 
A 1 153 ASP 153 153 153 ASP ASP A . n 
A 1 154 ARG 154 154 154 ARG ARG A . n 
A 1 155 ARG 155 155 155 ARG ARG A . n 
A 1 156 SER 156 156 156 SER SER A . n 
A 1 157 GLN 157 157 157 GLN GLN A . n 
A 1 158 ASP 158 158 158 ASP ASP A . n 
A 1 159 ASP 159 159 159 ASP ASP A . n 
A 1 160 VAL 160 160 160 VAL VAL A . n 
A 1 161 GLN 161 161 161 GLN GLN A . n 
A 1 162 LYS 162 162 162 LYS LYS A . n 
A 1 163 LEU 163 163 163 LEU LEU A . n 
A 1 164 THR 164 164 164 THR THR A . n 
A 1 165 ASP 165 165 165 ASP ASP A . n 
A 1 166 ALA 166 166 166 ALA ALA A . n 
A 1 167 ALA 167 167 167 ALA ALA A . n 
A 1 168 ILE 168 168 168 ILE ILE A . n 
A 1 169 LYS 169 169 169 LYS LYS A . n 
A 1 170 LYS 170 170 170 LYS LYS A . n 
A 1 171 ILE 171 171 171 ILE ILE A . n 
A 1 172 GLU 172 172 172 GLU GLU A . n 
A 1 173 ALA 173 173 173 ALA ALA A . n 
A 1 174 ALA 174 174 174 ALA ALA A . n 
A 1 175 LEU 175 175 175 LEU LEU A . n 
A 1 176 ALA 176 176 176 ALA ALA A . n 
A 1 177 ASP 177 177 177 ASP ASP A . n 
A 1 178 LYS 178 178 178 LYS LYS A . n 
A 1 179 GLU 179 179 179 GLU GLU A . n 
A 1 180 ALA 180 180 180 ALA ALA A . n 
A 1 181 GLU 181 181 181 GLU GLU A . n 
A 1 182 LEU 182 182 182 LEU LEU A . n 
A 1 183 MET 183 183 183 MET MET A . n 
A 1 184 GLN 184 184 184 GLN GLN A . n 
A 1 185 PHE 185 185 185 PHE PHE A . n 
# 
loop_
_pdbx_nonpoly_scheme.asym_id 
_pdbx_nonpoly_scheme.entity_id 
_pdbx_nonpoly_scheme.mon_id 
_pdbx_nonpoly_scheme.ndb_seq_num 
_pdbx_nonpoly_scheme.pdb_seq_num 
_pdbx_nonpoly_scheme.auth_seq_num 
_pdbx_nonpoly_scheme.pdb_mon_id 
_pdbx_nonpoly_scheme.auth_mon_id 
_pdbx_nonpoly_scheme.pdb_strand_id 
_pdbx_nonpoly_scheme.pdb_ins_code 
B 2 HOH 1   186 1   HOH HOH A . 
B 2 HOH 2   187 2   HOH HOH A . 
B 2 HOH 3   188 3   HOH HOH A . 
B 2 HOH 4   189 4   HOH HOH A . 
B 2 HOH 5   190 5   HOH HOH A . 
B 2 HOH 6   191 6   HOH HOH A . 
B 2 HOH 7   192 7   HOH HOH A . 
B 2 HOH 8   193 8   HOH HOH A . 
B 2 HOH 9   194 9   HOH HOH A . 
B 2 HOH 10  195 10  HOH HOH A . 
B 2 HOH 11  196 11  HOH HOH A . 
B 2 HOH 12  197 12  HOH HOH A . 
B 2 HOH 13  198 13  HOH HOH A . 
B 2 HOH 14  199 14  HOH HOH A . 
B 2 HOH 15  200 15  HOH HOH A . 
B 2 HOH 16  201 16  HOH HOH A . 
B 2 HOH 17  202 17  HOH HOH A . 
B 2 HOH 18  203 18  HOH HOH A . 
B 2 HOH 19  204 19  HOH HOH A . 
B 2 HOH 20  205 20  HOH HOH A . 
B 2 HOH 21  206 21  HOH HOH A . 
B 2 HOH 22  207 22  HOH HOH A . 
B 2 HOH 23  208 23  HOH HOH A . 
B 2 HOH 24  209 24  HOH HOH A . 
B 2 HOH 25  210 25  HOH HOH A . 
B 2 HOH 26  211 26  HOH HOH A . 
B 2 HOH 27  212 27  HOH HOH A . 
B 2 HOH 28  213 28  HOH HOH A . 
B 2 HOH 29  214 29  HOH HOH A . 
B 2 HOH 30  215 30  HOH HOH A . 
B 2 HOH 31  216 31  HOH HOH A . 
B 2 HOH 32  217 32  HOH HOH A . 
B 2 HOH 33  218 33  HOH HOH A . 
B 2 HOH 34  219 34  HOH HOH A . 
B 2 HOH 35  220 35  HOH HOH A . 
B 2 HOH 36  221 36  HOH HOH A . 
B 2 HOH 37  222 37  HOH HOH A . 
B 2 HOH 38  223 38  HOH HOH A . 
B 2 HOH 39  224 39  HOH HOH A . 
B 2 HOH 40  225 40  HOH HOH A . 
B 2 HOH 41  226 41  HOH HOH A . 
B 2 HOH 42  227 42  HOH HOH A . 
B 2 HOH 43  228 43  HOH HOH A . 
B 2 HOH 44  229 44  HOH HOH A . 
B 2 HOH 45  230 45  HOH HOH A . 
B 2 HOH 46  231 46  HOH HOH A . 
B 2 HOH 47  232 47  HOH HOH A . 
B 2 HOH 48  233 48  HOH HOH A . 
B 2 HOH 49  234 49  HOH HOH A . 
B 2 HOH 50  235 50  HOH HOH A . 
B 2 HOH 51  236 51  HOH HOH A . 
B 2 HOH 52  237 52  HOH HOH A . 
B 2 HOH 53  238 53  HOH HOH A . 
B 2 HOH 54  239 54  HOH HOH A . 
B 2 HOH 55  240 55  HOH HOH A . 
B 2 HOH 56  241 56  HOH HOH A . 
B 2 HOH 57  242 57  HOH HOH A . 
B 2 HOH 58  243 58  HOH HOH A . 
B 2 HOH 59  244 59  HOH HOH A . 
B 2 HOH 60  245 60  HOH HOH A . 
B 2 HOH 61  246 61  HOH HOH A . 
B 2 HOH 62  247 62  HOH HOH A . 
B 2 HOH 63  248 63  HOH HOH A . 
B 2 HOH 64  249 64  HOH HOH A . 
B 2 HOH 65  250 65  HOH HOH A . 
B 2 HOH 66  251 66  HOH HOH A . 
B 2 HOH 67  252 67  HOH HOH A . 
B 2 HOH 68  253 68  HOH HOH A . 
B 2 HOH 69  254 69  HOH HOH A . 
B 2 HOH 70  255 70  HOH HOH A . 
B 2 HOH 71  256 71  HOH HOH A . 
B 2 HOH 72  257 72  HOH HOH A . 
B 2 HOH 73  258 73  HOH HOH A . 
B 2 HOH 74  259 74  HOH HOH A . 
B 2 HOH 75  260 75  HOH HOH A . 
B 2 HOH 76  261 76  HOH HOH A . 
B 2 HOH 77  262 77  HOH HOH A . 
B 2 HOH 78  263 78  HOH HOH A . 
B 2 HOH 79  264 79  HOH HOH A . 
B 2 HOH 80  265 80  HOH HOH A . 
B 2 HOH 81  266 81  HOH HOH A . 
B 2 HOH 82  267 82  HOH HOH A . 
B 2 HOH 83  268 83  HOH HOH A . 
B 2 HOH 84  269 84  HOH HOH A . 
B 2 HOH 85  270 85  HOH HOH A . 
B 2 HOH 86  271 86  HOH HOH A . 
B 2 HOH 87  272 87  HOH HOH A . 
B 2 HOH 88  273 88  HOH HOH A . 
B 2 HOH 89  274 89  HOH HOH A . 
B 2 HOH 90  275 90  HOH HOH A . 
B 2 HOH 91  276 91  HOH HOH A . 
B 2 HOH 92  277 92  HOH HOH A . 
B 2 HOH 93  278 93  HOH HOH A . 
B 2 HOH 94  279 94  HOH HOH A . 
B 2 HOH 95  280 95  HOH HOH A . 
B 2 HOH 96  281 96  HOH HOH A . 
B 2 HOH 97  282 97  HOH HOH A . 
B 2 HOH 98  283 98  HOH HOH A . 
B 2 HOH 99  284 99  HOH HOH A . 
B 2 HOH 100 285 100 HOH HOH A . 
B 2 HOH 101 286 101 HOH HOH A . 
B 2 HOH 102 287 102 HOH HOH A . 
B 2 HOH 103 288 103 HOH HOH A . 
B 2 HOH 104 289 104 HOH HOH A . 
B 2 HOH 105 290 105 HOH HOH A . 
B 2 HOH 106 291 106 HOH HOH A . 
B 2 HOH 107 292 107 HOH HOH A . 
B 2 HOH 108 293 108 HOH HOH A . 
B 2 HOH 109 294 109 HOH HOH A . 
B 2 HOH 110 295 110 HOH HOH A . 
B 2 HOH 111 296 111 HOH HOH A . 
B 2 HOH 112 297 112 HOH HOH A . 
B 2 HOH 113 298 113 HOH HOH A . 
B 2 HOH 114 299 114 HOH HOH A . 
B 2 HOH 115 300 115 HOH HOH A . 
B 2 HOH 116 301 116 HOH HOH A . 
B 2 HOH 117 302 117 HOH HOH A . 
B 2 HOH 118 303 118 HOH HOH A . 
B 2 HOH 119 304 119 HOH HOH A . 
B 2 HOH 120 305 120 HOH HOH A . 
B 2 HOH 121 306 121 HOH HOH A . 
B 2 HOH 122 307 122 HOH HOH A . 
B 2 HOH 123 308 123 HOH HOH A . 
B 2 HOH 124 309 124 HOH HOH A . 
B 2 HOH 125 310 125 HOH HOH A . 
B 2 HOH 126 311 126 HOH HOH A . 
B 2 HOH 127 312 127 HOH HOH A . 
B 2 HOH 128 313 128 HOH HOH A . 
B 2 HOH 129 314 129 HOH HOH A . 
B 2 HOH 130 315 130 HOH HOH A . 
B 2 HOH 131 316 131 HOH HOH A . 
B 2 HOH 132 317 132 HOH HOH A . 
B 2 HOH 133 318 133 HOH HOH A . 
B 2 HOH 134 319 134 HOH HOH A . 
B 2 HOH 135 320 135 HOH HOH A . 
B 2 HOH 136 321 136 HOH HOH A . 
B 2 HOH 137 322 137 HOH HOH A . 
B 2 HOH 138 323 138 HOH HOH A . 
B 2 HOH 139 324 139 HOH HOH A . 
B 2 HOH 140 325 140 HOH HOH A . 
B 2 HOH 141 326 141 HOH HOH A . 
B 2 HOH 142 327 142 HOH HOH A . 
B 2 HOH 143 328 143 HOH HOH A . 
B 2 HOH 144 329 144 HOH HOH A . 
B 2 HOH 145 330 145 HOH HOH A . 
B 2 HOH 146 331 146 HOH HOH A . 
B 2 HOH 147 332 147 HOH HOH A . 
B 2 HOH 148 333 148 HOH HOH A . 
B 2 HOH 149 334 149 HOH HOH A . 
B 2 HOH 150 335 150 HOH HOH A . 
B 2 HOH 151 336 151 HOH HOH A . 
B 2 HOH 152 337 152 HOH HOH A . 
B 2 HOH 153 338 153 HOH HOH A . 
B 2 HOH 154 339 154 HOH HOH A . 
B 2 HOH 155 340 155 HOH HOH A . 
B 2 HOH 156 341 156 HOH HOH A . 
B 2 HOH 157 342 157 HOH HOH A . 
B 2 HOH 158 343 158 HOH HOH A . 
B 2 HOH 159 344 159 HOH HOH A . 
B 2 HOH 160 345 160 HOH HOH A . 
B 2 HOH 161 346 161 HOH HOH A . 
B 2 HOH 162 347 162 HOH HOH A . 
B 2 HOH 163 348 163 HOH HOH A . 
B 2 HOH 164 349 164 HOH HOH A . 
B 2 HOH 165 350 165 HOH HOH A . 
B 2 HOH 166 351 166 HOH HOH A . 
B 2 HOH 167 352 167 HOH HOH A . 
B 2 HOH 168 353 168 HOH HOH A . 
B 2 HOH 169 354 169 HOH HOH A . 
B 2 HOH 170 355 170 HOH HOH A . 
B 2 HOH 171 356 171 HOH HOH A . 
B 2 HOH 172 357 172 HOH HOH A . 
B 2 HOH 173 358 173 HOH HOH A . 
B 2 HOH 174 359 174 HOH HOH A . 
B 2 HOH 175 360 175 HOH HOH A . 
B 2 HOH 176 361 176 HOH HOH A . 
B 2 HOH 177 362 177 HOH HOH A . 
B 2 HOH 178 363 178 HOH HOH A . 
B 2 HOH 179 364 179 HOH HOH A . 
B 2 HOH 180 365 180 HOH HOH A . 
B 2 HOH 181 366 181 HOH HOH A . 
B 2 HOH 182 367 182 HOH HOH A . 
B 2 HOH 183 368 183 HOH HOH A . 
B 2 HOH 184 369 184 HOH HOH A . 
B 2 HOH 185 370 185 HOH HOH A . 
B 2 HOH 186 371 186 HOH HOH A . 
B 2 HOH 187 372 187 HOH HOH A . 
B 2 HOH 188 373 188 HOH HOH A . 
B 2 HOH 189 374 189 HOH HOH A . 
B 2 HOH 190 375 190 HOH HOH A . 
B 2 HOH 191 376 191 HOH HOH A . 
B 2 HOH 192 377 192 HOH HOH A . 
B 2 HOH 193 378 193 HOH HOH A . 
B 2 HOH 194 379 194 HOH HOH A . 
B 2 HOH 195 380 195 HOH HOH A . 
B 2 HOH 196 381 196 HOH HOH A . 
B 2 HOH 197 382 197 HOH HOH A . 
B 2 HOH 198 383 198 HOH HOH A . 
B 2 HOH 199 384 199 HOH HOH A . 
B 2 HOH 200 385 200 HOH HOH A . 
B 2 HOH 201 386 201 HOH HOH A . 
B 2 HOH 202 387 202 HOH HOH A . 
# 
loop_
_software.name 
_software.classification 
_software.version 
_software.citation_id 
_software.pdbx_ordinal 
DENZO     'data reduction' .     ? 1 
SCALEPACK 'data scaling'   .     ? 2 
AMoRE     phasing          .     ? 3 
X-PLOR    refinement       3.851 ? 4 
# 
_cell.entry_id           1ISE 
_cell.length_a           46.024 
_cell.length_b           49.267 
_cell.length_c           49.365 
_cell.angle_alpha        90.00 
_cell.angle_beta         110.1 
_cell.angle_gamma        90.00 
_cell.Z_PDB              2 
_cell.pdbx_unique_axis   ? 
# 
_symmetry.entry_id                         1ISE 
_symmetry.space_group_name_H-M             'P 1 21 1' 
_symmetry.pdbx_full_space_group_name_H-M   ? 
_symmetry.cell_setting                     ? 
_symmetry.Int_Tables_number                4 
# 
_exptl.entry_id          1ISE 
_exptl.method            'X-RAY DIFFRACTION' 
_exptl.crystals_number   1 
# 
_exptl_crystal.id                    1 
_exptl_crystal.density_meas          ? 
_exptl_crystal.density_Matthews      2.55 
_exptl_crystal.density_percent_sol   51.84 
_exptl_crystal.description           ? 
# 
_exptl_crystal_grow.crystal_id      1 
_exptl_crystal_grow.method          'VAPOR DIFFUSION, HANGING DROP' 
_exptl_crystal_grow.temp            277 
_exptl_crystal_grow.temp_details    ? 
_exptl_crystal_grow.pH              5.8 
_exptl_crystal_grow.pdbx_details    '50mM MES-NaOH, PEG 1500, pH 5.8, VAPOR DIFFUSION, HANGING DROP, temperature 277K' 
_exptl_crystal_grow.pdbx_pH_range   . 
# 
_diffrn.id                     1 
_diffrn.ambient_temp           100 
_diffrn.ambient_temp_details   ? 
_diffrn.crystal_id             1 
# 
_diffrn_detector.diffrn_id              1 
_diffrn_detector.detector               DIFFRACTOMETER 
_diffrn_detector.type                   WEISSENBERG 
_diffrn_detector.pdbx_collection_date   2000-07-24 
_diffrn_detector.details                ? 
# 
_diffrn_radiation.diffrn_id                        1 
_diffrn_radiation.wavelength_id                    1 
_diffrn_radiation.pdbx_monochromatic_or_laue_m_l   M 
_diffrn_radiation.monochromator                    ? 
_diffrn_radiation.pdbx_diffrn_protocol             'SINGLE WAVELENGTH' 
_diffrn_radiation.pdbx_scattering_type             x-ray 
# 
_diffrn_radiation_wavelength.id           1 
_diffrn_radiation_wavelength.wavelength   1.000 
_diffrn_radiation_wavelength.wt           1.0 
# 
_diffrn_source.diffrn_id                   1 
_diffrn_source.source                      SYNCHROTRON 
_diffrn_source.type                        'PHOTON FACTORY BEAMLINE BL-6A' 
_diffrn_source.pdbx_synchrotron_site       'Photon Factory' 
_diffrn_source.pdbx_synchrotron_beamline   BL-6A 
_diffrn_source.pdbx_wavelength             ? 
_diffrn_source.pdbx_wavelength_list        1.000 
# 
_reflns.entry_id                     1ISE 
_reflns.observed_criterion_sigma_I   2.0 
_reflns.observed_criterion_sigma_F   2.0 
_reflns.d_resolution_low             40 
_reflns.d_resolution_high            2.20 
_reflns.number_obs                   10611 
_reflns.number_all                   ? 
_reflns.percent_possible_obs         98.4 
_reflns.pdbx_Rmerge_I_obs            ? 
_reflns.pdbx_Rsym_value              ? 
_reflns.pdbx_netI_over_sigmaI        ? 
_reflns.B_iso_Wilson_estimate        ? 
_reflns.pdbx_redundancy              ? 
_reflns.R_free_details               ? 
_reflns.limit_h_max                  ? 
_reflns.limit_h_min                  ? 
_reflns.limit_k_max                  ? 
_reflns.limit_k_min                  ? 
_reflns.limit_l_max                  ? 
_reflns.limit_l_min                  ? 
_reflns.observed_criterion_F_max     ? 
_reflns.observed_criterion_F_min     ? 
_reflns.pdbx_diffrn_id               1 
_reflns.pdbx_ordinal                 1 
# 
_reflns_shell.d_res_high             2.20 
_reflns_shell.d_res_low              2.24 
_reflns_shell.percent_possible_all   93.1 
_reflns_shell.Rmerge_I_obs           ? 
_reflns_shell.pdbx_Rsym_value        ? 
_reflns_shell.meanI_over_sigI_obs    ? 
_reflns_shell.pdbx_redundancy        ? 
_reflns_shell.percent_possible_obs   ? 
_reflns_shell.number_unique_all      ? 
_reflns_shell.pdbx_diffrn_id         ? 
_reflns_shell.pdbx_ordinal           1 
# 
_refine.entry_id                                 1ISE 
_refine.ls_number_reflns_obs                     10329 
_refine.ls_number_reflns_all                     10601 
_refine.pdbx_ls_sigma_I                          ? 
_refine.pdbx_ls_sigma_F                          2.0 
_refine.pdbx_data_cutoff_high_absF               ? 
_refine.pdbx_data_cutoff_low_absF                ? 
_refine.ls_d_res_low                             20 
_refine.ls_d_res_high                            2.2 
_refine.ls_percent_reflns_obs                    ? 
_refine.ls_R_factor_obs                          ? 
_refine.ls_R_factor_all                          ? 
_refine.ls_R_factor_R_work                       0.239 
_refine.ls_R_factor_R_free                       0.297 
_refine.ls_R_factor_R_free_error                 ? 
_refine.ls_R_factor_R_free_error_details         ? 
_refine.ls_percent_reflns_R_free                 5.257 
_refine.ls_number_reflns_R_free                  543 
_refine.ls_number_parameters                     ? 
_refine.ls_number_restraints                     ? 
_refine.occupancy_min                            ? 
_refine.occupancy_max                            ? 
_refine.B_iso_mean                               ? 
_refine.aniso_B[1][1]                            ? 
_refine.aniso_B[2][2]                            ? 
_refine.aniso_B[3][3]                            ? 
_refine.aniso_B[1][2]                            ? 
_refine.aniso_B[1][3]                            ? 
_refine.aniso_B[2][3]                            ? 
_refine.solvent_model_details                    ? 
_refine.solvent_model_param_ksol                 ? 
_refine.solvent_model_param_bsol                 ? 
_refine.pdbx_ls_cross_valid_method               ? 
_refine.details                                  ? 
_refine.pdbx_starting_model                      ? 
_refine.pdbx_method_to_determine_struct          'MOLECULAR REPLACEMENT' 
_refine.pdbx_isotropic_thermal_model             ? 
_refine.pdbx_stereochemistry_target_values       ? 
_refine.pdbx_stereochem_target_val_spec_case     ? 
_refine.pdbx_R_Free_selection_details            ? 
_refine.pdbx_overall_ESU_R_Free                  ? 
_refine.overall_SU_B                             ? 
_refine.ls_redundancy_reflns_obs                 ? 
_refine.B_iso_min                                ? 
_refine.B_iso_max                                ? 
_refine.correlation_coeff_Fo_to_Fc               ? 
_refine.overall_SU_R_Cruickshank_DPI             ? 
_refine.overall_SU_R_free                        ? 
_refine.overall_SU_ML                            ? 
_refine.pdbx_overall_ESU_R                       ? 
_refine.pdbx_data_cutoff_high_rms_absF           ? 
_refine.correlation_coeff_Fo_to_Fc_free          ? 
_refine.pdbx_solvent_vdw_probe_radii             ? 
_refine.pdbx_solvent_ion_probe_radii             ? 
_refine.pdbx_solvent_shrinkage_radii             ? 
_refine.pdbx_refine_id                           'X-RAY DIFFRACTION' 
_refine.pdbx_diffrn_id                           1 
_refine.pdbx_TLS_residual_ADP_flag               ? 
_refine.pdbx_overall_phase_error                 ? 
_refine.pdbx_overall_SU_R_free_Cruickshank_DPI   ? 
_refine.pdbx_overall_SU_R_Blow_DPI               ? 
_refine.pdbx_overall_SU_R_free_Blow_DPI          ? 
# 
_refine_hist.pdbx_refine_id                   'X-RAY DIFFRACTION' 
_refine_hist.cycle_id                         LAST 
_refine_hist.pdbx_number_atoms_protein        1428 
_refine_hist.pdbx_number_atoms_nucleic_acid   0 
_refine_hist.pdbx_number_atoms_ligand         0 
_refine_hist.number_atoms_solvent             202 
_refine_hist.number_atoms_total               1630 
_refine_hist.d_res_high                       2.2 
_refine_hist.d_res_low                        20 
# 
loop_
_refine_ls_restr.type 
_refine_ls_restr.dev_ideal 
_refine_ls_restr.dev_ideal_target 
_refine_ls_restr.weight 
_refine_ls_restr.number 
_refine_ls_restr.pdbx_refine_id 
_refine_ls_restr.pdbx_restraint_function 
x_bond_d    0.003 ? ? ? 'X-RAY DIFFRACTION' ? 
x_angle_deg 0.704 ? ? ? 'X-RAY DIFFRACTION' ? 
# 
_struct.entry_id                  1ISE 
_struct.title                     'Crystal structure of a mutant of ribosome recycling factor from Escherichia coli, Arg132Gly' 
_struct.pdbx_model_details        ? 
_struct.pdbx_CASP_flag            ? 
_struct.pdbx_model_type_details   ? 
# 
_struct_keywords.entry_id        1ISE 
_struct_keywords.pdbx_keywords   TRANSLATION 
_struct_keywords.text            Translation 
# 
loop_
_struct_asym.id 
_struct_asym.pdbx_blank_PDB_chainid_flag 
_struct_asym.pdbx_modified 
_struct_asym.entity_id 
_struct_asym.details 
A N N 1 ? 
B N N 2 ? 
# 
_struct_ref.id                         1 
_struct_ref.db_name                    UNP 
_struct_ref.db_code                    RRF_ECOLI 
_struct_ref.entity_id                  1 
_struct_ref.pdbx_seq_one_letter_code   
;MISDIRKDAEVRMDKCVEAFKTQISKIRTGRASPSLLDGIVVEYYGTPTPLRQLASVTVEDSRTLKINVFDRSMSPAVEK
AIMASDLGLNPNSAGSDIRVPLPPLTEERRKDLTKIVRGEAEQARVAVRNVRRDANDKVKALLKDKEISEDDDRRSQDDV
QKLTDAAIKKIEAALADKEAELMQF
;
_struct_ref.pdbx_align_begin           1 
_struct_ref.pdbx_db_accession          P0A805 
_struct_ref.pdbx_db_isoform            ? 
# 
_struct_ref_seq.align_id                      1 
_struct_ref_seq.ref_id                        1 
_struct_ref_seq.pdbx_PDB_id_code              1ISE 
_struct_ref_seq.pdbx_strand_id                A 
_struct_ref_seq.seq_align_beg                 1 
_struct_ref_seq.pdbx_seq_align_beg_ins_code   ? 
_struct_ref_seq.seq_align_end                 185 
_struct_ref_seq.pdbx_seq_align_end_ins_code   ? 
_struct_ref_seq.pdbx_db_accession             P0A805 
_struct_ref_seq.db_align_beg                  1 
_struct_ref_seq.pdbx_db_align_beg_ins_code    ? 
_struct_ref_seq.db_align_end                  185 
_struct_ref_seq.pdbx_db_align_end_ins_code    ? 
_struct_ref_seq.pdbx_auth_seq_align_beg       1 
_struct_ref_seq.pdbx_auth_seq_align_end       185 
# 
_struct_ref_seq_dif.align_id                     1 
_struct_ref_seq_dif.pdbx_pdb_id_code             1ISE 
_struct_ref_seq_dif.mon_id                       GLY 
_struct_ref_seq_dif.pdbx_pdb_strand_id           A 
_struct_ref_seq_dif.seq_num                      132 
_struct_ref_seq_dif.pdbx_pdb_ins_code            ? 
_struct_ref_seq_dif.pdbx_seq_db_name             UNP 
_struct_ref_seq_dif.pdbx_seq_db_accession_code   P0A805 
_struct_ref_seq_dif.db_mon_id                    ARG 
_struct_ref_seq_dif.pdbx_seq_db_seq_num          132 
_struct_ref_seq_dif.details                      'engineered mutation' 
_struct_ref_seq_dif.pdbx_auth_seq_num            132 
_struct_ref_seq_dif.pdbx_ordinal                 1 
# 
_pdbx_struct_assembly.id                   1 
_pdbx_struct_assembly.details              author_defined_assembly 
_pdbx_struct_assembly.method_details       ? 
_pdbx_struct_assembly.oligomeric_details   monomeric 
_pdbx_struct_assembly.oligomeric_count     1 
# 
_pdbx_struct_assembly_gen.assembly_id       1 
_pdbx_struct_assembly_gen.oper_expression   1 
_pdbx_struct_assembly_gen.asym_id_list      A,B 
# 
_pdbx_struct_oper_list.id                   1 
_pdbx_struct_oper_list.type                 'identity operation' 
_pdbx_struct_oper_list.name                 1_555 
_pdbx_struct_oper_list.symmetry_operation   x,y,z 
_pdbx_struct_oper_list.matrix[1][1]         1.0000000000 
_pdbx_struct_oper_list.matrix[1][2]         0.0000000000 
_pdbx_struct_oper_list.matrix[1][3]         0.0000000000 
_pdbx_struct_oper_list.vector[1]            0.0000000000 
_pdbx_struct_oper_list.matrix[2][1]         0.0000000000 
_pdbx_struct_oper_list.matrix[2][2]         1.0000000000 
_pdbx_struct_oper_list.matrix[2][3]         0.0000000000 
_pdbx_struct_oper_list.vector[2]            0.0000000000 
_pdbx_struct_oper_list.matrix[3][1]         0.0000000000 
_pdbx_struct_oper_list.matrix[3][2]         0.0000000000 
_pdbx_struct_oper_list.matrix[3][3]         1.0000000000 
_pdbx_struct_oper_list.vector[3]            0.0000000000 
# 
_struct_biol.id                    1 
_struct_biol.pdbx_parent_biol_id   ? 
_struct_biol.details               ? 
# 
loop_
_struct_conf.conf_type_id 
_struct_conf.id 
_struct_conf.pdbx_PDB_helix_id 
_struct_conf.beg_label_comp_id 
_struct_conf.beg_label_asym_id 
_struct_conf.beg_label_seq_id 
_struct_conf.pdbx_beg_PDB_ins_code 
_struct_conf.end_label_comp_id 
_struct_conf.end_label_asym_id 
_struct_conf.end_label_seq_id 
_struct_conf.pdbx_end_PDB_ins_code 
_struct_conf.beg_auth_comp_id 
_struct_conf.beg_auth_asym_id 
_struct_conf.beg_auth_seq_id 
_struct_conf.end_auth_comp_id 
_struct_conf.end_auth_asym_id 
_struct_conf.end_auth_seq_id 
_struct_conf.pdbx_PDB_helix_class 
_struct_conf.details 
_struct_conf.pdbx_PDB_helix_length 
HELX_P HELX_P1 1 ILE A 2   ? SER A 25  ? ILE A 2   SER A 25  1 ? 24 
HELX_P HELX_P2 2 SER A 33  ? ASP A 38  ? SER A 33  ASP A 38  5 ? 6  
HELX_P HELX_P3 3 ASP A 71  ? SER A 73  ? ASP A 71  SER A 73  5 ? 3  
HELX_P HELX_P4 4 MET A 74  ? ALA A 84  ? MET A 74  ALA A 84  1 ? 11 
HELX_P HELX_P5 5 THR A 106 ? LYS A 146 ? THR A 106 LYS A 146 1 ? 41 
HELX_P HELX_P6 6 SER A 149 ? PHE A 185 ? SER A 149 PHE A 185 1 ? 37 
# 
_struct_conf_type.id          HELX_P 
_struct_conf_type.criteria    ? 
_struct_conf_type.reference   ? 
# 
loop_
_struct_sheet.id 
_struct_sheet.type 
_struct_sheet.number_strands 
_struct_sheet.details 
A ? 2 ? 
B ? 4 ? 
# 
loop_
_struct_sheet_order.sheet_id 
_struct_sheet_order.range_id_1 
_struct_sheet_order.range_id_2 
_struct_sheet_order.offset 
_struct_sheet_order.sense 
A 1 2 ? anti-parallel 
B 1 2 ? anti-parallel 
B 2 3 ? anti-parallel 
B 3 4 ? anti-parallel 
# 
loop_
_struct_sheet_range.sheet_id 
_struct_sheet_range.id 
_struct_sheet_range.beg_label_comp_id 
_struct_sheet_range.beg_label_asym_id 
_struct_sheet_range.beg_label_seq_id 
_struct_sheet_range.pdbx_beg_PDB_ins_code 
_struct_sheet_range.end_label_comp_id 
_struct_sheet_range.end_label_asym_id 
_struct_sheet_range.end_label_seq_id 
_struct_sheet_range.pdbx_end_PDB_ins_code 
_struct_sheet_range.beg_auth_comp_id 
_struct_sheet_range.beg_auth_asym_id 
_struct_sheet_range.beg_auth_seq_id 
_struct_sheet_range.end_auth_comp_id 
_struct_sheet_range.end_auth_asym_id 
_struct_sheet_range.end_auth_seq_id 
A 1 VAL A 41 ? TYR A 44  ? VAL A 41 TYR A 44  
A 2 THR A 47 ? PRO A 50  ? THR A 47 PRO A 50  
B 1 ALA A 55 ? ASP A 61  ? ALA A 55 ASP A 61  
B 2 THR A 64 ? VAL A 69  ? THR A 64 VAL A 69  
B 3 ASP A 97 ? PRO A 101 ? ASP A 97 PRO A 101 
B 4 ASN A 92 ? SER A 93  ? ASN A 92 SER A 93  
# 
loop_
_pdbx_struct_sheet_hbond.sheet_id 
_pdbx_struct_sheet_hbond.range_id_1 
_pdbx_struct_sheet_hbond.range_id_2 
_pdbx_struct_sheet_hbond.range_1_label_atom_id 
_pdbx_struct_sheet_hbond.range_1_label_comp_id 
_pdbx_struct_sheet_hbond.range_1_label_asym_id 
_pdbx_struct_sheet_hbond.range_1_label_seq_id 
_pdbx_struct_sheet_hbond.range_1_PDB_ins_code 
_pdbx_struct_sheet_hbond.range_1_auth_atom_id 
_pdbx_struct_sheet_hbond.range_1_auth_comp_id 
_pdbx_struct_sheet_hbond.range_1_auth_asym_id 
_pdbx_struct_sheet_hbond.range_1_auth_seq_id 
_pdbx_struct_sheet_hbond.range_2_label_atom_id 
_pdbx_struct_sheet_hbond.range_2_label_comp_id 
_pdbx_struct_sheet_hbond.range_2_label_asym_id 
_pdbx_struct_sheet_hbond.range_2_label_seq_id 
_pdbx_struct_sheet_hbond.range_2_PDB_ins_code 
_pdbx_struct_sheet_hbond.range_2_auth_atom_id 
_pdbx_struct_sheet_hbond.range_2_auth_comp_id 
_pdbx_struct_sheet_hbond.range_2_auth_asym_id 
_pdbx_struct_sheet_hbond.range_2_auth_seq_id 
A 1 2 N VAL A 42 ? N VAL A 42 O THR A 49  ? O THR A 49  
B 1 2 N THR A 58 ? N THR A 58 O LYS A 66  ? O LYS A 66  
B 2 3 N LEU A 65 ? N LEU A 65 O VAL A 100 ? O VAL A 100 
B 3 4 O ARG A 99 ? O ARG A 99 N ASN A 92  ? N ASN A 92  
# 
loop_
_pdbx_validate_torsion.id 
_pdbx_validate_torsion.PDB_model_num 
_pdbx_validate_torsion.auth_comp_id 
_pdbx_validate_torsion.auth_asym_id 
_pdbx_validate_torsion.auth_seq_id 
_pdbx_validate_torsion.PDB_ins_code 
_pdbx_validate_torsion.label_alt_id 
_pdbx_validate_torsion.phi 
_pdbx_validate_torsion.psi 
1 1 THR A 29  ? ? -109.33 -151.98 
2 1 ASP A 145 ? ? -93.12  -95.89  
3 1 LYS A 146 ? ? -164.71 -28.01  
# 
_pdbx_unobs_or_zero_occ_residues.id               1 
_pdbx_unobs_or_zero_occ_residues.PDB_model_num    1 
_pdbx_unobs_or_zero_occ_residues.polymer_flag     Y 
_pdbx_unobs_or_zero_occ_residues.occupancy_flag   1 
_pdbx_unobs_or_zero_occ_residues.auth_asym_id     A 
_pdbx_unobs_or_zero_occ_residues.auth_comp_id     MET 
_pdbx_unobs_or_zero_occ_residues.auth_seq_id      1 
_pdbx_unobs_or_zero_occ_residues.PDB_ins_code     ? 
_pdbx_unobs_or_zero_occ_residues.label_asym_id    A 
_pdbx_unobs_or_zero_occ_residues.label_comp_id    MET 
_pdbx_unobs_or_zero_occ_residues.label_seq_id     1 
# 
loop_
_chem_comp_atom.comp_id 
_chem_comp_atom.atom_id 
_chem_comp_atom.type_symbol 
_chem_comp_atom.pdbx_aromatic_flag 
_chem_comp_atom.pdbx_stereo_config 
_chem_comp_atom.pdbx_ordinal 
ALA N    N N N 1   
ALA CA   C N S 2   
ALA C    C N N 3   
ALA O    O N N 4   
ALA CB   C N N 5   
ALA OXT  O N N 6   
ALA H    H N N 7   
ALA H2   H N N 8   
ALA HA   H N N 9   
ALA HB1  H N N 10  
ALA HB2  H N N 11  
ALA HB3  H N N 12  
ALA HXT  H N N 13  
ARG N    N N N 14  
ARG CA   C N S 15  
ARG C    C N N 16  
ARG O    O N N 17  
ARG CB   C N N 18  
ARG CG   C N N 19  
ARG CD   C N N 20  
ARG NE   N N N 21  
ARG CZ   C N N 22  
ARG NH1  N N N 23  
ARG NH2  N N N 24  
ARG OXT  O N N 25  
ARG H    H N N 26  
ARG H2   H N N 27  
ARG HA   H N N 28  
ARG HB2  H N N 29  
ARG HB3  H N N 30  
ARG HG2  H N N 31  
ARG HG3  H N N 32  
ARG HD2  H N N 33  
ARG HD3  H N N 34  
ARG HE   H N N 35  
ARG HH11 H N N 36  
ARG HH12 H N N 37  
ARG HH21 H N N 38  
ARG HH22 H N N 39  
ARG HXT  H N N 40  
ASN N    N N N 41  
ASN CA   C N S 42  
ASN C    C N N 43  
ASN O    O N N 44  
ASN CB   C N N 45  
ASN CG   C N N 46  
ASN OD1  O N N 47  
ASN ND2  N N N 48  
ASN OXT  O N N 49  
ASN H    H N N 50  
ASN H2   H N N 51  
ASN HA   H N N 52  
ASN HB2  H N N 53  
ASN HB3  H N N 54  
ASN HD21 H N N 55  
ASN HD22 H N N 56  
ASN HXT  H N N 57  
ASP N    N N N 58  
ASP CA   C N S 59  
ASP C    C N N 60  
ASP O    O N N 61  
ASP CB   C N N 62  
ASP CG   C N N 63  
ASP OD1  O N N 64  
ASP OD2  O N N 65  
ASP OXT  O N N 66  
ASP H    H N N 67  
ASP H2   H N N 68  
ASP HA   H N N 69  
ASP HB2  H N N 70  
ASP HB3  H N N 71  
ASP HD2  H N N 72  
ASP HXT  H N N 73  
CYS N    N N N 74  
CYS CA   C N R 75  
CYS C    C N N 76  
CYS O    O N N 77  
CYS CB   C N N 78  
CYS SG   S N N 79  
CYS OXT  O N N 80  
CYS H    H N N 81  
CYS H2   H N N 82  
CYS HA   H N N 83  
CYS HB2  H N N 84  
CYS HB3  H N N 85  
CYS HG   H N N 86  
CYS HXT  H N N 87  
GLN N    N N N 88  
GLN CA   C N S 89  
GLN C    C N N 90  
GLN O    O N N 91  
GLN CB   C N N 92  
GLN CG   C N N 93  
GLN CD   C N N 94  
GLN OE1  O N N 95  
GLN NE2  N N N 96  
GLN OXT  O N N 97  
GLN H    H N N 98  
GLN H2   H N N 99  
GLN HA   H N N 100 
GLN HB2  H N N 101 
GLN HB3  H N N 102 
GLN HG2  H N N 103 
GLN HG3  H N N 104 
GLN HE21 H N N 105 
GLN HE22 H N N 106 
GLN HXT  H N N 107 
GLU N    N N N 108 
GLU CA   C N S 109 
GLU C    C N N 110 
GLU O    O N N 111 
GLU CB   C N N 112 
GLU CG   C N N 113 
GLU CD   C N N 114 
GLU OE1  O N N 115 
GLU OE2  O N N 116 
GLU OXT  O N N 117 
GLU H    H N N 118 
GLU H2   H N N 119 
GLU HA   H N N 120 
GLU HB2  H N N 121 
GLU HB3  H N N 122 
GLU HG2  H N N 123 
GLU HG3  H N N 124 
GLU HE2  H N N 125 
GLU HXT  H N N 126 
GLY N    N N N 127 
GLY CA   C N N 128 
GLY C    C N N 129 
GLY O    O N N 130 
GLY OXT  O N N 131 
GLY H    H N N 132 
GLY H2   H N N 133 
GLY HA2  H N N 134 
GLY HA3  H N N 135 
GLY HXT  H N N 136 
HOH O    O N N 137 
HOH H1   H N N 138 
HOH H2   H N N 139 
ILE N    N N N 140 
ILE CA   C N S 141 
ILE C    C N N 142 
ILE O    O N N 143 
ILE CB   C N S 144 
ILE CG1  C N N 145 
ILE CG2  C N N 146 
ILE CD1  C N N 147 
ILE OXT  O N N 148 
ILE H    H N N 149 
ILE H2   H N N 150 
ILE HA   H N N 151 
ILE HB   H N N 152 
ILE HG12 H N N 153 
ILE HG13 H N N 154 
ILE HG21 H N N 155 
ILE HG22 H N N 156 
ILE HG23 H N N 157 
ILE HD11 H N N 158 
ILE HD12 H N N 159 
ILE HD13 H N N 160 
ILE HXT  H N N 161 
LEU N    N N N 162 
LEU CA   C N S 163 
LEU C    C N N 164 
LEU O    O N N 165 
LEU CB   C N N 166 
LEU CG   C N N 167 
LEU CD1  C N N 168 
LEU CD2  C N N 169 
LEU OXT  O N N 170 
LEU H    H N N 171 
LEU H2   H N N 172 
LEU HA   H N N 173 
LEU HB2  H N N 174 
LEU HB3  H N N 175 
LEU HG   H N N 176 
LEU HD11 H N N 177 
LEU HD12 H N N 178 
LEU HD13 H N N 179 
LEU HD21 H N N 180 
LEU HD22 H N N 181 
LEU HD23 H N N 182 
LEU HXT  H N N 183 
LYS N    N N N 184 
LYS CA   C N S 185 
LYS C    C N N 186 
LYS O    O N N 187 
LYS CB   C N N 188 
LYS CG   C N N 189 
LYS CD   C N N 190 
LYS CE   C N N 191 
LYS NZ   N N N 192 
LYS OXT  O N N 193 
LYS H    H N N 194 
LYS H2   H N N 195 
LYS HA   H N N 196 
LYS HB2  H N N 197 
LYS HB3  H N N 198 
LYS HG2  H N N 199 
LYS HG3  H N N 200 
LYS HD2  H N N 201 
LYS HD3  H N N 202 
LYS HE2  H N N 203 
LYS HE3  H N N 204 
LYS HZ1  H N N 205 
LYS HZ2  H N N 206 
LYS HZ3  H N N 207 
LYS HXT  H N N 208 
MET N    N N N 209 
MET CA   C N S 210 
MET C    C N N 211 
MET O    O N N 212 
MET CB   C N N 213 
MET CG   C N N 214 
MET SD   S N N 215 
MET CE   C N N 216 
MET OXT  O N N 217 
MET H    H N N 218 
MET H2   H N N 219 
MET HA   H N N 220 
MET HB2  H N N 221 
MET HB3  H N N 222 
MET HG2  H N N 223 
MET HG3  H N N 224 
MET HE1  H N N 225 
MET HE2  H N N 226 
MET HE3  H N N 227 
MET HXT  H N N 228 
PHE N    N N N 229 
PHE CA   C N S 230 
PHE C    C N N 231 
PHE O    O N N 232 
PHE CB   C N N 233 
PHE CG   C Y N 234 
PHE CD1  C Y N 235 
PHE CD2  C Y N 236 
PHE CE1  C Y N 237 
PHE CE2  C Y N 238 
PHE CZ   C Y N 239 
PHE OXT  O N N 240 
PHE H    H N N 241 
PHE H2   H N N 242 
PHE HA   H N N 243 
PHE HB2  H N N 244 
PHE HB3  H N N 245 
PHE HD1  H N N 246 
PHE HD2  H N N 247 
PHE HE1  H N N 248 
PHE HE2  H N N 249 
PHE HZ   H N N 250 
PHE HXT  H N N 251 
PRO N    N N N 252 
PRO CA   C N S 253 
PRO C    C N N 254 
PRO O    O N N 255 
PRO CB   C N N 256 
PRO CG   C N N 257 
PRO CD   C N N 258 
PRO OXT  O N N 259 
PRO H    H N N 260 
PRO HA   H N N 261 
PRO HB2  H N N 262 
PRO HB3  H N N 263 
PRO HG2  H N N 264 
PRO HG3  H N N 265 
PRO HD2  H N N 266 
PRO HD3  H N N 267 
PRO HXT  H N N 268 
SER N    N N N 269 
SER CA   C N S 270 
SER C    C N N 271 
SER O    O N N 272 
SER CB   C N N 273 
SER OG   O N N 274 
SER OXT  O N N 275 
SER H    H N N 276 
SER H2   H N N 277 
SER HA   H N N 278 
SER HB2  H N N 279 
SER HB3  H N N 280 
SER HG   H N N 281 
SER HXT  H N N 282 
THR N    N N N 283 
THR CA   C N S 284 
THR C    C N N 285 
THR O    O N N 286 
THR CB   C N R 287 
THR OG1  O N N 288 
THR CG2  C N N 289 
THR OXT  O N N 290 
THR H    H N N 291 
THR H2   H N N 292 
THR HA   H N N 293 
THR HB   H N N 294 
THR HG1  H N N 295 
THR HG21 H N N 296 
THR HG22 H N N 297 
THR HG23 H N N 298 
THR HXT  H N N 299 
TYR N    N N N 300 
TYR CA   C N S 301 
TYR C    C N N 302 
TYR O    O N N 303 
TYR CB   C N N 304 
TYR CG   C Y N 305 
TYR CD1  C Y N 306 
TYR CD2  C Y N 307 
TYR CE1  C Y N 308 
TYR CE2  C Y N 309 
TYR CZ   C Y N 310 
TYR OH   O N N 311 
TYR OXT  O N N 312 
TYR H    H N N 313 
TYR H2   H N N 314 
TYR HA   H N N 315 
TYR HB2  H N N 316 
TYR HB3  H N N 317 
TYR HD1  H N N 318 
TYR HD2  H N N 319 
TYR HE1  H N N 320 
TYR HE2  H N N 321 
TYR HH   H N N 322 
TYR HXT  H N N 323 
VAL N    N N N 324 
VAL CA   C N S 325 
VAL C    C N N 326 
VAL O    O N N 327 
VAL CB   C N N 328 
VAL CG1  C N N 329 
VAL CG2  C N N 330 
VAL OXT  O N N 331 
VAL H    H N N 332 
VAL H2   H N N 333 
VAL HA   H N N 334 
VAL HB   H N N 335 
VAL HG11 H N N 336 
VAL HG12 H N N 337 
VAL HG13 H N N 338 
VAL HG21 H N N 339 
VAL HG22 H N N 340 
VAL HG23 H N N 341 
VAL HXT  H N N 342 
# 
loop_
_chem_comp_bond.comp_id 
_chem_comp_bond.atom_id_1 
_chem_comp_bond.atom_id_2 
_chem_comp_bond.value_order 
_chem_comp_bond.pdbx_aromatic_flag 
_chem_comp_bond.pdbx_stereo_config 
_chem_comp_bond.pdbx_ordinal 
ALA N   CA   sing N N 1   
ALA N   H    sing N N 2   
ALA N   H2   sing N N 3   
ALA CA  C    sing N N 4   
ALA CA  CB   sing N N 5   
ALA CA  HA   sing N N 6   
ALA C   O    doub N N 7   
ALA C   OXT  sing N N 8   
ALA CB  HB1  sing N N 9   
ALA CB  HB2  sing N N 10  
ALA CB  HB3  sing N N 11  
ALA OXT HXT  sing N N 12  
ARG N   CA   sing N N 13  
ARG N   H    sing N N 14  
ARG N   H2   sing N N 15  
ARG CA  C    sing N N 16  
ARG CA  CB   sing N N 17  
ARG CA  HA   sing N N 18  
ARG C   O    doub N N 19  
ARG C   OXT  sing N N 20  
ARG CB  CG   sing N N 21  
ARG CB  HB2  sing N N 22  
ARG CB  HB3  sing N N 23  
ARG CG  CD   sing N N 24  
ARG CG  HG2  sing N N 25  
ARG CG  HG3  sing N N 26  
ARG CD  NE   sing N N 27  
ARG CD  HD2  sing N N 28  
ARG CD  HD3  sing N N 29  
ARG NE  CZ   sing N N 30  
ARG NE  HE   sing N N 31  
ARG CZ  NH1  sing N N 32  
ARG CZ  NH2  doub N N 33  
ARG NH1 HH11 sing N N 34  
ARG NH1 HH12 sing N N 35  
ARG NH2 HH21 sing N N 36  
ARG NH2 HH22 sing N N 37  
ARG OXT HXT  sing N N 38  
ASN N   CA   sing N N 39  
ASN N   H    sing N N 40  
ASN N   H2   sing N N 41  
ASN CA  C    sing N N 42  
ASN CA  CB   sing N N 43  
ASN CA  HA   sing N N 44  
ASN C   O    doub N N 45  
ASN C   OXT  sing N N 46  
ASN CB  CG   sing N N 47  
ASN CB  HB2  sing N N 48  
ASN CB  HB3  sing N N 49  
ASN CG  OD1  doub N N 50  
ASN CG  ND2  sing N N 51  
ASN ND2 HD21 sing N N 52  
ASN ND2 HD22 sing N N 53  
ASN OXT HXT  sing N N 54  
ASP N   CA   sing N N 55  
ASP N   H    sing N N 56  
ASP N   H2   sing N N 57  
ASP CA  C    sing N N 58  
ASP CA  CB   sing N N 59  
ASP CA  HA   sing N N 60  
ASP C   O    doub N N 61  
ASP C   OXT  sing N N 62  
ASP CB  CG   sing N N 63  
ASP CB  HB2  sing N N 64  
ASP CB  HB3  sing N N 65  
ASP CG  OD1  doub N N 66  
ASP CG  OD2  sing N N 67  
ASP OD2 HD2  sing N N 68  
ASP OXT HXT  sing N N 69  
CYS N   CA   sing N N 70  
CYS N   H    sing N N 71  
CYS N   H2   sing N N 72  
CYS CA  C    sing N N 73  
CYS CA  CB   sing N N 74  
CYS CA  HA   sing N N 75  
CYS C   O    doub N N 76  
CYS C   OXT  sing N N 77  
CYS CB  SG   sing N N 78  
CYS CB  HB2  sing N N 79  
CYS CB  HB3  sing N N 80  
CYS SG  HG   sing N N 81  
CYS OXT HXT  sing N N 82  
GLN N   CA   sing N N 83  
GLN N   H    sing N N 84  
GLN N   H2   sing N N 85  
GLN CA  C    sing N N 86  
GLN CA  CB   sing N N 87  
GLN CA  HA   sing N N 88  
GLN C   O    doub N N 89  
GLN C   OXT  sing N N 90  
GLN CB  CG   sing N N 91  
GLN CB  HB2  sing N N 92  
GLN CB  HB3  sing N N 93  
GLN CG  CD   sing N N 94  
GLN CG  HG2  sing N N 95  
GLN CG  HG3  sing N N 96  
GLN CD  OE1  doub N N 97  
GLN CD  NE2  sing N N 98  
GLN NE2 HE21 sing N N 99  
GLN NE2 HE22 sing N N 100 
GLN OXT HXT  sing N N 101 
GLU N   CA   sing N N 102 
GLU N   H    sing N N 103 
GLU N   H2   sing N N 104 
GLU CA  C    sing N N 105 
GLU CA  CB   sing N N 106 
GLU CA  HA   sing N N 107 
GLU C   O    doub N N 108 
GLU C   OXT  sing N N 109 
GLU CB  CG   sing N N 110 
GLU CB  HB2  sing N N 111 
GLU CB  HB3  sing N N 112 
GLU CG  CD   sing N N 113 
GLU CG  HG2  sing N N 114 
GLU CG  HG3  sing N N 115 
GLU CD  OE1  doub N N 116 
GLU CD  OE2  sing N N 117 
GLU OE2 HE2  sing N N 118 
GLU OXT HXT  sing N N 119 
GLY N   CA   sing N N 120 
GLY N   H    sing N N 121 
GLY N   H2   sing N N 122 
GLY CA  C    sing N N 123 
GLY CA  HA2  sing N N 124 
GLY CA  HA3  sing N N 125 
GLY C   O    doub N N 126 
GLY C   OXT  sing N N 127 
GLY OXT HXT  sing N N 128 
HOH O   H1   sing N N 129 
HOH O   H2   sing N N 130 
ILE N   CA   sing N N 131 
ILE N   H    sing N N 132 
ILE N   H2   sing N N 133 
ILE CA  C    sing N N 134 
ILE CA  CB   sing N N 135 
ILE CA  HA   sing N N 136 
ILE C   O    doub N N 137 
ILE C   OXT  sing N N 138 
ILE CB  CG1  sing N N 139 
ILE CB  CG2  sing N N 140 
ILE CB  HB   sing N N 141 
ILE CG1 CD1  sing N N 142 
ILE CG1 HG12 sing N N 143 
ILE CG1 HG13 sing N N 144 
ILE CG2 HG21 sing N N 145 
ILE CG2 HG22 sing N N 146 
ILE CG2 HG23 sing N N 147 
ILE CD1 HD11 sing N N 148 
ILE CD1 HD12 sing N N 149 
ILE CD1 HD13 sing N N 150 
ILE OXT HXT  sing N N 151 
LEU N   CA   sing N N 152 
LEU N   H    sing N N 153 
LEU N   H2   sing N N 154 
LEU CA  C    sing N N 155 
LEU CA  CB   sing N N 156 
LEU CA  HA   sing N N 157 
LEU C   O    doub N N 158 
LEU C   OXT  sing N N 159 
LEU CB  CG   sing N N 160 
LEU CB  HB2  sing N N 161 
LEU CB  HB3  sing N N 162 
LEU CG  CD1  sing N N 163 
LEU CG  CD2  sing N N 164 
LEU CG  HG   sing N N 165 
LEU CD1 HD11 sing N N 166 
LEU CD1 HD12 sing N N 167 
LEU CD1 HD13 sing N N 168 
LEU CD2 HD21 sing N N 169 
LEU CD2 HD22 sing N N 170 
LEU CD2 HD23 sing N N 171 
LEU OXT HXT  sing N N 172 
LYS N   CA   sing N N 173 
LYS N   H    sing N N 174 
LYS N   H2   sing N N 175 
LYS CA  C    sing N N 176 
LYS CA  CB   sing N N 177 
LYS CA  HA   sing N N 178 
LYS C   O    doub N N 179 
LYS C   OXT  sing N N 180 
LYS CB  CG   sing N N 181 
LYS CB  HB2  sing N N 182 
LYS CB  HB3  sing N N 183 
LYS CG  CD   sing N N 184 
LYS CG  HG2  sing N N 185 
LYS CG  HG3  sing N N 186 
LYS CD  CE   sing N N 187 
LYS CD  HD2  sing N N 188 
LYS CD  HD3  sing N N 189 
LYS CE  NZ   sing N N 190 
LYS CE  HE2  sing N N 191 
LYS CE  HE3  sing N N 192 
LYS NZ  HZ1  sing N N 193 
LYS NZ  HZ2  sing N N 194 
LYS NZ  HZ3  sing N N 195 
LYS OXT HXT  sing N N 196 
MET N   CA   sing N N 197 
MET N   H    sing N N 198 
MET N   H2   sing N N 199 
MET CA  C    sing N N 200 
MET CA  CB   sing N N 201 
MET CA  HA   sing N N 202 
MET C   O    doub N N 203 
MET C   OXT  sing N N 204 
MET CB  CG   sing N N 205 
MET CB  HB2  sing N N 206 
MET CB  HB3  sing N N 207 
MET CG  SD   sing N N 208 
MET CG  HG2  sing N N 209 
MET CG  HG3  sing N N 210 
MET SD  CE   sing N N 211 
MET CE  HE1  sing N N 212 
MET CE  HE2  sing N N 213 
MET CE  HE3  sing N N 214 
MET OXT HXT  sing N N 215 
PHE N   CA   sing N N 216 
PHE N   H    sing N N 217 
PHE N   H2   sing N N 218 
PHE CA  C    sing N N 219 
PHE CA  CB   sing N N 220 
PHE CA  HA   sing N N 221 
PHE C   O    doub N N 222 
PHE C   OXT  sing N N 223 
PHE CB  CG   sing N N 224 
PHE CB  HB2  sing N N 225 
PHE CB  HB3  sing N N 226 
PHE CG  CD1  doub Y N 227 
PHE CG  CD2  sing Y N 228 
PHE CD1 CE1  sing Y N 229 
PHE CD1 HD1  sing N N 230 
PHE CD2 CE2  doub Y N 231 
PHE CD2 HD2  sing N N 232 
PHE CE1 CZ   doub Y N 233 
PHE CE1 HE1  sing N N 234 
PHE CE2 CZ   sing Y N 235 
PHE CE2 HE2  sing N N 236 
PHE CZ  HZ   sing N N 237 
PHE OXT HXT  sing N N 238 
PRO N   CA   sing N N 239 
PRO N   CD   sing N N 240 
PRO N   H    sing N N 241 
PRO CA  C    sing N N 242 
PRO CA  CB   sing N N 243 
PRO CA  HA   sing N N 244 
PRO C   O    doub N N 245 
PRO C   OXT  sing N N 246 
PRO CB  CG   sing N N 247 
PRO CB  HB2  sing N N 248 
PRO CB  HB3  sing N N 249 
PRO CG  CD   sing N N 250 
PRO CG  HG2  sing N N 251 
PRO CG  HG3  sing N N 252 
PRO CD  HD2  sing N N 253 
PRO CD  HD3  sing N N 254 
PRO OXT HXT  sing N N 255 
SER N   CA   sing N N 256 
SER N   H    sing N N 257 
SER N   H2   sing N N 258 
SER CA  C    sing N N 259 
SER CA  CB   sing N N 260 
SER CA  HA   sing N N 261 
SER C   O    doub N N 262 
SER C   OXT  sing N N 263 
SER CB  OG   sing N N 264 
SER CB  HB2  sing N N 265 
SER CB  HB3  sing N N 266 
SER OG  HG   sing N N 267 
SER OXT HXT  sing N N 268 
THR N   CA   sing N N 269 
THR N   H    sing N N 270 
THR N   H2   sing N N 271 
THR CA  C    sing N N 272 
THR CA  CB   sing N N 273 
THR CA  HA   sing N N 274 
THR C   O    doub N N 275 
THR C   OXT  sing N N 276 
THR CB  OG1  sing N N 277 
THR CB  CG2  sing N N 278 
THR CB  HB   sing N N 279 
THR OG1 HG1  sing N N 280 
THR CG2 HG21 sing N N 281 
THR CG2 HG22 sing N N 282 
THR CG2 HG23 sing N N 283 
THR OXT HXT  sing N N 284 
TYR N   CA   sing N N 285 
TYR N   H    sing N N 286 
TYR N   H2   sing N N 287 
TYR CA  C    sing N N 288 
TYR CA  CB   sing N N 289 
TYR CA  HA   sing N N 290 
TYR C   O    doub N N 291 
TYR C   OXT  sing N N 292 
TYR CB  CG   sing N N 293 
TYR CB  HB2  sing N N 294 
TYR CB  HB3  sing N N 295 
TYR CG  CD1  doub Y N 296 
TYR CG  CD2  sing Y N 297 
TYR CD1 CE1  sing Y N 298 
TYR CD1 HD1  sing N N 299 
TYR CD2 CE2  doub Y N 300 
TYR CD2 HD2  sing N N 301 
TYR CE1 CZ   doub Y N 302 
TYR CE1 HE1  sing N N 303 
TYR CE2 CZ   sing Y N 304 
TYR CE2 HE2  sing N N 305 
TYR CZ  OH   sing N N 306 
TYR OH  HH   sing N N 307 
TYR OXT HXT  sing N N 308 
VAL N   CA   sing N N 309 
VAL N   H    sing N N 310 
VAL N   H2   sing N N 311 
VAL CA  C    sing N N 312 
VAL CA  CB   sing N N 313 
VAL CA  HA   sing N N 314 
VAL C   O    doub N N 315 
VAL C   OXT  sing N N 316 
VAL CB  CG1  sing N N 317 
VAL CB  CG2  sing N N 318 
VAL CB  HB   sing N N 319 
VAL CG1 HG11 sing N N 320 
VAL CG1 HG12 sing N N 321 
VAL CG1 HG13 sing N N 322 
VAL CG2 HG21 sing N N 323 
VAL CG2 HG22 sing N N 324 
VAL CG2 HG23 sing N N 325 
VAL OXT HXT  sing N N 326 
# 
_atom_sites.entry_id                    1ISE 
_atom_sites.fract_transf_matrix[1][1]   0.00249022 
_atom_sites.fract_transf_matrix[1][2]   0.02235433 
_atom_sites.fract_transf_matrix[1][3]   -0.00542285 
_atom_sites.fract_transf_matrix[2][1]   0.00887061 
_atom_sites.fract_transf_matrix[2][2]   -0.00523137 
_atom_sites.fract_transf_matrix[2][3]   -0.01749154 
_atom_sites.fract_transf_matrix[3][1]   -0.01729173 
_atom_sites.fract_transf_matrix[3][2]   0.00696594 
_atom_sites.fract_transf_matrix[3][3]   -0.01085265 
_atom_sites.fract_transf_vector[1]      0.677560 
_atom_sites.fract_transf_vector[2]      0.180237 
_atom_sites.fract_transf_vector[3]      0.450710 
# 
loop_
_atom_type.symbol 
C 
N 
O 
S 
# 
loop_
_atom_site.group_PDB 
_atom_site.id 
_atom_site.type_symbol 
_atom_site.label_atom_id 
_atom_site.label_alt_id 
_atom_site.label_comp_id 
_atom_site.label_asym_id 
_atom_site.label_entity_id 
_atom_site.label_seq_id 
_atom_site.pdbx_PDB_ins_code 
_atom_site.Cartn_x 
_atom_site.Cartn_y 
_atom_site.Cartn_z 
_atom_site.occupancy 
_atom_site.B_iso_or_equiv 
_atom_site.pdbx_formal_charge 
_atom_site.auth_seq_id 
_atom_site.auth_comp_id 
_atom_site.auth_asym_id 
_atom_site.auth_atom_id 
_atom_site.pdbx_PDB_model_num 
ATOM   1    N N   . ILE A 1 2   ? 12.993  -12.795 23.072  1.00 51.28 ? 2   ILE A N   1 
ATOM   2    C CA  . ILE A 1 2   ? 12.965  -11.708 24.094  1.00 47.82 ? 2   ILE A CA  1 
ATOM   3    C C   . ILE A 1 2   ? 13.215  -10.340 23.466  1.00 47.83 ? 2   ILE A C   1 
ATOM   4    O O   . ILE A 1 2   ? 12.519  -9.947  22.539  1.00 50.41 ? 2   ILE A O   1 
ATOM   5    C CB  . ILE A 1 2   ? 14.020  -11.964 25.185  1.00 46.24 ? 2   ILE A CB  1 
ATOM   6    C CG1 . ILE A 1 2   ? 15.402  -12.172 24.548  1.00 47.05 ? 2   ILE A CG1 1 
ATOM   7    C CG2 . ILE A 1 2   ? 13.602  -13.166 26.009  1.00 51.33 ? 2   ILE A CG2 1 
ATOM   8    C CD1 . ILE A 1 2   ? 15.794  -13.620 24.341  1.00 43.62 ? 2   ILE A CD1 1 
ATOM   9    N N   . SER A 1 3   ? 14.197  -9.610  23.979  1.00 48.51 ? 3   SER A N   1 
ATOM   10   C CA  . SER A 1 3   ? 14.527  -8.293  23.444  1.00 50.34 ? 3   SER A CA  1 
ATOM   11   C C   . SER A 1 3   ? 14.630  -8.315  21.916  1.00 47.64 ? 3   SER A C   1 
ATOM   12   O O   . SER A 1 3   ? 13.838  -7.671  21.225  1.00 46.49 ? 3   SER A O   1 
ATOM   13   C CB  . SER A 1 3   ? 15.851  -7.806  24.044  1.00 54.68 ? 3   SER A CB  1 
ATOM   14   O OG  . SER A 1 3   ? 15.725  -7.457  25.412  1.00 59.88 ? 3   SER A OG  1 
ATOM   15   N N   . ASP A 1 4   ? 15.612  -9.051  21.404  1.00 46.61 ? 4   ASP A N   1 
ATOM   16   C CA  . ASP A 1 4   ? 15.828  -9.161  19.965  1.00 46.21 ? 4   ASP A CA  1 
ATOM   17   C C   . ASP A 1 4   ? 14.587  -9.707  19.271  1.00 43.31 ? 4   ASP A C   1 
ATOM   18   O O   . ASP A 1 4   ? 14.111  -9.138  18.289  1.00 43.77 ? 4   ASP A O   1 
ATOM   19   C CB  . ASP A 1 4   ? 17.020  -10.074 19.676  1.00 50.57 ? 4   ASP A CB  1 
ATOM   20   C CG  . ASP A 1 4   ? 18.342  -9.460  20.103  1.00 56.62 ? 4   ASP A CG  1 
ATOM   21   O OD1 . ASP A 1 4   ? 19.171  -9.138  19.221  1.00 61.43 ? 4   ASP A OD1 1 
ATOM   22   O OD2 . ASP A 1 4   ? 18.549  -9.302  21.324  1.00 61.04 ? 4   ASP A OD2 1 
ATOM   23   N N   . ILE A 1 5   ? 14.067  -10.819 19.781  1.00 34.31 ? 5   ILE A N   1 
ATOM   24   C CA  . ILE A 1 5   ? 12.876  -11.431 19.201  1.00 30.45 ? 5   ILE A CA  1 
ATOM   25   C C   . ILE A 1 5   ? 11.754  -10.400 19.081  1.00 29.22 ? 5   ILE A C   1 
ATOM   26   O O   . ILE A 1 5   ? 11.183  -10.215 18.007  1.00 28.81 ? 5   ILE A O   1 
ATOM   27   C CB  . ILE A 1 5   ? 12.378  -12.601 20.066  1.00 31.62 ? 5   ILE A CB  1 
ATOM   28   C CG1 . ILE A 1 5   ? 13.341  -13.784 19.923  1.00 28.94 ? 5   ILE A CG1 1 
ATOM   29   C CG2 . ILE A 1 5   ? 10.961  -12.995 19.660  1.00 33.16 ? 5   ILE A CG2 1 
ATOM   30   C CD1 . ILE A 1 5   ? 13.032  -14.920 20.859  1.00 30.92 ? 5   ILE A CD1 1 
ATOM   31   N N   . ARG A 1 6   ? 11.450  -9.730  20.190  1.00 28.59 ? 6   ARG A N   1 
ATOM   32   C CA  . ARG A 1 6   ? 10.396  -8.723  20.213  1.00 31.34 ? 6   ARG A CA  1 
ATOM   33   C C   . ARG A 1 6   ? 10.626  -7.669  19.131  1.00 29.99 ? 6   ARG A C   1 
ATOM   34   O O   . ARG A 1 6   ? 9.749   -7.423  18.302  1.00 29.48 ? 6   ARG A O   1 
ATOM   35   C CB  . ARG A 1 6   ? 10.341  -8.052  21.588  1.00 35.66 ? 6   ARG A CB  1 
ATOM   36   C CG  . ARG A 1 6   ? 9.204   -7.055  21.751  1.00 46.05 ? 6   ARG A CG  1 
ATOM   37   C CD  . ARG A 1 6   ? 9.229   -6.403  23.125  1.00 53.51 ? 6   ARG A CD  1 
ATOM   38   N NE  . ARG A 1 6   ? 10.259  -5.371  23.213  1.00 60.80 ? 6   ARG A NE  1 
ATOM   39   C CZ  . ARG A 1 6   ? 10.889  -5.023  24.332  1.00 64.52 ? 6   ARG A CZ  1 
ATOM   40   N NH1 . ARG A 1 6   ? 11.811  -4.071  24.299  1.00 65.61 ? 6   ARG A NH1 1 
ATOM   41   N NH2 . ARG A 1 6   ? 10.604  -5.620  25.481  1.00 68.80 ? 6   ARG A NH2 1 
ATOM   42   N N   . LYS A 1 7   ? 11.805  -7.054  19.143  1.00 30.88 ? 7   LYS A N   1 
ATOM   43   C CA  . LYS A 1 7   ? 12.150  -6.032  18.163  1.00 33.70 ? 7   LYS A CA  1 
ATOM   44   C C   . LYS A 1 7   ? 11.984  -6.580  16.749  1.00 33.06 ? 7   LYS A C   1 
ATOM   45   O O   . LYS A 1 7   ? 11.447  -5.907  15.870  1.00 33.92 ? 7   LYS A O   1 
ATOM   46   C CB  . LYS A 1 7   ? 13.597  -5.573  18.366  1.00 36.63 ? 7   LYS A CB  1 
ATOM   47   C CG  . LYS A 1 7   ? 14.025  -4.446  17.440  1.00 39.39 ? 7   LYS A CG  1 
ATOM   48   C CD  . LYS A 1 7   ? 15.039  -4.936  16.420  1.00 44.56 ? 7   LYS A CD  1 
ATOM   49   C CE  . LYS A 1 7   ? 15.445  -3.824  15.470  1.00 46.72 ? 7   LYS A CE  1 
ATOM   50   N NZ  . LYS A 1 7   ? 16.701  -4.159  14.743  1.00 44.42 ? 7   LYS A NZ  1 
ATOM   51   N N   . ASP A 1 8   ? 12.451  -7.807  16.551  1.00 34.30 ? 8   ASP A N   1 
ATOM   52   C CA  . ASP A 1 8   ? 12.356  -8.469  15.256  1.00 32.78 ? 8   ASP A CA  1 
ATOM   53   C C   . ASP A 1 8   ? 10.894  -8.594  14.848  1.00 25.39 ? 8   ASP A C   1 
ATOM   54   O O   . ASP A 1 8   ? 10.557  -8.477  13.671  1.00 23.64 ? 8   ASP A O   1 
ATOM   55   C CB  . ASP A 1 8   ? 12.996  -9.861  15.327  1.00 40.60 ? 8   ASP A CB  1 
ATOM   56   C CG  . ASP A 1 8   ? 13.202  -10.480 13.956  1.00 45.76 ? 8   ASP A CG  1 
ATOM   57   O OD1 . ASP A 1 8   ? 12.345  -10.272 13.071  1.00 49.51 ? 8   ASP A OD1 1 
ATOM   58   O OD2 . ASP A 1 8   ? 14.220  -11.177 13.765  1.00 56.29 ? 8   ASP A OD2 1 
ATOM   59   N N   . ALA A 1 9   ? 10.030  -8.830  15.833  1.00 19.75 ? 9   ALA A N   1 
ATOM   60   C CA  . ALA A 1 9   ? 8.598   -8.972  15.590  1.00 17.38 ? 9   ALA A CA  1 
ATOM   61   C C   . ALA A 1 9   ? 7.977   -7.623  15.244  1.00 14.29 ? 9   ALA A C   1 
ATOM   62   O O   . ALA A 1 9   ? 7.112   -7.532  14.376  1.00 14.94 ? 9   ALA A O   1 
ATOM   63   C CB  . ALA A 1 9   ? 7.917   -9.562  16.827  1.00 17.27 ? 9   ALA A CB  1 
ATOM   64   N N   . GLU A 1 10  ? 8.425   -6.578  15.933  1.00 17.85 ? 10  GLU A N   1 
ATOM   65   C CA  . GLU A 1 10  ? 7.921   -5.229  15.703  1.00 21.39 ? 10  GLU A CA  1 
ATOM   66   C C   . GLU A 1 10  ? 8.302   -4.731  14.313  1.00 21.15 ? 10  GLU A C   1 
ATOM   67   O O   . GLU A 1 10  ? 7.499   -4.100  13.625  1.00 20.52 ? 10  GLU A O   1 
ATOM   68   C CB  . GLU A 1 10  ? 8.480   -4.277  16.763  1.00 24.74 ? 10  GLU A CB  1 
ATOM   69   C CG  . GLU A 1 10  ? 8.071   -2.824  16.579  1.00 25.44 ? 10  GLU A CG  1 
ATOM   70   C CD  . GLU A 1 10  ? 8.699   -1.911  17.614  1.00 31.31 ? 10  GLU A CD  1 
ATOM   71   O OE1 . GLU A 1 10  ? 9.923   -2.020  17.839  1.00 23.91 ? 10  GLU A OE1 1 
ATOM   72   O OE2 . GLU A 1 10  ? 7.969   -1.084  18.202  1.00 38.09 ? 10  GLU A OE2 1 
ATOM   73   N N   . VAL A 1 11  ? 9.534   -5.018  13.905  1.00 22.28 ? 11  VAL A N   1 
ATOM   74   C CA  . VAL A 1 11  ? 10.026  -4.607  12.598  1.00 19.21 ? 11  VAL A CA  1 
ATOM   75   C C   . VAL A 1 11  ? 9.293   -5.370  11.498  1.00 19.22 ? 11  VAL A C   1 
ATOM   76   O O   . VAL A 1 11  ? 8.952   -4.804  10.459  1.00 21.48 ? 11  VAL A O   1 
ATOM   77   C CB  . VAL A 1 11  ? 11.548  -4.860  12.482  1.00 20.19 ? 11  VAL A CB  1 
ATOM   78   C CG1 . VAL A 1 11  ? 12.005  -4.695  11.038  1.00 22.17 ? 11  VAL A CG1 1 
ATOM   79   C CG2 . VAL A 1 11  ? 12.297  -3.897  13.383  1.00 14.51 ? 11  VAL A CG2 1 
ATOM   80   N N   . ARG A 1 12  ? 9.049   -6.655  11.734  1.00 19.02 ? 12  ARG A N   1 
ATOM   81   C CA  . ARG A 1 12  ? 8.356   -7.499  10.768  1.00 16.62 ? 12  ARG A CA  1 
ATOM   82   C C   . ARG A 1 12  ? 6.891   -7.101  10.624  1.00 12.84 ? 12  ARG A C   1 
ATOM   83   O O   . ARG A 1 12  ? 6.350   -7.088  9.519   1.00 12.97 ? 12  ARG A O   1 
ATOM   84   C CB  . ARG A 1 12  ? 8.450   -8.965  11.189  1.00 19.38 ? 12  ARG A CB  1 
ATOM   85   C CG  . ARG A 1 12  ? 9.793   -9.611  10.895  1.00 31.54 ? 12  ARG A CG  1 
ATOM   86   C CD  . ARG A 1 12  ? 9.620   -10.922 10.149  1.00 41.70 ? 12  ARG A CD  1 
ATOM   87   N NE  . ARG A 1 12  ? 9.804   -12.079 11.022  1.00 46.54 ? 12  ARG A NE  1 
ATOM   88   C CZ  . ARG A 1 12  ? 9.107   -13.208 10.926  1.00 47.47 ? 12  ARG A CZ  1 
ATOM   89   N NH1 . ARG A 1 12  ? 8.171   -13.341 9.994   1.00 42.15 ? 12  ARG A NH1 1 
ATOM   90   N NH2 . ARG A 1 12  ? 9.349   -14.206 11.763  1.00 45.44 ? 12  ARG A NH2 1 
ATOM   91   N N   . MET A 1 13  ? 6.251   -6.782  11.744  1.00 12.98 ? 13  MET A N   1 
ATOM   92   C CA  . MET A 1 13  ? 4.849   -6.375  11.730  1.00 13.16 ? 13  MET A CA  1 
ATOM   93   C C   . MET A 1 13  ? 4.721   -5.047  10.993  1.00 14.93 ? 13  MET A C   1 
ATOM   94   O O   . MET A 1 13  ? 3.768   -4.822  10.248  1.00 14.20 ? 13  MET A O   1 
ATOM   95   C CB  . MET A 1 13  ? 4.325   -6.222  13.160  1.00 10.10 ? 13  MET A CB  1 
ATOM   96   C CG  . MET A 1 13  ? 4.146   -7.535  13.904  1.00 11.55 ? 13  MET A CG  1 
ATOM   97   S SD  . MET A 1 13  ? 3.270   -7.325  15.465  1.00 17.19 ? 13  MET A SD  1 
ATOM   98   C CE  . MET A 1 13  ? 3.102   -9.041  15.983  1.00 13.37 ? 13  MET A CE  1 
ATOM   99   N N   . ASP A 1 14  ? 5.698   -4.173  11.217  1.00 14.07 ? 14  ASP A N   1 
ATOM   100  C CA  . ASP A 1 14  ? 5.727   -2.859  10.590  1.00 16.01 ? 14  ASP A CA  1 
ATOM   101  C C   . ASP A 1 14  ? 5.830   -2.998  9.075   1.00 15.23 ? 14  ASP A C   1 
ATOM   102  O O   . ASP A 1 14  ? 5.204   -2.246  8.334   1.00 16.84 ? 14  ASP A O   1 
ATOM   103  C CB  . ASP A 1 14  ? 6.919   -2.054  11.122  1.00 14.73 ? 14  ASP A CB  1 
ATOM   104  C CG  . ASP A 1 14  ? 7.049   -0.695  10.463  1.00 15.85 ? 14  ASP A CG  1 
ATOM   105  O OD1 . ASP A 1 14  ? 6.173   0.166   10.693  1.00 18.65 ? 14  ASP A OD1 1 
ATOM   106  O OD2 . ASP A 1 14  ? 8.027   -0.486  9.716   1.00 12.05 ? 14  ASP A OD2 1 
ATOM   107  N N   . LYS A 1 15  ? 6.625   -3.963  8.622   1.00 19.59 ? 15  LYS A N   1 
ATOM   108  C CA  . LYS A 1 15  ? 6.812   -4.202  7.193   1.00 23.52 ? 15  LYS A CA  1 
ATOM   109  C C   . LYS A 1 15  ? 5.513   -4.667  6.541   1.00 24.43 ? 15  LYS A C   1 
ATOM   110  O O   . LYS A 1 15  ? 5.265   -4.400  5.363   1.00 23.56 ? 15  LYS A O   1 
ATOM   111  C CB  . LYS A 1 15  ? 7.902   -5.256  6.977   1.00 23.56 ? 15  LYS A CB  1 
ATOM   112  C CG  . LYS A 1 15  ? 9.318   -4.720  7.113   1.00 29.41 ? 15  LYS A CG  1 
ATOM   113  C CD  . LYS A 1 15  ? 10.349  -5.827  6.958   1.00 34.66 ? 15  LYS A CD  1 
ATOM   114  C CE  . LYS A 1 15  ? 10.839  -5.927  5.523   1.00 39.36 ? 15  LYS A CE  1 
ATOM   115  N NZ  . LYS A 1 15  ? 12.267  -5.525  5.384   1.00 41.57 ? 15  LYS A NZ  1 
ATOM   116  N N   . CYS A 1 16  ? 4.687   -5.363  7.316   1.00 24.46 ? 16  CYS A N   1 
ATOM   117  C CA  . CYS A 1 16  ? 3.411   -5.863  6.828   1.00 20.10 ? 16  CYS A CA  1 
ATOM   118  C C   . CYS A 1 16  ? 2.388   -4.735  6.771   1.00 17.41 ? 16  CYS A C   1 
ATOM   119  O O   . CYS A 1 16  ? 1.596   -4.653  5.834   1.00 13.65 ? 16  CYS A O   1 
ATOM   120  C CB  . CYS A 1 16  ? 2.898   -6.981  7.738   1.00 22.21 ? 16  CYS A CB  1 
ATOM   121  S SG  . CYS A 1 16  ? 3.304   -8.649  7.170   1.00 38.33 ? 16  CYS A SG  1 
ATOM   122  N N   . VAL A 1 17  ? 2.410   -3.867  7.780   1.00 15.07 ? 17  VAL A N   1 
ATOM   123  C CA  . VAL A 1 17  ? 1.487   -2.738  7.837   1.00 17.74 ? 17  VAL A CA  1 
ATOM   124  C C   . VAL A 1 17  ? 1.729   -1.804  6.655   1.00 17.54 ? 17  VAL A C   1 
ATOM   125  O O   . VAL A 1 17  ? 0.789   -1.324  6.023   1.00 16.21 ? 17  VAL A O   1 
ATOM   126  C CB  . VAL A 1 17  ? 1.664   -1.930  9.137   1.00 16.83 ? 17  VAL A CB  1 
ATOM   127  C CG1 . VAL A 1 17  ? 0.576   -0.872  9.242   1.00 24.40 ? 17  VAL A CG1 1 
ATOM   128  C CG2 . VAL A 1 17  ? 1.626   -2.858  10.336  1.00 17.43 ? 17  VAL A CG2 1 
ATOM   129  N N   . GLU A 1 18  ? 3.003   -1.555  6.368   1.00 18.66 ? 18  GLU A N   1 
ATOM   130  C CA  . GLU A 1 18  ? 3.394   -0.682  5.269   1.00 20.19 ? 18  GLU A CA  1 
ATOM   131  C C   . GLU A 1 18  ? 3.138   -1.355  3.927   1.00 16.37 ? 18  GLU A C   1 
ATOM   132  O O   . GLU A 1 18  ? 2.920   -0.686  2.918   1.00 11.05 ? 18  GLU A O   1 
ATOM   133  C CB  . GLU A 1 18  ? 4.877   -0.319  5.393   1.00 19.43 ? 18  GLU A CB  1 
ATOM   134  C CG  . GLU A 1 18  ? 5.187   0.623   6.548   1.00 22.57 ? 18  GLU A CG  1 
ATOM   135  C CD  . GLU A 1 18  ? 4.561   1.995   6.368   1.00 26.64 ? 18  GLU A CD  1 
ATOM   136  O OE1 . GLU A 1 18  ? 4.942   2.703   5.413   1.00 30.82 ? 18  GLU A OE1 1 
ATOM   137  O OE2 . GLU A 1 18  ? 3.688   2.365   7.181   1.00 22.86 ? 18  GLU A OE2 1 
ATOM   138  N N   . ALA A 1 19  ? 3.169   -2.682  3.919   1.00 16.99 ? 19  ALA A N   1 
ATOM   139  C CA  . ALA A 1 19  ? 2.931   -3.430  2.694   1.00 15.97 ? 19  ALA A CA  1 
ATOM   140  C C   . ALA A 1 19  ? 1.455   -3.320  2.347   1.00 15.68 ? 19  ALA A C   1 
ATOM   141  O O   . ALA A 1 19  ? 1.081   -3.302  1.178   1.00 20.41 ? 19  ALA A O   1 
ATOM   142  C CB  . ALA A 1 19  ? 3.319   -4.887  2.884   1.00 14.49 ? 19  ALA A CB  1 
ATOM   143  N N   . PHE A 1 20  ? 0.619   -3.241  3.378   1.00 14.64 ? 20  PHE A N   1 
ATOM   144  C CA  . PHE A 1 20  ? -0.823  -3.128  3.190   1.00 13.38 ? 20  PHE A CA  1 
ATOM   145  C C   . PHE A 1 20  ? -1.195  -1.769  2.603   1.00 10.88 ? 20  PHE A C   1 
ATOM   146  O O   . PHE A 1 20  ? -2.051  -1.673  1.726   1.00 12.29 ? 20  PHE A O   1 
ATOM   147  C CB  . PHE A 1 20  ? -1.547  -3.332  4.527   1.00 14.96 ? 20  PHE A CB  1 
ATOM   148  C CG  . PHE A 1 20  ? -3.000  -2.938  4.501   1.00 6.43  ? 20  PHE A CG  1 
ATOM   149  C CD1 . PHE A 1 20  ? -3.895  -3.586  3.660   1.00 8.97  ? 20  PHE A CD1 1 
ATOM   150  C CD2 . PHE A 1 20  ? -3.467  -1.902  5.302   1.00 9.37  ? 20  PHE A CD2 1 
ATOM   151  C CE1 . PHE A 1 20  ? -5.239  -3.212  3.620   1.00 7.79  ? 20  PHE A CE1 1 
ATOM   152  C CE2 . PHE A 1 20  ? -4.808  -1.521  5.269   1.00 4.24  ? 20  PHE A CE2 1 
ATOM   153  C CZ  . PHE A 1 20  ? -5.693  -2.175  4.425   1.00 3.50  ? 20  PHE A CZ  1 
ATOM   154  N N   . LYS A 1 21  ? -0.546  -0.719  3.093   1.00 9.50  ? 21  LYS A N   1 
ATOM   155  C CA  . LYS A 1 21  ? -0.815  0.630   2.618   1.00 13.63 ? 21  LYS A CA  1 
ATOM   156  C C   . LYS A 1 21  ? -0.353  0.820   1.177   1.00 10.28 ? 21  LYS A C   1 
ATOM   157  O O   . LYS A 1 21  ? -0.978  1.546   0.408   1.00 12.84 ? 21  LYS A O   1 
ATOM   158  C CB  . LYS A 1 21  ? -0.123  1.651   3.527   1.00 14.39 ? 21  LYS A CB  1 
ATOM   159  C CG  . LYS A 1 21  ? -0.934  2.008   4.766   1.00 21.72 ? 21  LYS A CG  1 
ATOM   160  C CD  . LYS A 1 21  ? -0.038  2.348   5.943   1.00 26.87 ? 21  LYS A CD  1 
ATOM   161  C CE  . LYS A 1 21  ? 0.020   3.850   6.168   1.00 31.33 ? 21  LYS A CE  1 
ATOM   162  N NZ  . LYS A 1 21  ? 0.833   4.201   7.364   1.00 35.74 ? 21  LYS A NZ  1 
ATOM   163  N N   . THR A 1 22  ? 0.738   0.154   0.815   1.00 16.47 ? 22  THR A N   1 
ATOM   164  C CA  . THR A 1 22  ? 1.286   0.254   -0.535  1.00 16.22 ? 22  THR A CA  1 
ATOM   165  C C   . THR A 1 22  ? 0.375   -0.391  -1.573  1.00 16.16 ? 22  THR A C   1 
ATOM   166  O O   . THR A 1 22  ? 0.244   0.113   -2.689  1.00 18.26 ? 22  THR A O   1 
ATOM   167  C CB  . THR A 1 22  ? 2.678   -0.403  -0.613  1.00 19.13 ? 22  THR A CB  1 
ATOM   168  O OG1 . THR A 1 22  ? 3.603   0.345   0.188   1.00 18.81 ? 22  THR A OG1 1 
ATOM   169  C CG2 . THR A 1 22  ? 3.171   -0.436  -2.053  1.00 22.13 ? 22  THR A CG2 1 
ATOM   170  N N   . GLN A 1 23  ? -0.247  -1.507  -1.211  1.00 15.45 ? 23  GLN A N   1 
ATOM   171  C CA  . GLN A 1 23  ? -1.146  -2.194  -2.126  1.00 18.54 ? 23  GLN A CA  1 
ATOM   172  C C   . GLN A 1 23  ? -2.497  -1.489  -2.134  1.00 16.64 ? 23  GLN A C   1 
ATOM   173  O O   . GLN A 1 23  ? -3.274  -1.618  -3.080  1.00 19.54 ? 23  GLN A O   1 
ATOM   174  C CB  . GLN A 1 23  ? -1.314  -3.658  -1.710  1.00 25.40 ? 23  GLN A CB  1 
ATOM   175  C CG  . GLN A 1 23  ? -1.909  -3.862  -0.331  1.00 34.81 ? 23  GLN A CG  1 
ATOM   176  C CD  . GLN A 1 23  ? -2.462  -5.261  -0.140  1.00 42.32 ? 23  GLN A CD  1 
ATOM   177  O OE1 . GLN A 1 23  ? -2.338  -5.853  0.933   1.00 45.76 ? 23  GLN A OE1 1 
ATOM   178  N NE2 . GLN A 1 23  ? -3.078  -5.799  -1.186  1.00 44.98 ? 23  GLN A NE2 1 
ATOM   179  N N   . ILE A 1 24  ? -2.764  -0.737  -1.072  1.00 19.76 ? 24  ILE A N   1 
ATOM   180  C CA  . ILE A 1 24  ? -4.011  0.007   -0.950  1.00 16.89 ? 24  ILE A CA  1 
ATOM   181  C C   . ILE A 1 24  ? -3.951  1.243   -1.846  1.00 13.79 ? 24  ILE A C   1 
ATOM   182  O O   . ILE A 1 24  ? -4.979  1.726   -2.326  1.00 11.92 ? 24  ILE A O   1 
ATOM   183  C CB  . ILE A 1 24  ? -4.252  0.449   0.518   1.00 15.26 ? 24  ILE A CB  1 
ATOM   184  C CG1 . ILE A 1 24  ? -4.754  -0.739  1.340   1.00 18.09 ? 24  ILE A CG1 1 
ATOM   185  C CG2 . ILE A 1 24  ? -5.270  1.574   0.579   1.00 22.36 ? 24  ILE A CG2 1 
ATOM   186  C CD1 . ILE A 1 24  ? -5.934  -1.461  0.732   1.00 18.42 ? 24  ILE A CD1 1 
ATOM   187  N N   . SER A 1 25  ? -2.741  1.744   -2.075  1.00 11.17 ? 25  SER A N   1 
ATOM   188  C CA  . SER A 1 25  ? -2.546  2.929   -2.906  1.00 14.76 ? 25  SER A CA  1 
ATOM   189  C C   . SER A 1 25  ? -2.637  2.643   -4.403  1.00 14.85 ? 25  SER A C   1 
ATOM   190  O O   . SER A 1 25  ? -2.722  3.568   -5.211  1.00 15.60 ? 25  SER A O   1 
ATOM   191  C CB  . SER A 1 25  ? -1.195  3.579   -2.587  1.00 9.75  ? 25  SER A CB  1 
ATOM   192  O OG  . SER A 1 25  ? -0.114  2.734   -2.938  1.00 11.41 ? 25  SER A OG  1 
ATOM   193  N N   . LYS A 1 26  ? -2.628  1.365   -4.771  1.00 12.23 ? 26  LYS A N   1 
ATOM   194  C CA  . LYS A 1 26  ? -2.704  0.980   -6.177  1.00 11.97 ? 26  LYS A CA  1 
ATOM   195  C C   . LYS A 1 26  ? -4.151  0.928   -6.658  1.00 14.57 ? 26  LYS A C   1 
ATOM   196  O O   . LYS A 1 26  ? -4.414  0.774   -7.852  1.00 11.37 ? 26  LYS A O   1 
ATOM   197  C CB  . LYS A 1 26  ? -2.035  -0.380  -6.388  1.00 16.15 ? 26  LYS A CB  1 
ATOM   198  C CG  . LYS A 1 26  ? -0.601  -0.451  -5.880  1.00 21.15 ? 26  LYS A CG  1 
ATOM   199  C CD  . LYS A 1 26  ? 0.177   -1.572  -6.556  1.00 29.10 ? 26  LYS A CD  1 
ATOM   200  C CE  . LYS A 1 26  ? 0.052   -2.884  -5.791  1.00 34.05 ? 26  LYS A CE  1 
ATOM   201  N NZ  . LYS A 1 26  ? -0.245  -4.041  -6.688  1.00 35.25 ? 26  LYS A NZ  1 
ATOM   202  N N   . ILE A 1 27  ? -5.085  1.062   -5.724  1.00 13.95 ? 27  ILE A N   1 
ATOM   203  C CA  . ILE A 1 27  ? -6.503  1.039   -6.054  1.00 15.35 ? 27  ILE A CA  1 
ATOM   204  C C   . ILE A 1 27  ? -6.962  2.451   -6.395  1.00 15.75 ? 27  ILE A C   1 
ATOM   205  O O   . ILE A 1 27  ? -6.883  3.357   -5.565  1.00 15.47 ? 27  ILE A O   1 
ATOM   206  C CB  . ILE A 1 27  ? -7.346  0.507   -4.873  1.00 16.93 ? 27  ILE A CB  1 
ATOM   207  C CG1 . ILE A 1 27  ? -6.748  -0.804  -4.359  1.00 19.88 ? 27  ILE A CG1 1 
ATOM   208  C CG2 . ILE A 1 27  ? -8.787  0.294   -5.313  1.00 15.48 ? 27  ILE A CG2 1 
ATOM   209  C CD1 . ILE A 1 27  ? -6.779  -0.944  -2.851  1.00 23.65 ? 27  ILE A CD1 1 
ATOM   210  N N   . ARG A 1 28  ? -7.439  2.633   -7.622  1.00 16.30 ? 28  ARG A N   1 
ATOM   211  C CA  . ARG A 1 28  ? -7.900  3.937   -8.069  1.00 13.06 ? 28  ARG A CA  1 
ATOM   212  C C   . ARG A 1 28  ? -9.293  4.260   -7.539  1.00 16.95 ? 28  ARG A C   1 
ATOM   213  O O   . ARG A 1 28  ? -10.221 3.461   -7.671  1.00 15.43 ? 28  ARG A O   1 
ATOM   214  C CB  . ARG A 1 28  ? -7.900  3.997   -9.601  1.00 10.76 ? 28  ARG A CB  1 
ATOM   215  C CG  . ARG A 1 28  ? -8.731  5.133   -10.176 1.00 12.77 ? 28  ARG A CG  1 
ATOM   216  C CD  . ARG A 1 28  ? -8.545  5.252   -11.675 1.00 9.73  ? 28  ARG A CD  1 
ATOM   217  N NE  . ARG A 1 28  ? -9.051  4.078   -12.376 1.00 11.78 ? 28  ARG A NE  1 
ATOM   218  C CZ  . ARG A 1 28  ? -10.297 3.952   -12.816 1.00 10.18 ? 28  ARG A CZ  1 
ATOM   219  N NH1 . ARG A 1 28  ? -11.169 4.932   -12.627 1.00 24.35 ? 28  ARG A NH1 1 
ATOM   220  N NH2 . ARG A 1 28  ? -10.673 2.848   -13.448 1.00 9.93  ? 28  ARG A NH2 1 
ATOM   221  N N   . THR A 1 29  ? -9.428  5.438   -6.936  1.00 18.37 ? 29  THR A N   1 
ATOM   222  C CA  . THR A 1 29  ? -10.706 5.884   -6.392  1.00 20.23 ? 29  THR A CA  1 
ATOM   223  C C   . THR A 1 29  ? -11.256 7.020   -7.249  1.00 20.03 ? 29  THR A C   1 
ATOM   224  O O   . THR A 1 29  ? -10.963 7.102   -8.440  1.00 21.91 ? 29  THR A O   1 
ATOM   225  C CB  . THR A 1 29  ? -10.555 6.385   -4.941  1.00 16.66 ? 29  THR A CB  1 
ATOM   226  O OG1 . THR A 1 29  ? -9.728  7.555   -4.923  1.00 19.47 ? 29  THR A OG1 1 
ATOM   227  C CG2 . THR A 1 29  ? -9.934  5.305   -4.064  1.00 13.78 ? 29  THR A CG2 1 
ATOM   228  N N   . GLY A 1 30  ? -12.045 7.896   -6.636  1.00 21.36 ? 30  GLY A N   1 
ATOM   229  C CA  . GLY A 1 30  ? -12.624 9.006   -7.369  1.00 18.64 ? 30  GLY A CA  1 
ATOM   230  C C   . GLY A 1 30  ? -11.883 10.324  -7.223  1.00 19.57 ? 30  GLY A C   1 
ATOM   231  O O   . GLY A 1 30  ? -12.179 11.283  -7.936  1.00 24.19 ? 30  GLY A O   1 
ATOM   232  N N   . ARG A 1 31  ? -10.922 10.385  -6.307  1.00 19.86 ? 31  ARG A N   1 
ATOM   233  C CA  . ARG A 1 31  ? -10.162 11.614  -6.103  1.00 26.73 ? 31  ARG A CA  1 
ATOM   234  C C   . ARG A 1 31  ? -8.727  11.486  -6.606  1.00 24.14 ? 31  ARG A C   1 
ATOM   235  O O   . ARG A 1 31  ? -8.097  10.436  -6.467  1.00 24.39 ? 31  ARG A O   1 
ATOM   236  C CB  . ARG A 1 31  ? -10.165 12.008  -4.622  1.00 31.35 ? 31  ARG A CB  1 
ATOM   237  C CG  . ARG A 1 31  ? -9.041  11.411  -3.792  1.00 32.87 ? 31  ARG A CG  1 
ATOM   238  C CD  . ARG A 1 31  ? -8.898  12.131  -2.460  1.00 35.36 ? 31  ARG A CD  1 
ATOM   239  N NE  . ARG A 1 31  ? -7.641  11.797  -1.797  1.00 39.90 ? 31  ARG A NE  1 
ATOM   240  C CZ  . ARG A 1 31  ? -6.703  12.686  -1.487  1.00 41.81 ? 31  ARG A CZ  1 
ATOM   241  N NH1 . ARG A 1 31  ? -6.881  13.967  -1.782  1.00 41.69 ? 31  ARG A NH1 1 
ATOM   242  N NH2 . ARG A 1 31  ? -5.585  12.293  -0.890  1.00 44.26 ? 31  ARG A NH2 1 
ATOM   243  N N   . ALA A 1 32  ? -8.221  12.566  -7.192  1.00 21.03 ? 32  ALA A N   1 
ATOM   244  C CA  . ALA A 1 32  ? -6.868  12.587  -7.725  1.00 19.91 ? 32  ALA A CA  1 
ATOM   245  C C   . ALA A 1 32  ? -5.856  12.215  -6.655  1.00 21.80 ? 32  ALA A C   1 
ATOM   246  O O   . ALA A 1 32  ? -5.740  12.890  -5.635  1.00 23.97 ? 32  ALA A O   1 
ATOM   247  C CB  . ALA A 1 32  ? -6.551  13.966  -8.287  1.00 16.20 ? 32  ALA A CB  1 
ATOM   248  N N   . SER A 1 33  ? -5.125  11.133  -6.898  1.00 26.43 ? 33  SER A N   1 
ATOM   249  C CA  . SER A 1 33  ? -4.103  10.658  -5.970  1.00 28.13 ? 33  SER A CA  1 
ATOM   250  C C   . SER A 1 33  ? -2.855  10.270  -6.762  1.00 27.55 ? 33  SER A C   1 
ATOM   251  O O   . SER A 1 33  ? -2.790  9.187   -7.346  1.00 23.76 ? 33  SER A O   1 
ATOM   252  C CB  . SER A 1 33  ? -4.623  9.455   -5.181  1.00 31.41 ? 33  SER A CB  1 
ATOM   253  O OG  . SER A 1 33  ? -5.346  9.871   -4.033  1.00 30.88 ? 33  SER A OG  1 
ATOM   254  N N   . PRO A 1 34  ? -1.846  11.159  -6.791  1.00 26.63 ? 34  PRO A N   1 
ATOM   255  C CA  . PRO A 1 34  ? -0.586  10.932  -7.513  1.00 25.99 ? 34  PRO A CA  1 
ATOM   256  C C   . PRO A 1 34  ? 0.200   9.690   -7.096  1.00 21.92 ? 34  PRO A C   1 
ATOM   257  O O   . PRO A 1 34  ? 1.093   9.246   -7.818  1.00 20.07 ? 34  PRO A O   1 
ATOM   258  C CB  . PRO A 1 34  ? 0.209   12.219  -7.272  1.00 25.84 ? 34  PRO A CB  1 
ATOM   259  C CG  . PRO A 1 34  ? -0.418  12.846  -6.068  1.00 29.23 ? 34  PRO A CG  1 
ATOM   260  C CD  . PRO A 1 34  ? -1.864  12.468  -6.116  1.00 26.39 ? 34  PRO A CD  1 
ATOM   261  N N   . SER A 1 35  ? -0.132  9.130   -5.937  1.00 22.91 ? 35  SER A N   1 
ATOM   262  C CA  . SER A 1 35  ? 0.554   7.944   -5.437  1.00 24.18 ? 35  SER A CA  1 
ATOM   263  C C   . SER A 1 35  ? 0.090   6.666   -6.134  1.00 22.01 ? 35  SER A C   1 
ATOM   264  O O   . SER A 1 35  ? 0.672   5.598   -5.945  1.00 23.85 ? 35  SER A O   1 
ATOM   265  C CB  . SER A 1 35  ? 0.334   7.809   -3.927  1.00 23.67 ? 35  SER A CB  1 
ATOM   266  O OG  . SER A 1 35  ? 1.375   7.059   -3.324  1.00 22.04 ? 35  SER A OG  1 
ATOM   267  N N   . LEU A 1 36  ? -0.957  6.783   -6.943  1.00 18.12 ? 36  LEU A N   1 
ATOM   268  C CA  . LEU A 1 36  ? -1.506  5.640   -7.663  1.00 13.48 ? 36  LEU A CA  1 
ATOM   269  C C   . LEU A 1 36  ? -0.655  5.239   -8.870  1.00 15.50 ? 36  LEU A C   1 
ATOM   270  O O   . LEU A 1 36  ? -0.718  4.100   -9.328  1.00 20.51 ? 36  LEU A O   1 
ATOM   271  C CB  . LEU A 1 36  ? -2.936  5.959   -8.113  1.00 12.08 ? 36  LEU A CB  1 
ATOM   272  C CG  . LEU A 1 36  ? -3.484  5.265   -9.360  1.00 14.68 ? 36  LEU A CG  1 
ATOM   273  C CD1 . LEU A 1 36  ? -3.775  3.806   -9.048  1.00 21.99 ? 36  LEU A CD1 1 
ATOM   274  C CD2 . LEU A 1 36  ? -4.747  5.974   -9.824  1.00 17.42 ? 36  LEU A CD2 1 
ATOM   275  N N   . LEU A 1 37  ? 0.144   6.172   -9.379  1.00 10.64 ? 37  LEU A N   1 
ATOM   276  C CA  . LEU A 1 37  ? 0.991   5.897   -10.535 1.00 13.92 ? 37  LEU A CA  1 
ATOM   277  C C   . LEU A 1 37  ? 2.436   5.622   -10.123 1.00 12.57 ? 37  LEU A C   1 
ATOM   278  O O   . LEU A 1 37  ? 3.344   5.632   -10.953 1.00 6.64  ? 37  LEU A O   1 
ATOM   279  C CB  . LEU A 1 37  ? 0.950   7.075   -11.514 1.00 8.67  ? 37  LEU A CB  1 
ATOM   280  C CG  . LEU A 1 37  ? -0.416  7.482   -12.077 1.00 8.42  ? 37  LEU A CG  1 
ATOM   281  C CD1 . LEU A 1 37  ? -0.222  8.497   -13.192 1.00 7.59  ? 37  LEU A CD1 1 
ATOM   282  C CD2 . LEU A 1 37  ? -1.156  6.262   -12.600 1.00 2.70  ? 37  LEU A CD2 1 
ATOM   283  N N   . ASP A 1 38  ? 2.634   5.369   -8.834  1.00 15.53 ? 38  ASP A N   1 
ATOM   284  C CA  . ASP A 1 38  ? 3.959   5.091   -8.294  1.00 18.54 ? 38  ASP A CA  1 
ATOM   285  C C   . ASP A 1 38  ? 4.618   3.887   -8.960  1.00 18.68 ? 38  ASP A C   1 
ATOM   286  O O   . ASP A 1 38  ? 5.836   3.857   -9.135  1.00 18.14 ? 38  ASP A O   1 
ATOM   287  C CB  . ASP A 1 38  ? 3.866   4.839   -6.788  1.00 17.11 ? 38  ASP A CB  1 
ATOM   288  C CG  . ASP A 1 38  ? 3.827   6.118   -5.982  1.00 15.17 ? 38  ASP A CG  1 
ATOM   289  O OD1 . ASP A 1 38  ? 3.488   6.053   -4.783  1.00 20.24 ? 38  ASP A OD1 1 
ATOM   290  O OD2 . ASP A 1 38  ? 4.135   7.189   -6.545  1.00 18.29 ? 38  ASP A OD2 1 
ATOM   291  N N   . GLY A 1 39  ? 3.808   2.900   -9.331  1.00 22.80 ? 39  GLY A N   1 
ATOM   292  C CA  . GLY A 1 39  ? 4.340   1.695   -9.945  1.00 25.70 ? 39  GLY A CA  1 
ATOM   293  C C   . GLY A 1 39  ? 4.479   1.696   -11.456 1.00 25.21 ? 39  GLY A C   1 
ATOM   294  O O   . GLY A 1 39  ? 4.946   0.714   -12.031 1.00 26.82 ? 39  GLY A O   1 
ATOM   295  N N   . ILE A 1 40  ? 4.083   2.783   -12.109 1.00 22.95 ? 40  ILE A N   1 
ATOM   296  C CA  . ILE A 1 40  ? 4.191   2.853   -13.560 1.00 20.57 ? 40  ILE A CA  1 
ATOM   297  C C   . ILE A 1 40  ? 5.656   2.789   -13.989 1.00 21.61 ? 40  ILE A C   1 
ATOM   298  O O   . ILE A 1 40  ? 6.519   3.437   -13.393 1.00 21.82 ? 40  ILE A O   1 
ATOM   299  C CB  . ILE A 1 40  ? 3.566   4.153   -14.115 1.00 17.98 ? 40  ILE A CB  1 
ATOM   300  C CG1 . ILE A 1 40  ? 2.099   4.252   -13.689 1.00 13.79 ? 40  ILE A CG1 1 
ATOM   301  C CG2 . ILE A 1 40  ? 3.694   4.186   -15.633 1.00 12.85 ? 40  ILE A CG2 1 
ATOM   302  C CD1 . ILE A 1 40  ? 1.167   3.287   -14.397 1.00 6.08  ? 40  ILE A CD1 1 
ATOM   303  N N   . VAL A 1 41  ? 5.927   1.996   -15.019 1.00 19.97 ? 41  VAL A N   1 
ATOM   304  C CA  . VAL A 1 41  ? 7.275   1.843   -15.546 1.00 17.99 ? 41  VAL A CA  1 
ATOM   305  C C   . VAL A 1 41  ? 7.245   2.025   -17.061 1.00 20.55 ? 41  VAL A C   1 
ATOM   306  O O   . VAL A 1 41  ? 6.311   1.578   -17.730 1.00 21.28 ? 41  VAL A O   1 
ATOM   307  C CB  . VAL A 1 41  ? 7.851   0.443   -15.221 1.00 20.74 ? 41  VAL A CB  1 
ATOM   308  C CG1 . VAL A 1 41  ? 9.234   0.291   -15.832 1.00 20.94 ? 41  VAL A CG1 1 
ATOM   309  C CG2 . VAL A 1 41  ? 7.911   0.242   -13.712 1.00 23.47 ? 41  VAL A CG2 1 
ATOM   310  N N   . VAL A 1 42  ? 8.263   2.690   -17.597 1.00 17.04 ? 42  VAL A N   1 
ATOM   311  C CA  . VAL A 1 42  ? 8.349   2.928   -19.034 1.00 17.89 ? 42  VAL A CA  1 
ATOM   312  C C   . VAL A 1 42  ? 9.741   2.568   -19.551 1.00 19.62 ? 42  VAL A C   1 
ATOM   313  O O   . VAL A 1 42  ? 10.743  2.772   -18.863 1.00 16.45 ? 42  VAL A O   1 
ATOM   314  C CB  . VAL A 1 42  ? 8.060   4.410   -19.380 1.00 13.43 ? 42  VAL A CB  1 
ATOM   315  C CG1 . VAL A 1 42  ? 7.626   4.527   -20.832 1.00 7.42  ? 42  VAL A CG1 1 
ATOM   316  C CG2 . VAL A 1 42  ? 6.988   4.968   -18.453 1.00 10.24 ? 42  VAL A CG2 1 
ATOM   317  N N   . GLU A 1 43  ? 9.799   2.020   -20.760 1.00 20.41 ? 43  GLU A N   1 
ATOM   318  C CA  . GLU A 1 43  ? 11.078  1.652   -21.351 1.00 24.43 ? 43  GLU A CA  1 
ATOM   319  C C   . GLU A 1 43  ? 11.821  2.909   -21.787 1.00 22.87 ? 43  GLU A C   1 
ATOM   320  O O   . GLU A 1 43  ? 11.368  3.632   -22.674 1.00 29.42 ? 43  GLU A O   1 
ATOM   321  C CB  . GLU A 1 43  ? 10.870  0.732   -22.559 1.00 25.64 ? 43  GLU A CB  1 
ATOM   322  C CG  . GLU A 1 43  ? 12.151  0.072   -23.054 1.00 29.32 ? 43  GLU A CG  1 
ATOM   323  C CD  . GLU A 1 43  ? 12.023  -0.482  -24.459 1.00 33.23 ? 43  GLU A CD  1 
ATOM   324  O OE1 . GLU A 1 43  ? 12.660  -1.518  -24.748 1.00 29.49 ? 43  GLU A OE1 1 
ATOM   325  O OE2 . GLU A 1 43  ? 11.290  0.116   -25.275 1.00 37.67 ? 43  GLU A OE2 1 
ATOM   326  N N   . TYR A 1 44  ? 12.955  3.171   -21.145 1.00 23.75 ? 44  TYR A N   1 
ATOM   327  C CA  . TYR A 1 44  ? 13.767  4.337   -21.473 1.00 21.51 ? 44  TYR A CA  1 
ATOM   328  C C   . TYR A 1 44  ? 15.117  3.889   -22.020 1.00 21.41 ? 44  TYR A C   1 
ATOM   329  O O   . TYR A 1 44  ? 15.953  3.362   -21.284 1.00 21.40 ? 44  TYR A O   1 
ATOM   330  C CB  . TYR A 1 44  ? 13.976  5.211   -20.234 1.00 18.77 ? 44  TYR A CB  1 
ATOM   331  C CG  . TYR A 1 44  ? 14.659  6.531   -20.525 1.00 13.67 ? 44  TYR A CG  1 
ATOM   332  C CD1 . TYR A 1 44  ? 15.941  6.795   -20.049 1.00 8.20  ? 44  TYR A CD1 1 
ATOM   333  C CD2 . TYR A 1 44  ? 14.018  7.520   -21.270 1.00 10.71 ? 44  TYR A CD2 1 
ATOM   334  C CE1 . TYR A 1 44  ? 16.567  8.013   -20.303 1.00 15.70 ? 44  TYR A CE1 1 
ATOM   335  C CE2 . TYR A 1 44  ? 14.637  8.742   -21.530 1.00 13.50 ? 44  TYR A CE2 1 
ATOM   336  C CZ  . TYR A 1 44  ? 15.909  8.982   -21.043 1.00 9.83  ? 44  TYR A CZ  1 
ATOM   337  O OH  . TYR A 1 44  ? 16.524  10.188  -21.291 1.00 22.67 ? 44  TYR A OH  1 
ATOM   338  N N   . TYR A 1 45  ? 15.321  4.102   -23.316 1.00 23.26 ? 45  TYR A N   1 
ATOM   339  C CA  . TYR A 1 45  ? 16.560  3.717   -23.977 1.00 19.60 ? 45  TYR A CA  1 
ATOM   340  C C   . TYR A 1 45  ? 16.907  2.265   -23.666 1.00 15.46 ? 45  TYR A C   1 
ATOM   341  O O   . TYR A 1 45  ? 18.031  1.950   -23.277 1.00 13.96 ? 45  TYR A O   1 
ATOM   342  C CB  . TYR A 1 45  ? 17.704  4.643   -23.548 1.00 17.94 ? 45  TYR A CB  1 
ATOM   343  C CG  . TYR A 1 45  ? 17.638  6.017   -24.186 1.00 19.85 ? 45  TYR A CG  1 
ATOM   344  C CD1 . TYR A 1 45  ? 18.123  6.234   -25.476 1.00 23.90 ? 45  TYR A CD1 1 
ATOM   345  C CD2 . TYR A 1 45  ? 17.064  7.092   -23.512 1.00 16.29 ? 45  TYR A CD2 1 
ATOM   346  C CE1 . TYR A 1 45  ? 18.046  7.495   -26.073 1.00 17.39 ? 45  TYR A CE1 1 
ATOM   347  C CE2 . TYR A 1 45  ? 16.981  8.354   -24.100 1.00 12.97 ? 45  TYR A CE2 1 
ATOM   348  C CZ  . TYR A 1 45  ? 17.467  8.545   -25.382 1.00 15.48 ? 45  TYR A CZ  1 
ATOM   349  O OH  . TYR A 1 45  ? 17.382  9.786   -25.965 1.00 14.83 ? 45  TYR A OH  1 
ATOM   350  N N   . GLY A 1 46  ? 15.916  1.391   -23.824 1.00 13.59 ? 46  GLY A N   1 
ATOM   351  C CA  . GLY A 1 46  ? 16.113  -0.029  -23.584 1.00 18.90 ? 46  GLY A CA  1 
ATOM   352  C C   . GLY A 1 46  ? 16.097  -0.492  -22.138 1.00 22.78 ? 46  GLY A C   1 
ATOM   353  O O   . GLY A 1 46  ? 16.320  -1.672  -21.867 1.00 24.58 ? 46  GLY A O   1 
ATOM   354  N N   . THR A 1 47  ? 15.820  0.415   -21.207 1.00 22.85 ? 47  THR A N   1 
ATOM   355  C CA  . THR A 1 47  ? 15.801  0.050   -19.793 1.00 22.36 ? 47  THR A CA  1 
ATOM   356  C C   . THR A 1 47  ? 14.492  0.390   -19.087 1.00 20.82 ? 47  THR A C   1 
ATOM   357  O O   . THR A 1 47  ? 13.984  1.505   -19.208 1.00 19.91 ? 47  THR A O   1 
ATOM   358  C CB  . THR A 1 47  ? 16.956  0.739   -19.034 1.00 22.57 ? 47  THR A CB  1 
ATOM   359  O OG1 . THR A 1 47  ? 18.210  0.313   -19.579 1.00 22.71 ? 47  THR A OG1 1 
ATOM   360  C CG2 . THR A 1 47  ? 16.907  0.385   -17.553 1.00 16.28 ? 47  THR A CG2 1 
ATOM   361  N N   . PRO A 1 48  ? 13.927  -0.575  -18.341 1.00 19.18 ? 48  PRO A N   1 
ATOM   362  C CA  . PRO A 1 48  ? 12.671  -0.349  -17.614 1.00 18.44 ? 48  PRO A CA  1 
ATOM   363  C C   . PRO A 1 48  ? 12.892  0.727   -16.560 1.00 15.51 ? 48  PRO A C   1 
ATOM   364  O O   . PRO A 1 48  ? 13.614  0.509   -15.588 1.00 19.20 ? 48  PRO A O   1 
ATOM   365  C CB  . PRO A 1 48  ? 12.358  -1.707  -16.984 1.00 12.59 ? 48  PRO A CB  1 
ATOM   366  C CG  . PRO A 1 48  ? 13.216  -2.693  -17.720 1.00 14.19 ? 48  PRO A CG  1 
ATOM   367  C CD  . PRO A 1 48  ? 14.436  -1.943  -18.141 1.00 10.26 ? 48  PRO A CD  1 
ATOM   368  N N   . THR A 1 49  ? 12.274  1.888   -16.751 1.00 16.13 ? 49  THR A N   1 
ATOM   369  C CA  . THR A 1 49  ? 12.446  2.990   -15.814 1.00 17.97 ? 49  THR A CA  1 
ATOM   370  C C   . THR A 1 49  ? 11.151  3.454   -15.151 1.00 17.66 ? 49  THR A C   1 
ATOM   371  O O   . THR A 1 49  ? 10.123  3.608   -15.812 1.00 10.33 ? 49  THR A O   1 
ATOM   372  C CB  . THR A 1 49  ? 13.101  4.199   -16.517 1.00 22.22 ? 49  THR A CB  1 
ATOM   373  O OG1 . THR A 1 49  ? 14.080  3.732   -17.453 1.00 25.85 ? 49  THR A OG1 1 
ATOM   374  C CG2 . THR A 1 49  ? 13.776  5.116   -15.501 1.00 14.02 ? 49  THR A CG2 1 
ATOM   375  N N   . PRO A 1 50  ? 11.188  3.673   -13.823 1.00 15.30 ? 50  PRO A N   1 
ATOM   376  C CA  . PRO A 1 50  ? 10.008  4.128   -13.080 1.00 13.07 ? 50  PRO A CA  1 
ATOM   377  C C   . PRO A 1 50  ? 9.537   5.485   -13.588 1.00 16.81 ? 50  PRO A C   1 
ATOM   378  O O   . PRO A 1 50  ? 10.339  6.299   -14.051 1.00 10.94 ? 50  PRO A O   1 
ATOM   379  C CB  . PRO A 1 50  ? 10.492  4.196   -11.628 1.00 10.68 ? 50  PRO A CB  1 
ATOM   380  C CG  . PRO A 1 50  ? 11.719  3.347   -11.586 1.00 17.75 ? 50  PRO A CG  1 
ATOM   381  C CD  . PRO A 1 50  ? 12.349  3.478   -12.938 1.00 15.12 ? 50  PRO A CD  1 
ATOM   382  N N   . LEU A 1 51  ? 8.234   5.722   -13.495 1.00 18.76 ? 51  LEU A N   1 
ATOM   383  C CA  . LEU A 1 51  ? 7.643   6.972   -13.949 1.00 19.31 ? 51  LEU A CA  1 
ATOM   384  C C   . LEU A 1 51  ? 8.289   8.204   -13.318 1.00 20.70 ? 51  LEU A C   1 
ATOM   385  O O   . LEU A 1 51  ? 8.582   9.178   -14.007 1.00 20.85 ? 51  LEU A O   1 
ATOM   386  C CB  . LEU A 1 51  ? 6.139   6.975   -13.653 1.00 20.25 ? 51  LEU A CB  1 
ATOM   387  C CG  . LEU A 1 51  ? 5.300   8.103   -14.261 1.00 17.14 ? 51  LEU A CG  1 
ATOM   388  C CD1 . LEU A 1 51  ? 5.715   8.354   -15.707 1.00 14.82 ? 51  LEU A CD1 1 
ATOM   389  C CD2 . LEU A 1 51  ? 3.832   7.727   -14.180 1.00 14.23 ? 51  LEU A CD2 1 
ATOM   390  N N   . ARG A 1 52  ? 8.515   8.151   -12.007 1.00 20.16 ? 52  ARG A N   1 
ATOM   391  C CA  . ARG A 1 52  ? 9.107   9.269   -11.276 1.00 19.90 ? 52  ARG A CA  1 
ATOM   392  C C   . ARG A 1 52  ? 10.429  9.771   -11.855 1.00 21.17 ? 52  ARG A C   1 
ATOM   393  O O   . ARG A 1 52  ? 10.847  10.898  -11.579 1.00 17.49 ? 52  ARG A O   1 
ATOM   394  C CB  . ARG A 1 52  ? 9.313   8.879   -9.808  1.00 23.55 ? 52  ARG A CB  1 
ATOM   395  C CG  . ARG A 1 52  ? 10.513  7.974   -9.558  1.00 33.58 ? 52  ARG A CG  1 
ATOM   396  C CD  . ARG A 1 52  ? 10.579  7.532   -8.105  1.00 38.37 ? 52  ARG A CD  1 
ATOM   397  N NE  . ARG A 1 52  ? 10.130  6.155   -7.929  1.00 45.78 ? 52  ARG A NE  1 
ATOM   398  C CZ  . ARG A 1 52  ? 9.000   5.808   -7.319  1.00 48.05 ? 52  ARG A CZ  1 
ATOM   399  N NH1 . ARG A 1 52  ? 8.200   6.740   -6.819  1.00 48.95 ? 52  ARG A NH1 1 
ATOM   400  N NH2 . ARG A 1 52  ? 8.671   4.529   -7.203  1.00 51.43 ? 52  ARG A NH2 1 
ATOM   401  N N   . GLN A 1 53  ? 11.082  8.944   -12.661 1.00 23.44 ? 53  GLN A N   1 
ATOM   402  C CA  . GLN A 1 53  ? 12.366  9.309   -13.250 1.00 25.65 ? 53  GLN A CA  1 
ATOM   403  C C   . GLN A 1 53  ? 12.273  9.994   -14.610 1.00 23.10 ? 53  GLN A C   1 
ATOM   404  O O   . GLN A 1 53  ? 13.267  10.508  -15.120 1.00 24.84 ? 53  GLN A O   1 
ATOM   405  C CB  . GLN A 1 53  ? 13.240  8.062   -13.378 1.00 25.55 ? 53  GLN A CB  1 
ATOM   406  C CG  . GLN A 1 53  ? 13.395  7.290   -12.087 1.00 26.96 ? 53  GLN A CG  1 
ATOM   407  C CD  . GLN A 1 53  ? 14.836  6.967   -11.792 1.00 30.55 ? 53  GLN A CD  1 
ATOM   408  O OE1 . GLN A 1 53  ? 15.670  7.863   -11.668 1.00 35.17 ? 53  GLN A OE1 1 
ATOM   409  N NE2 . GLN A 1 53  ? 15.145  5.680   -11.684 1.00 34.89 ? 53  GLN A NE2 1 
ATOM   410  N N   . LEU A 1 54  ? 11.081  10.010  -15.191 1.00 23.19 ? 54  LEU A N   1 
ATOM   411  C CA  . LEU A 1 54  ? 10.895  10.620  -16.499 1.00 19.52 ? 54  LEU A CA  1 
ATOM   412  C C   . LEU A 1 54  ? 9.849   11.724  -16.497 1.00 20.76 ? 54  LEU A C   1 
ATOM   413  O O   . LEU A 1 54  ? 9.804   12.544  -17.414 1.00 23.62 ? 54  LEU A O   1 
ATOM   414  C CB  . LEU A 1 54  ? 10.497  9.548   -17.515 1.00 25.08 ? 54  LEU A CB  1 
ATOM   415  C CG  . LEU A 1 54  ? 11.398  8.315   -17.558 1.00 22.66 ? 54  LEU A CG  1 
ATOM   416  C CD1 . LEU A 1 54  ? 10.622  7.122   -18.099 1.00 19.46 ? 54  LEU A CD1 1 
ATOM   417  C CD2 . LEU A 1 54  ? 12.608  8.614   -18.422 1.00 22.41 ? 54  LEU A CD2 1 
ATOM   418  N N   . ALA A 1 55  ? 9.008   11.743  -15.470 1.00 12.70 ? 55  ALA A N   1 
ATOM   419  C CA  . ALA A 1 55  ? 7.963   12.751  -15.380 1.00 11.39 ? 55  ALA A CA  1 
ATOM   420  C C   . ALA A 1 55  ? 7.668   13.148  -13.940 1.00 14.34 ? 55  ALA A C   1 
ATOM   421  O O   . ALA A 1 55  ? 8.310   12.673  -13.004 1.00 11.20 ? 55  ALA A O   1 
ATOM   422  C CB  . ALA A 1 55  ? 6.699   12.237  -16.046 1.00 6.99  ? 55  ALA A CB  1 
ATOM   423  N N   . SER A 1 56  ? 6.692   14.032  -13.778 1.00 17.76 ? 56  SER A N   1 
ATOM   424  C CA  . SER A 1 56  ? 6.286   14.504  -12.464 1.00 21.10 ? 56  SER A CA  1 
ATOM   425  C C   . SER A 1 56  ? 4.771   14.431  -12.363 1.00 16.92 ? 56  SER A C   1 
ATOM   426  O O   . SER A 1 56  ? 4.056   15.097  -13.113 1.00 13.47 ? 56  SER A O   1 
ATOM   427  C CB  . SER A 1 56  ? 6.750   15.946  -12.249 1.00 25.22 ? 56  SER A CB  1 
ATOM   428  O OG  . SER A 1 56  ? 6.798   16.266  -10.869 1.00 34.53 ? 56  SER A OG  1 
ATOM   429  N N   . VAL A 1 57  ? 4.287   13.607  -11.439 1.00 17.31 ? 57  VAL A N   1 
ATOM   430  C CA  . VAL A 1 57  ? 2.857   13.438  -11.230 1.00 17.26 ? 57  VAL A CA  1 
ATOM   431  C C   . VAL A 1 57  ? 2.369   14.390  -10.144 1.00 17.60 ? 57  VAL A C   1 
ATOM   432  O O   . VAL A 1 57  ? 2.814   14.318  -8.996  1.00 19.58 ? 57  VAL A O   1 
ATOM   433  C CB  . VAL A 1 57  ? 2.518   11.992  -10.808 1.00 16.70 ? 57  VAL A CB  1 
ATOM   434  C CG1 . VAL A 1 57  ? 1.011   11.821  -10.689 1.00 16.64 ? 57  VAL A CG1 1 
ATOM   435  C CG2 . VAL A 1 57  ? 3.088   11.009  -11.817 1.00 18.81 ? 57  VAL A CG2 1 
ATOM   436  N N   . THR A 1 58  ? 1.457   15.282  -10.518 1.00 15.88 ? 58  THR A N   1 
ATOM   437  C CA  . THR A 1 58  ? 0.905   16.251  -9.581  1.00 11.77 ? 58  THR A CA  1 
ATOM   438  C C   . THR A 1 58  ? -0.618  16.280  -9.654  1.00 13.48 ? 58  THR A C   1 
ATOM   439  O O   . THR A 1 58  ? -1.225  15.604  -10.484 1.00 12.05 ? 58  THR A O   1 
ATOM   440  C CB  . THR A 1 58  ? 1.424   17.675  -9.874  1.00 8.05  ? 58  THR A CB  1 
ATOM   441  O OG1 . THR A 1 58  ? 0.774   18.188  -11.043 1.00 13.91 ? 58  THR A OG1 1 
ATOM   442  C CG2 . THR A 1 58  ? 2.927   17.663  -10.106 1.00 6.18  ? 58  THR A CG2 1 
ATOM   443  N N   . VAL A 1 59  ? -1.228  17.062  -8.770  1.00 16.47 ? 59  VAL A N   1 
ATOM   444  C CA  . VAL A 1 59  ? -2.677  17.203  -8.735  1.00 15.56 ? 59  VAL A CA  1 
ATOM   445  C C   . VAL A 1 59  ? -3.040  18.580  -9.280  1.00 18.60 ? 59  VAL A C   1 
ATOM   446  O O   . VAL A 1 59  ? -2.591  19.600  -8.756  1.00 21.84 ? 59  VAL A O   1 
ATOM   447  C CB  . VAL A 1 59  ? -3.226  17.090  -7.291  1.00 8.13  ? 59  VAL A CB  1 
ATOM   448  C CG1 . VAL A 1 59  ? -4.639  17.649  -7.224  1.00 3.88  ? 59  VAL A CG1 1 
ATOM   449  C CG2 . VAL A 1 59  ? -3.215  15.642  -6.838  1.00 8.78  ? 59  VAL A CG2 1 
ATOM   450  N N   . GLU A 1 60  ? -3.846  18.606  -10.333 1.00 23.10 ? 60  GLU A N   1 
ATOM   451  C CA  . GLU A 1 60  ? -4.268  19.868  -10.924 1.00 27.62 ? 60  GLU A CA  1 
ATOM   452  C C   . GLU A 1 60  ? -5.737  20.110  -10.588 1.00 25.46 ? 60  GLU A C   1 
ATOM   453  O O   . GLU A 1 60  ? -6.232  21.234  -10.665 1.00 22.57 ? 60  GLU A O   1 
ATOM   454  C CB  . GLU A 1 60  ? -4.071  19.832  -12.442 1.00 33.58 ? 60  GLU A CB  1 
ATOM   455  C CG  . GLU A 1 60  ? -4.985  18.867  -13.167 1.00 36.54 ? 60  GLU A CG  1 
ATOM   456  C CD  . GLU A 1 60  ? -6.053  19.579  -13.973 1.00 43.49 ? 60  GLU A CD  1 
ATOM   457  O OE1 . GLU A 1 60  ? -5.799  19.894  -15.155 1.00 44.86 ? 60  GLU A OE1 1 
ATOM   458  O OE2 . GLU A 1 60  ? -7.149  19.824  -13.425 1.00 47.42 ? 60  GLU A OE2 1 
ATOM   459  N N   . ASP A 1 61  ? -6.416  19.034  -10.204 1.00 24.73 ? 61  ASP A N   1 
ATOM   460  C CA  . ASP A 1 61  ? -7.830  19.074  -9.848  1.00 28.52 ? 61  ASP A CA  1 
ATOM   461  C C   . ASP A 1 61  ? -8.078  17.991  -8.802  1.00 29.52 ? 61  ASP A C   1 
ATOM   462  O O   . ASP A 1 61  ? -7.240  17.113  -8.602  1.00 30.16 ? 61  ASP A O   1 
ATOM   463  C CB  . ASP A 1 61  ? -8.687  18.796  -11.088 1.00 31.03 ? 61  ASP A CB  1 
ATOM   464  C CG  . ASP A 1 61  ? -9.894  19.709  -11.189 1.00 32.88 ? 61  ASP A CG  1 
ATOM   465  O OD1 . ASP A 1 61  ? -9.778  20.899  -10.832 1.00 40.73 ? 61  ASP A OD1 1 
ATOM   466  O OD2 . ASP A 1 61  ? -10.961 19.230  -11.628 1.00 38.59 ? 61  ASP A OD2 1 
ATOM   467  N N   . SER A 1 62  ? -9.225  18.050  -8.133  1.00 28.14 ? 62  SER A N   1 
ATOM   468  C CA  . SER A 1 62  ? -9.560  17.053  -7.124  1.00 29.66 ? 62  SER A CA  1 
ATOM   469  C C   . SER A 1 62  ? -9.975  15.751  -7.805  1.00 24.30 ? 62  SER A C   1 
ATOM   470  O O   . SER A 1 62  ? -10.122 14.712  -7.157  1.00 20.90 ? 62  SER A O   1 
ATOM   471  C CB  . SER A 1 62  ? -10.699 17.557  -6.235  1.00 36.51 ? 62  SER A CB  1 
ATOM   472  O OG  . SER A 1 62  ? -10.711 16.879  -4.989  1.00 43.48 ? 62  SER A OG  1 
ATOM   473  N N   . ARG A 1 63  ? -10.164 15.821  -9.120  1.00 20.38 ? 63  ARG A N   1 
ATOM   474  C CA  . ARG A 1 63  ? -10.562 14.665  -9.913  1.00 22.64 ? 63  ARG A CA  1 
ATOM   475  C C   . ARG A 1 63  ? -9.713  14.547  -11.178 1.00 20.38 ? 63  ARG A C   1 
ATOM   476  O O   . ARG A 1 63  ? -10.121 13.914  -12.148 1.00 26.84 ? 63  ARG A O   1 
ATOM   477  C CB  . ARG A 1 63  ? -12.038 14.774  -10.306 1.00 26.83 ? 63  ARG A CB  1 
ATOM   478  C CG  . ARG A 1 63  ? -12.977 15.050  -9.146  1.00 38.35 ? 63  ARG A CG  1 
ATOM   479  C CD  . ARG A 1 63  ? -14.032 13.966  -9.023  1.00 45.15 ? 63  ARG A CD  1 
ATOM   480  N NE  . ARG A 1 63  ? -15.379 14.520  -8.949  1.00 53.82 ? 63  ARG A NE  1 
ATOM   481  C CZ  . ARG A 1 63  ? -16.267 14.207  -8.010  1.00 57.82 ? 63  ARG A CZ  1 
ATOM   482  N NH1 . ARG A 1 63  ? -15.948 13.341  -7.057  1.00 58.12 ? 63  ARG A NH1 1 
ATOM   483  N NH2 . ARG A 1 63  ? -17.471 14.763  -8.021  1.00 59.61 ? 63  ARG A NH2 1 
ATOM   484  N N   . THR A 1 64  ? -8.533  15.157  -11.167 1.00 19.91 ? 64  THR A N   1 
ATOM   485  C CA  . THR A 1 64  ? -7.654  15.110  -12.327 1.00 19.33 ? 64  THR A CA  1 
ATOM   486  C C   . THR A 1 64  ? -6.178  15.143  -11.947 1.00 19.13 ? 64  THR A C   1 
ATOM   487  O O   . THR A 1 64  ? -5.766  15.894  -11.063 1.00 17.99 ? 64  THR A O   1 
ATOM   488  C CB  . THR A 1 64  ? -7.934  16.286  -13.289 1.00 21.28 ? 64  THR A CB  1 
ATOM   489  O OG1 . THR A 1 64  ? -9.338  16.356  -13.570 1.00 18.78 ? 64  THR A OG1 1 
ATOM   490  C CG2 . THR A 1 64  ? -7.172  16.098  -14.595 1.00 16.93 ? 64  THR A CG2 1 
ATOM   491  N N   . LEU A 1 65  ? -5.390  14.320  -12.631 1.00 23.90 ? 65  LEU A N   1 
ATOM   492  C CA  . LEU A 1 65  ? -3.954  14.244  -12.393 1.00 24.00 ? 65  LEU A CA  1 
ATOM   493  C C   . LEU A 1 65  ? -3.206  14.938  -13.530 1.00 22.62 ? 65  LEU A C   1 
ATOM   494  O O   . LEU A 1 65  ? -3.774  15.197  -14.593 1.00 18.49 ? 65  LEU A O   1 
ATOM   495  C CB  . LEU A 1 65  ? -3.510  12.781  -12.303 1.00 19.80 ? 65  LEU A CB  1 
ATOM   496  C CG  . LEU A 1 65  ? -3.823  12.038  -11.004 1.00 13.87 ? 65  LEU A CG  1 
ATOM   497  C CD1 . LEU A 1 65  ? -3.685  10.537  -11.234 1.00 5.86  ? 65  LEU A CD1 1 
ATOM   498  C CD2 . LEU A 1 65  ? -2.882  12.508  -9.904  1.00 16.28 ? 65  LEU A CD2 1 
ATOM   499  N N   . LYS A 1 66  ? -1.931  15.235  -13.295 1.00 25.26 ? 66  LYS A N   1 
ATOM   500  C CA  . LYS A 1 66  ? -1.095  15.895  -14.291 1.00 23.01 ? 66  LYS A CA  1 
ATOM   501  C C   . LYS A 1 66  ? 0.286   15.251  -14.326 1.00 15.58 ? 66  LYS A C   1 
ATOM   502  O O   . LYS A 1 66  ? 0.948   15.136  -13.296 1.00 15.01 ? 66  LYS A O   1 
ATOM   503  C CB  . LYS A 1 66  ? -0.959  17.386  -13.966 1.00 25.39 ? 66  LYS A CB  1 
ATOM   504  C CG  . LYS A 1 66  ? -0.097  18.162  -14.954 1.00 36.62 ? 66  LYS A CG  1 
ATOM   505  C CD  . LYS A 1 66  ? -0.032  19.643  -14.599 1.00 40.56 ? 66  LYS A CD  1 
ATOM   506  C CE  . LYS A 1 66  ? 1.403   20.154  -14.609 1.00 42.35 ? 66  LYS A CE  1 
ATOM   507  N NZ  . LYS A 1 66  ? 1.537   21.468  -13.917 1.00 39.79 ? 66  LYS A NZ  1 
ATOM   508  N N   . ILE A 1 67  ? 0.714   14.823  -15.510 1.00 13.42 ? 67  ILE A N   1 
ATOM   509  C CA  . ILE A 1 67  ? 2.019   14.195  -15.660 1.00 12.00 ? 67  ILE A CA  1 
ATOM   510  C C   . ILE A 1 67  ? 2.887   14.958  -16.653 1.00 14.95 ? 67  ILE A C   1 
ATOM   511  O O   . ILE A 1 67  ? 2.665   14.907  -17.864 1.00 17.47 ? 67  ILE A O   1 
ATOM   512  C CB  . ILE A 1 67  ? 1.890   12.728  -16.125 1.00 9.82  ? 67  ILE A CB  1 
ATOM   513  C CG1 . ILE A 1 67  ? 1.180   11.906  -15.048 1.00 11.76 ? 67  ILE A CG1 1 
ATOM   514  C CG2 . ILE A 1 67  ? 3.272   12.139  -16.393 1.00 7.74  ? 67  ILE A CG2 1 
ATOM   515  C CD1 . ILE A 1 67  ? -0.134  11.308  -15.493 1.00 9.41  ? 67  ILE A CD1 1 
ATOM   516  N N   . ASN A 1 68  ? 3.874   15.670  -16.124 1.00 18.49 ? 68  ASN A N   1 
ATOM   517  C CA  . ASN A 1 68  ? 4.792   16.448  -16.947 1.00 20.73 ? 68  ASN A CA  1 
ATOM   518  C C   . ASN A 1 68  ? 6.051   15.635  -17.204 1.00 13.78 ? 68  ASN A C   1 
ATOM   519  O O   . ASN A 1 68  ? 6.856   15.432  -16.301 1.00 15.04 ? 68  ASN A O   1 
ATOM   520  C CB  . ASN A 1 68  ? 5.157   17.754  -16.234 1.00 24.51 ? 68  ASN A CB  1 
ATOM   521  C CG  . ASN A 1 68  ? 6.083   18.630  -17.053 1.00 25.67 ? 68  ASN A CG  1 
ATOM   522  O OD1 . ASN A 1 68  ? 5.674   19.217  -18.056 1.00 31.58 ? 68  ASN A OD1 1 
ATOM   523  N ND2 . ASN A 1 68  ? 7.338   18.727  -16.628 1.00 30.83 ? 68  ASN A ND2 1 
ATOM   524  N N   . VAL A 1 69  ? 6.214   15.169  -18.438 1.00 13.19 ? 69  VAL A N   1 
ATOM   525  C CA  . VAL A 1 69  ? 7.379   14.373  -18.803 1.00 14.47 ? 69  VAL A CA  1 
ATOM   526  C C   . VAL A 1 69  ? 8.586   15.254  -19.121 1.00 17.11 ? 69  VAL A C   1 
ATOM   527  O O   . VAL A 1 69  ? 8.470   16.248  -19.839 1.00 19.13 ? 69  VAL A O   1 
ATOM   528  C CB  . VAL A 1 69  ? 7.077   13.481  -20.021 1.00 8.47  ? 69  VAL A CB  1 
ATOM   529  C CG1 . VAL A 1 69  ? 8.173   12.446  -20.191 1.00 12.74 ? 69  VAL A CG1 1 
ATOM   530  C CG2 . VAL A 1 69  ? 5.735   12.798  -19.839 1.00 8.96  ? 69  VAL A CG2 1 
ATOM   531  N N   . PHE A 1 70  ? 9.741   14.878  -18.580 1.00 18.02 ? 70  PHE A N   1 
ATOM   532  C CA  . PHE A 1 70  ? 10.979  15.620  -18.796 1.00 17.73 ? 70  PHE A CA  1 
ATOM   533  C C   . PHE A 1 70  ? 11.366  15.598  -20.272 1.00 19.68 ? 70  PHE A C   1 
ATOM   534  O O   . PHE A 1 70  ? 11.620  16.642  -20.875 1.00 21.60 ? 70  PHE A O   1 
ATOM   535  C CB  . PHE A 1 70  ? 12.107  15.012  -17.956 1.00 17.48 ? 70  PHE A CB  1 
ATOM   536  C CG  . PHE A 1 70  ? 11.764  14.852  -16.498 1.00 21.31 ? 70  PHE A CG  1 
ATOM   537  C CD1 . PHE A 1 70  ? 10.889  15.736  -15.871 1.00 15.56 ? 70  PHE A CD1 1 
ATOM   538  C CD2 . PHE A 1 70  ? 12.324  13.822  -15.749 1.00 23.54 ? 70  PHE A CD2 1 
ATOM   539  C CE1 . PHE A 1 70  ? 10.578  15.596  -14.521 1.00 10.38 ? 70  PHE A CE1 1 
ATOM   540  C CE2 . PHE A 1 70  ? 12.018  13.676  -14.395 1.00 20.68 ? 70  PHE A CE2 1 
ATOM   541  C CZ  . PHE A 1 70  ? 11.145  14.564  -13.783 1.00 10.97 ? 70  PHE A CZ  1 
ATOM   542  N N   . ASP A 1 71  ? 11.416  14.400  -20.844 1.00 16.11 ? 71  ASP A N   1 
ATOM   543  C CA  . ASP A 1 71  ? 11.755  14.228  -22.251 1.00 14.04 ? 71  ASP A CA  1 
ATOM   544  C C   . ASP A 1 71  ? 10.450  14.143  -23.043 1.00 15.72 ? 71  ASP A C   1 
ATOM   545  O O   . ASP A 1 71  ? 9.758   13.127  -23.006 1.00 13.51 ? 71  ASP A O   1 
ATOM   546  C CB  . ASP A 1 71  ? 12.573  12.947  -22.437 1.00 19.18 ? 71  ASP A CB  1 
ATOM   547  C CG  . ASP A 1 71  ? 13.277  12.888  -23.781 1.00 26.14 ? 71  ASP A CG  1 
ATOM   548  O OD1 . ASP A 1 71  ? 14.228  12.091  -23.919 1.00 29.45 ? 71  ASP A OD1 1 
ATOM   549  O OD2 . ASP A 1 71  ? 12.880  13.634  -24.702 1.00 33.94 ? 71  ASP A OD2 1 
ATOM   550  N N   . ARG A 1 72  ? 10.114  15.222  -23.743 1.00 14.11 ? 72  ARG A N   1 
ATOM   551  C CA  . ARG A 1 72  ? 8.887   15.277  -24.532 1.00 12.82 ? 72  ARG A CA  1 
ATOM   552  C C   . ARG A 1 72  ? 8.716   14.073  -25.451 1.00 13.20 ? 72  ARG A C   1 
ATOM   553  O O   . ARG A 1 72  ? 7.601   13.596  -25.661 1.00 8.06  ? 72  ARG A O   1 
ATOM   554  C CB  . ARG A 1 72  ? 8.857   16.558  -25.365 1.00 18.21 ? 72  ARG A CB  1 
ATOM   555  C CG  . ARG A 1 72  ? 7.522   16.824  -26.036 1.00 18.82 ? 72  ARG A CG  1 
ATOM   556  C CD  . ARG A 1 72  ? 7.544   18.143  -26.784 1.00 22.43 ? 72  ARG A CD  1 
ATOM   557  N NE  . ARG A 1 72  ? 6.504   19.053  -26.314 1.00 32.98 ? 72  ARG A NE  1 
ATOM   558  C CZ  . ARG A 1 72  ? 6.536   20.371  -26.475 1.00 36.85 ? 72  ARG A CZ  1 
ATOM   559  N NH1 . ARG A 1 72  ? 7.559   20.943  -27.096 1.00 44.51 ? 72  ARG A NH1 1 
ATOM   560  N NH2 . ARG A 1 72  ? 5.543   21.121  -26.020 1.00 39.57 ? 72  ARG A NH2 1 
ATOM   561  N N   . SER A 1 73  ? 9.819   13.590  -26.007 1.00 12.63 ? 73  SER A N   1 
ATOM   562  C CA  . SER A 1 73  ? 9.773   12.438  -26.902 1.00 19.83 ? 73  SER A CA  1 
ATOM   563  C C   . SER A 1 73  ? 9.290   11.207  -26.142 1.00 19.20 ? 73  SER A C   1 
ATOM   564  O O   . SER A 1 73  ? 8.792   10.252  -26.739 1.00 21.32 ? 73  SER A O   1 
ATOM   565  C CB  . SER A 1 73  ? 11.159  12.166  -27.488 1.00 19.30 ? 73  SER A CB  1 
ATOM   566  O OG  . SER A 1 73  ? 12.080  11.806  -26.472 1.00 28.80 ? 73  SER A OG  1 
ATOM   567  N N   . MET A 1 74  ? 9.438   11.247  -24.821 1.00 19.09 ? 74  MET A N   1 
ATOM   568  C CA  . MET A 1 74  ? 9.035   10.143  -23.954 1.00 17.32 ? 74  MET A CA  1 
ATOM   569  C C   . MET A 1 74  ? 7.567   10.232  -23.543 1.00 16.99 ? 74  MET A C   1 
ATOM   570  O O   . MET A 1 74  ? 7.093   9.432   -22.732 1.00 14.51 ? 74  MET A O   1 
ATOM   571  C CB  . MET A 1 74  ? 9.917   10.117  -22.703 1.00 10.48 ? 74  MET A CB  1 
ATOM   572  C CG  . MET A 1 74  ? 11.298  9.535   -22.936 1.00 12.72 ? 74  MET A CG  1 
ATOM   573  S SD  . MET A 1 74  ? 11.215  7.883   -23.637 1.00 24.61 ? 74  MET A SD  1 
ATOM   574  C CE  . MET A 1 74  ? 10.663  6.932   -22.211 1.00 33.53 ? 74  MET A CE  1 
ATOM   575  N N   . SER A 1 75  ? 6.852   11.203  -24.104 1.00 11.73 ? 75  SER A N   1 
ATOM   576  C CA  . SER A 1 75  ? 5.441   11.399  -23.789 1.00 18.57 ? 75  SER A CA  1 
ATOM   577  C C   . SER A 1 75  ? 4.549   10.241  -24.241 1.00 20.21 ? 75  SER A C   1 
ATOM   578  O O   . SER A 1 75  ? 3.786   9.694   -23.445 1.00 25.30 ? 75  SER A O   1 
ATOM   579  C CB  . SER A 1 75  ? 4.942   12.709  -24.408 1.00 20.74 ? 75  SER A CB  1 
ATOM   580  O OG  . SER A 1 75  ? 3.821   13.209  -23.702 1.00 22.96 ? 75  SER A OG  1 
ATOM   581  N N   . PRO A 1 76  ? 4.629   9.854   -25.526 1.00 19.25 ? 76  PRO A N   1 
ATOM   582  C CA  . PRO A 1 76  ? 3.805   8.750   -26.040 1.00 15.56 ? 76  PRO A CA  1 
ATOM   583  C C   . PRO A 1 76  ? 3.935   7.444   -25.248 1.00 15.12 ? 76  PRO A C   1 
ATOM   584  O O   . PRO A 1 76  ? 2.941   6.752   -25.007 1.00 11.66 ? 76  PRO A O   1 
ATOM   585  C CB  . PRO A 1 76  ? 4.274   8.593   -27.489 1.00 14.08 ? 76  PRO A CB  1 
ATOM   586  C CG  . PRO A 1 76  ? 4.859   9.926   -27.842 1.00 16.03 ? 76  PRO A CG  1 
ATOM   587  C CD  . PRO A 1 76  ? 5.489   10.429  -26.577 1.00 12.89 ? 76  PRO A CD  1 
ATOM   588  N N   . ALA A 1 77  ? 5.159   7.111   -24.852 1.00 13.83 ? 77  ALA A N   1 
ATOM   589  C CA  . ALA A 1 77  ? 5.413   5.892   -24.092 1.00 12.25 ? 77  ALA A CA  1 
ATOM   590  C C   . ALA A 1 77  ? 4.815   5.994   -22.691 1.00 16.08 ? 77  ALA A C   1 
ATOM   591  O O   . ALA A 1 77  ? 4.254   5.027   -22.173 1.00 17.65 ? 77  ALA A O   1 
ATOM   592  C CB  . ALA A 1 77  ? 6.911   5.639   -24.004 1.00 6.92  ? 77  ALA A CB  1 
ATOM   593  N N   . VAL A 1 78  ? 4.942   7.170   -22.084 1.00 13.62 ? 78  VAL A N   1 
ATOM   594  C CA  . VAL A 1 78  ? 4.415   7.401   -20.744 1.00 16.80 ? 78  VAL A CA  1 
ATOM   595  C C   . VAL A 1 78  ? 2.899   7.270   -20.749 1.00 17.36 ? 78  VAL A C   1 
ATOM   596  O O   . VAL A 1 78  ? 2.315   6.633   -19.871 1.00 18.60 ? 78  VAL A O   1 
ATOM   597  C CB  . VAL A 1 78  ? 4.790   8.813   -20.235 1.00 16.81 ? 78  VAL A CB  1 
ATOM   598  C CG1 . VAL A 1 78  ? 3.955   9.172   -19.012 1.00 18.74 ? 78  VAL A CG1 1 
ATOM   599  C CG2 . VAL A 1 78  ? 6.274   8.864   -19.899 1.00 17.75 ? 78  VAL A CG2 1 
ATOM   600  N N   . GLU A 1 79  ? 2.274   7.881   -21.750 1.00 16.82 ? 79  GLU A N   1 
ATOM   601  C CA  . GLU A 1 79  ? 0.826   7.855   -21.904 1.00 11.67 ? 79  GLU A CA  1 
ATOM   602  C C   . GLU A 1 79  ? 0.334   6.440   -22.210 1.00 13.38 ? 79  GLU A C   1 
ATOM   603  O O   . GLU A 1 79  ? -0.768  6.057   -21.814 1.00 9.57  ? 79  GLU A O   1 
ATOM   604  C CB  . GLU A 1 79  ? 0.415   8.809   -23.028 1.00 11.43 ? 79  GLU A CB  1 
ATOM   605  C CG  . GLU A 1 79  ? -1.067  9.127   -23.078 1.00 18.43 ? 79  GLU A CG  1 
ATOM   606  C CD  . GLU A 1 79  ? -1.471  9.761   -24.394 1.00 16.42 ? 79  GLU A CD  1 
ATOM   607  O OE1 . GLU A 1 79  ? -0.653  9.733   -25.335 1.00 22.83 ? 79  GLU A OE1 1 
ATOM   608  O OE2 . GLU A 1 79  ? -2.599  10.287  -24.485 1.00 17.43 ? 79  GLU A OE2 1 
ATOM   609  N N   . LYS A 1 80  ? 1.159   5.668   -22.911 1.00 12.35 ? 80  LYS A N   1 
ATOM   610  C CA  . LYS A 1 80  ? 0.814   4.294   -23.262 1.00 13.31 ? 80  LYS A CA  1 
ATOM   611  C C   . LYS A 1 80  ? 0.975   3.373   -22.057 1.00 9.82  ? 80  LYS A C   1 
ATOM   612  O O   . LYS A 1 80  ? 0.154   2.483   -21.826 1.00 12.53 ? 80  LYS A O   1 
ATOM   613  C CB  . LYS A 1 80  ? 1.699   3.800   -24.409 1.00 17.22 ? 80  LYS A CB  1 
ATOM   614  C CG  . LYS A 1 80  ? 1.569   2.312   -24.695 1.00 26.62 ? 80  LYS A CG  1 
ATOM   615  C CD  . LYS A 1 80  ? 1.153   2.051   -26.136 1.00 32.62 ? 80  LYS A CD  1 
ATOM   616  C CE  . LYS A 1 80  ? 2.360   1.992   -27.053 1.00 39.94 ? 80  LYS A CE  1 
ATOM   617  N NZ  . LYS A 1 80  ? 3.592   1.589   -26.320 1.00 47.79 ? 80  LYS A NZ  1 
ATOM   618  N N   . ALA A 1 81  ? 2.041   3.592   -21.295 1.00 9.40  ? 81  ALA A N   1 
ATOM   619  C CA  . ALA A 1 81  ? 2.315   2.789   -20.109 1.00 12.09 ? 81  ALA A CA  1 
ATOM   620  C C   . ALA A 1 81  ? 1.223   2.980   -19.059 1.00 9.97  ? 81  ALA A C   1 
ATOM   621  O O   . ALA A 1 81  ? 0.948   2.080   -18.267 1.00 13.66 ? 81  ALA A O   1 
ATOM   622  C CB  . ALA A 1 81  ? 3.671   3.165   -19.529 1.00 4.55  ? 81  ALA A CB  1 
ATOM   623  N N   . ILE A 1 82  ? 0.598   4.151   -19.061 1.00 12.37 ? 82  ILE A N   1 
ATOM   624  C CA  . ILE A 1 82  ? -0.463  4.451   -18.109 1.00 11.54 ? 82  ILE A CA  1 
ATOM   625  C C   . ILE A 1 82  ? -1.777  3.797   -18.534 1.00 11.97 ? 82  ILE A C   1 
ATOM   626  O O   . ILE A 1 82  ? -2.538  3.308   -17.696 1.00 12.91 ? 82  ILE A O   1 
ATOM   627  C CB  . ILE A 1 82  ? -0.667  5.980   -17.977 1.00 8.01  ? 82  ILE A CB  1 
ATOM   628  C CG1 . ILE A 1 82  ? 0.543   6.599   -17.271 1.00 5.34  ? 82  ILE A CG1 1 
ATOM   629  C CG2 . ILE A 1 82  ? -1.943  6.280   -17.201 1.00 12.05 ? 82  ILE A CG2 1 
ATOM   630  C CD1 . ILE A 1 82  ? 0.533   8.115   -17.236 1.00 9.60  ? 82  ILE A CD1 1 
ATOM   631  N N   . MET A 1 83  ? -2.032  3.779   -19.838 1.00 9.97  ? 83  MET A N   1 
ATOM   632  C CA  . MET A 1 83  ? -3.250  3.182   -20.370 1.00 8.82  ? 83  MET A CA  1 
ATOM   633  C C   . MET A 1 83  ? -3.216  1.660   -20.251 1.00 7.75  ? 83  MET A C   1 
ATOM   634  O O   . MET A 1 83  ? -4.239  1.024   -19.994 1.00 10.70 ? 83  MET A O   1 
ATOM   635  C CB  . MET A 1 83  ? -3.431  3.573   -21.843 1.00 9.91  ? 83  MET A CB  1 
ATOM   636  C CG  . MET A 1 83  ? -3.542  5.076   -22.092 1.00 17.34 ? 83  MET A CG  1 
ATOM   637  S SD  . MET A 1 83  ? -4.074  5.495   -23.777 1.00 18.72 ? 83  MET A SD  1 
ATOM   638  C CE  . MET A 1 83  ? -2.536  5.336   -24.682 1.00 17.35 ? 83  MET A CE  1 
ATOM   639  N N   . ALA A 1 84  ? -2.035  1.083   -20.436 1.00 5.07  ? 84  ALA A N   1 
ATOM   640  C CA  . ALA A 1 84  ? -1.864  -0.362  -20.363 1.00 8.52  ? 84  ALA A CA  1 
ATOM   641  C C   . ALA A 1 84  ? -2.029  -0.900  -18.945 1.00 6.66  ? 84  ALA A C   1 
ATOM   642  O O   . ALA A 1 84  ? -2.155  -2.106  -18.743 1.00 15.49 ? 84  ALA A O   1 
ATOM   643  C CB  . ALA A 1 84  ? -0.493  -0.747  -20.908 1.00 3.98  ? 84  ALA A CB  1 
ATOM   644  N N   . SER A 1 85  ? -2.036  -0.007  -17.963 1.00 10.67 ? 85  SER A N   1 
ATOM   645  C CA  . SER A 1 85  ? -2.173  -0.418  -16.569 1.00 15.87 ? 85  SER A CA  1 
ATOM   646  C C   . SER A 1 85  ? -3.595  -0.263  -16.035 1.00 10.83 ? 85  SER A C   1 
ATOM   647  O O   . SER A 1 85  ? -3.927  -0.803  -14.983 1.00 10.26 ? 85  SER A O   1 
ATOM   648  C CB  . SER A 1 85  ? -1.209  0.388   -15.691 1.00 15.70 ? 85  SER A CB  1 
ATOM   649  O OG  . SER A 1 85  ? -1.708  1.692   -15.443 1.00 31.67 ? 85  SER A OG  1 
ATOM   650  N N   . ASP A 1 86  ? -4.430  0.466   -16.766 1.00 12.99 ? 86  ASP A N   1 
ATOM   651  C CA  . ASP A 1 86  ? -5.808  0.700   -16.347 1.00 14.28 ? 86  ASP A CA  1 
ATOM   652  C C   . ASP A 1 86  ? -6.660  1.086   -17.550 1.00 13.16 ? 86  ASP A C   1 
ATOM   653  O O   . ASP A 1 86  ? -6.463  2.147   -18.139 1.00 12.98 ? 86  ASP A O   1 
ATOM   654  C CB  . ASP A 1 86  ? -5.843  1.826   -15.308 1.00 16.61 ? 86  ASP A CB  1 
ATOM   655  C CG  . ASP A 1 86  ? -7.139  1.868   -14.529 1.00 10.98 ? 86  ASP A CG  1 
ATOM   656  O OD1 . ASP A 1 86  ? -7.138  2.421   -13.410 1.00 22.99 ? 86  ASP A OD1 1 
ATOM   657  O OD2 . ASP A 1 86  ? -8.158  1.355   -15.030 1.00 11.68 ? 86  ASP A OD2 1 
ATOM   658  N N   . LEU A 1 87  ? -7.610  0.227   -17.910 1.00 15.43 ? 87  LEU A N   1 
ATOM   659  C CA  . LEU A 1 87  ? -8.482  0.495   -19.051 1.00 20.05 ? 87  LEU A CA  1 
ATOM   660  C C   . LEU A 1 87  ? -9.462  1.632   -18.776 1.00 18.16 ? 87  LEU A C   1 
ATOM   661  O O   . LEU A 1 87  ? -10.157 2.091   -19.684 1.00 25.68 ? 87  LEU A O   1 
ATOM   662  C CB  . LEU A 1 87  ? -9.254  -0.769  -19.443 1.00 23.78 ? 87  LEU A CB  1 
ATOM   663  C CG  . LEU A 1 87  ? -10.252 -1.371  -18.447 1.00 24.94 ? 87  LEU A CG  1 
ATOM   664  C CD1 . LEU A 1 87  ? -11.534 -0.559  -18.420 1.00 27.76 ? 87  LEU A CD1 1 
ATOM   665  C CD2 . LEU A 1 87  ? -10.554 -2.800  -18.858 1.00 27.98 ? 87  LEU A CD2 1 
ATOM   666  N N   . GLY A 1 88  ? -9.516  2.078   -17.525 1.00 14.54 ? 88  GLY A N   1 
ATOM   667  C CA  . GLY A 1 88  ? -10.417 3.156   -17.153 1.00 13.29 ? 88  GLY A CA  1 
ATOM   668  C C   . GLY A 1 88  ? -9.799  4.542   -17.233 1.00 16.95 ? 88  GLY A C   1 
ATOM   669  O O   . GLY A 1 88  ? -10.479 5.545   -17.003 1.00 14.93 ? 88  GLY A O   1 
ATOM   670  N N   . LEU A 1 89  ? -8.512  4.607   -17.561 1.00 10.61 ? 89  LEU A N   1 
ATOM   671  C CA  . LEU A 1 89  ? -7.819  5.885   -17.667 1.00 13.02 ? 89  LEU A CA  1 
ATOM   672  C C   . LEU A 1 89  ? -7.691  6.323   -19.122 1.00 16.14 ? 89  LEU A C   1 
ATOM   673  O O   . LEU A 1 89  ? -7.054  5.649   -19.930 1.00 24.74 ? 89  LEU A O   1 
ATOM   674  C CB  . LEU A 1 89  ? -6.426  5.790   -17.033 1.00 13.03 ? 89  LEU A CB  1 
ATOM   675  C CG  . LEU A 1 89  ? -6.331  5.592   -15.512 1.00 15.97 ? 89  LEU A CG  1 
ATOM   676  C CD1 . LEU A 1 89  ? -4.887  5.322   -15.124 1.00 11.19 ? 89  LEU A CD1 1 
ATOM   677  C CD2 . LEU A 1 89  ? -6.848  6.827   -14.785 1.00 13.13 ? 89  LEU A CD2 1 
ATOM   678  N N   . ASN A 1 90  ? -8.312  7.451   -19.451 1.00 18.98 ? 90  ASN A N   1 
ATOM   679  C CA  . ASN A 1 90  ? -8.269  8.001   -20.804 1.00 19.80 ? 90  ASN A CA  1 
ATOM   680  C C   . ASN A 1 90  ? -7.586  9.367   -20.740 1.00 19.42 ? 90  ASN A C   1 
ATOM   681  O O   . ASN A 1 90  ? -8.252  10.404  -20.716 1.00 19.48 ? 90  ASN A O   1 
ATOM   682  C CB  . ASN A 1 90  ? -9.687  8.156   -21.362 1.00 21.98 ? 90  ASN A CB  1 
ATOM   683  C CG  . ASN A 1 90  ? -10.441 6.841   -21.418 1.00 22.79 ? 90  ASN A CG  1 
ATOM   684  O OD1 . ASN A 1 90  ? -9.892  5.810   -21.804 1.00 26.90 ? 90  ASN A OD1 1 
ATOM   685  N ND2 . ASN A 1 90  ? -11.712 6.871   -21.030 1.00 22.60 ? 90  ASN A ND2 1 
ATOM   686  N N   . PRO A 1 91  ? -6.241  9.381   -20.719 1.00 17.17 ? 91  PRO A N   1 
ATOM   687  C CA  . PRO A 1 91  ? -5.460  10.621  -20.653 1.00 15.80 ? 91  PRO A CA  1 
ATOM   688  C C   . PRO A 1 91  ? -5.533  11.511  -21.888 1.00 19.19 ? 91  PRO A C   1 
ATOM   689  O O   . PRO A 1 91  ? -6.088  11.128  -22.919 1.00 18.98 ? 91  PRO A O   1 
ATOM   690  C CB  . PRO A 1 91  ? -4.037  10.134  -20.391 1.00 15.12 ? 91  PRO A CB  1 
ATOM   691  C CG  . PRO A 1 91  ? -4.001  8.771   -20.986 1.00 8.21  ? 91  PRO A CG  1 
ATOM   692  C CD  . PRO A 1 91  ? -5.373  8.191   -20.772 1.00 15.01 ? 91  PRO A CD  1 
ATOM   693  N N   . ASN A 1 92  ? -4.964  12.706  -21.765 1.00 18.74 ? 92  ASN A N   1 
ATOM   694  C CA  . ASN A 1 92  ? -4.934  13.674  -22.851 1.00 19.90 ? 92  ASN A CA  1 
ATOM   695  C C   . ASN A 1 92  ? -3.647  14.480  -22.757 1.00 17.27 ? 92  ASN A C   1 
ATOM   696  O O   . ASN A 1 92  ? -3.359  15.085  -21.726 1.00 17.65 ? 92  ASN A O   1 
ATOM   697  C CB  . ASN A 1 92  ? -6.137  14.615  -22.764 1.00 23.04 ? 92  ASN A CB  1 
ATOM   698  C CG  . ASN A 1 92  ? -6.194  15.595  -23.921 1.00 26.55 ? 92  ASN A CG  1 
ATOM   699  O OD1 . ASN A 1 92  ? -6.845  15.339  -24.933 1.00 32.45 ? 92  ASN A OD1 1 
ATOM   700  N ND2 . ASN A 1 92  ? -5.511  16.724  -23.777 1.00 29.04 ? 92  ASN A ND2 1 
ATOM   701  N N   . SER A 1 93  ? -2.871  14.482  -23.835 1.00 17.23 ? 93  SER A N   1 
ATOM   702  C CA  . SER A 1 93  ? -1.617  15.223  -23.863 1.00 22.82 ? 93  SER A CA  1 
ATOM   703  C C   . SER A 1 93  ? -1.682  16.393  -24.843 1.00 24.07 ? 93  SER A C   1 
ATOM   704  O O   . SER A 1 93  ? -2.480  16.390  -25.782 1.00 17.32 ? 93  SER A O   1 
ATOM   705  C CB  . SER A 1 93  ? -0.460  14.293  -24.242 1.00 20.14 ? 93  SER A CB  1 
ATOM   706  O OG  . SER A 1 93  ? -0.917  13.212  -25.031 1.00 21.74 ? 93  SER A OG  1 
ATOM   707  N N   . ALA A 1 94  ? -0.836  17.393  -24.608 1.00 26.10 ? 94  ALA A N   1 
ATOM   708  C CA  . ALA A 1 94  ? -0.779  18.577  -25.455 1.00 26.62 ? 94  ALA A CA  1 
ATOM   709  C C   . ALA A 1 94  ? 0.658   18.830  -25.905 1.00 29.19 ? 94  ALA A C   1 
ATOM   710  O O   . ALA A 1 94  ? 0.909   19.170  -27.063 1.00 35.71 ? 94  ALA A O   1 
ATOM   711  C CB  . ALA A 1 94  ? -1.313  19.783  -24.696 1.00 24.14 ? 94  ALA A CB  1 
ATOM   712  N N   . GLY A 1 95  ? 1.595   18.663  -24.978 1.00 24.76 ? 95  GLY A N   1 
ATOM   713  C CA  . GLY A 1 95  ? 3.001   18.863  -25.288 1.00 22.56 ? 95  GLY A CA  1 
ATOM   714  C C   . GLY A 1 95  ? 3.857   17.920  -24.465 1.00 21.29 ? 95  GLY A C   1 
ATOM   715  O O   . GLY A 1 95  ? 4.170   16.810  -24.895 1.00 21.11 ? 95  GLY A O   1 
ATOM   716  N N   . SER A 1 96  ? 4.243   18.371  -23.276 1.00 22.91 ? 96  SER A N   1 
ATOM   717  C CA  . SER A 1 96  ? 5.043   17.561  -22.368 1.00 19.22 ? 96  SER A CA  1 
ATOM   718  C C   . SER A 1 96  ? 4.136   17.173  -21.208 1.00 18.81 ? 96  SER A C   1 
ATOM   719  O O   . SER A 1 96  ? 4.534   16.437  -20.306 1.00 18.30 ? 96  SER A O   1 
ATOM   720  C CB  . SER A 1 96  ? 6.242   18.359  -21.848 1.00 20.61 ? 96  SER A CB  1 
ATOM   721  O OG  . SER A 1 96  ? 7.350   18.259  -22.727 1.00 14.53 ? 96  SER A OG  1 
ATOM   722  N N   . ASP A 1 97  ? 2.907   17.681  -21.249 1.00 20.24 ? 97  ASP A N   1 
ATOM   723  C CA  . ASP A 1 97  ? 1.919   17.412  -20.212 1.00 20.01 ? 97  ASP A CA  1 
ATOM   724  C C   . ASP A 1 97  ? 0.936   16.318  -20.613 1.00 19.29 ? 97  ASP A C   1 
ATOM   725  O O   . ASP A 1 97  ? 0.617   16.144  -21.789 1.00 15.78 ? 97  ASP A O   1 
ATOM   726  C CB  . ASP A 1 97  ? 1.140   18.688  -19.886 1.00 22.86 ? 97  ASP A CB  1 
ATOM   727  C CG  . ASP A 1 97  ? 2.042   19.832  -19.482 1.00 28.79 ? 97  ASP A CG  1 
ATOM   728  O OD1 . ASP A 1 97  ? 2.317   19.974  -18.272 1.00 34.30 ? 97  ASP A OD1 1 
ATOM   729  O OD2 . ASP A 1 97  ? 2.479   20.592  -20.372 1.00 37.03 ? 97  ASP A OD2 1 
ATOM   730  N N   . ILE A 1 98  ? 0.463   15.582  -19.613 1.00 17.78 ? 98  ILE A N   1 
ATOM   731  C CA  . ILE A 1 98  ? -0.498  14.509  -19.820 1.00 15.49 ? 98  ILE A CA  1 
ATOM   732  C C   . ILE A 1 98  ? -1.582  14.630  -18.756 1.00 13.86 ? 98  ILE A C   1 
ATOM   733  O O   . ILE A 1 98  ? -1.341  14.350  -17.581 1.00 13.96 ? 98  ILE A O   1 
ATOM   734  C CB  . ILE A 1 98  ? 0.171   13.116  -19.695 1.00 13.94 ? 98  ILE A CB  1 
ATOM   735  C CG1 . ILE A 1 98  ? 1.149   12.899  -20.851 1.00 16.33 ? 98  ILE A CG1 1 
ATOM   736  C CG2 . ILE A 1 98  ? -0.891  12.021  -19.700 1.00 13.53 ? 98  ILE A CG2 1 
ATOM   737  C CD1 . ILE A 1 98  ? 2.120   11.759  -20.625 1.00 10.26 ? 98  ILE A CD1 1 
ATOM   738  N N   . ARG A 1 99  ? -2.771  15.062  -19.166 1.00 16.80 ? 99  ARG A N   1 
ATOM   739  C CA  . ARG A 1 99  ? -3.891  15.211  -18.242 1.00 20.31 ? 99  ARG A CA  1 
ATOM   740  C C   . ARG A 1 99  ? -4.580  13.863  -18.048 1.00 20.19 ? 99  ARG A C   1 
ATOM   741  O O   . ARG A 1 99  ? -4.968  13.208  -19.017 1.00 21.15 ? 99  ARG A O   1 
ATOM   742  C CB  . ARG A 1 99  ? -4.888  16.237  -18.785 1.00 24.94 ? 99  ARG A CB  1 
ATOM   743  C CG  . ARG A 1 99  ? -6.164  16.359  -17.971 1.00 37.65 ? 99  ARG A CG  1 
ATOM   744  C CD  . ARG A 1 99  ? -7.192  17.217  -18.685 1.00 44.31 ? 99  ARG A CD  1 
ATOM   745  N NE  . ARG A 1 99  ? -6.982  18.635  -18.416 1.00 54.07 ? 99  ARG A NE  1 
ATOM   746  C CZ  . ARG A 1 99  ? -7.906  19.574  -18.587 1.00 62.64 ? 99  ARG A CZ  1 
ATOM   747  N NH1 . ARG A 1 99  ? -9.113  19.251  -19.032 1.00 67.16 ? 99  ARG A NH1 1 
ATOM   748  N NH2 . ARG A 1 99  ? -7.623  20.839  -18.306 1.00 65.35 ? 99  ARG A NH2 1 
ATOM   749  N N   . VAL A 1 100 ? -4.730  13.451  -16.794 1.00 20.14 ? 100 VAL A N   1 
ATOM   750  C CA  . VAL A 1 100 ? -5.358  12.173  -16.485 1.00 18.96 ? 100 VAL A CA  1 
ATOM   751  C C   . VAL A 1 100 ? -6.514  12.323  -15.503 1.00 17.59 ? 100 VAL A C   1 
ATOM   752  O O   . VAL A 1 100 ? -6.318  12.310  -14.287 1.00 13.64 ? 100 VAL A O   1 
ATOM   753  C CB  . VAL A 1 100 ? -4.327  11.180  -15.889 1.00 19.59 ? 100 VAL A CB  1 
ATOM   754  C CG1 . VAL A 1 100 ? -4.999  9.852   -15.578 1.00 22.35 ? 100 VAL A CG1 1 
ATOM   755  C CG2 . VAL A 1 100 ? -3.174  10.977  -16.858 1.00 21.91 ? 100 VAL A CG2 1 
ATOM   756  N N   . PRO A 1 101 ? -7.741  12.481  -16.019 1.00 17.70 ? 101 PRO A N   1 
ATOM   757  C CA  . PRO A 1 101 ? -8.888  12.625  -15.120 1.00 20.15 ? 101 PRO A CA  1 
ATOM   758  C C   . PRO A 1 101 ? -9.252  11.295  -14.463 1.00 22.08 ? 101 PRO A C   1 
ATOM   759  O O   . PRO A 1 101 ? -9.054  10.226  -15.047 1.00 17.15 ? 101 PRO A O   1 
ATOM   760  C CB  . PRO A 1 101 ? -9.999  13.135  -16.034 1.00 13.62 ? 101 PRO A CB  1 
ATOM   761  C CG  . PRO A 1 101 ? -9.641  12.615  -17.377 1.00 14.96 ? 101 PRO A CG  1 
ATOM   762  C CD  . PRO A 1 101 ? -8.136  12.563  -17.437 1.00 17.57 ? 101 PRO A CD  1 
ATOM   763  N N   . LEU A 1 102 ? -9.770  11.367  -13.242 1.00 23.33 ? 102 LEU A N   1 
ATOM   764  C CA  . LEU A 1 102 ? -10.183 10.177  -12.511 1.00 18.85 ? 102 LEU A CA  1 
ATOM   765  C C   . LEU A 1 102 ? -11.687 10.028  -12.718 1.00 20.87 ? 102 LEU A C   1 
ATOM   766  O O   . LEU A 1 102 ? -12.461 10.919  -12.365 1.00 18.93 ? 102 LEU A O   1 
ATOM   767  C CB  . LEU A 1 102 ? -9.874  10.330  -11.017 1.00 15.89 ? 102 LEU A CB  1 
ATOM   768  C CG  . LEU A 1 102 ? -8.436  10.093  -10.533 1.00 19.74 ? 102 LEU A CG  1 
ATOM   769  C CD1 . LEU A 1 102 ? -8.003  8.674   -10.871 1.00 17.53 ? 102 LEU A CD1 1 
ATOM   770  C CD2 . LEU A 1 102 ? -7.497  11.108  -11.172 1.00 16.15 ? 102 LEU A CD2 1 
ATOM   771  N N   . PRO A 1 103 ? -12.120 8.905   -13.307 1.00 22.36 ? 103 PRO A N   1 
ATOM   772  C CA  . PRO A 1 103 ? -13.553 8.688   -13.543 1.00 21.81 ? 103 PRO A CA  1 
ATOM   773  C C   . PRO A 1 103 ? -14.341 8.488   -12.249 1.00 21.95 ? 103 PRO A C   1 
ATOM   774  O O   . PRO A 1 103 ? -13.976 7.663   -11.410 1.00 19.52 ? 103 PRO A O   1 
ATOM   775  C CB  . PRO A 1 103 ? -13.599 7.445   -14.437 1.00 20.81 ? 103 PRO A CB  1 
ATOM   776  C CG  . PRO A 1 103 ? -12.172 7.169   -14.837 1.00 19.55 ? 103 PRO A CG  1 
ATOM   777  C CD  . PRO A 1 103 ? -11.308 7.774   -13.785 1.00 19.05 ? 103 PRO A CD  1 
ATOM   778  N N   . PRO A 1 104 ? -15.430 9.252   -12.068 1.00 21.66 ? 104 PRO A N   1 
ATOM   779  C CA  . PRO A 1 104 ? -16.236 9.107   -10.851 1.00 20.97 ? 104 PRO A CA  1 
ATOM   780  C C   . PRO A 1 104 ? -16.766 7.684   -10.742 1.00 20.83 ? 104 PRO A C   1 
ATOM   781  O O   . PRO A 1 104 ? -17.357 7.159   -11.686 1.00 24.68 ? 104 PRO A O   1 
ATOM   782  C CB  . PRO A 1 104 ? -17.357 10.132  -11.024 1.00 9.03  ? 104 PRO A CB  1 
ATOM   783  C CG  . PRO A 1 104 ? -17.370 10.457  -12.481 1.00 22.61 ? 104 PRO A CG  1 
ATOM   784  C CD  . PRO A 1 104 ? -15.968 10.285  -12.967 1.00 21.34 ? 104 PRO A CD  1 
ATOM   785  N N   . LEU A 1 105 ? -16.543 7.060   -9.592  1.00 22.44 ? 105 LEU A N   1 
ATOM   786  C CA  . LEU A 1 105 ? -16.986 5.691   -9.362  1.00 17.23 ? 105 LEU A CA  1 
ATOM   787  C C   . LEU A 1 105 ? -18.497 5.594   -9.239  1.00 18.32 ? 105 LEU A C   1 
ATOM   788  O O   . LEU A 1 105 ? -19.156 6.536   -8.801  1.00 21.96 ? 105 LEU A O   1 
ATOM   789  C CB  . LEU A 1 105 ? -16.347 5.140   -8.086  1.00 14.36 ? 105 LEU A CB  1 
ATOM   790  C CG  . LEU A 1 105 ? -14.823 5.209   -7.978  1.00 13.34 ? 105 LEU A CG  1 
ATOM   791  C CD1 . LEU A 1 105 ? -14.396 4.802   -6.577  1.00 16.78 ? 105 LEU A CD1 1 
ATOM   792  C CD2 . LEU A 1 105 ? -14.190 4.303   -9.022  1.00 14.81 ? 105 LEU A CD2 1 
ATOM   793  N N   . THR A 1 106 ? -19.042 4.451   -9.637  1.00 21.72 ? 106 THR A N   1 
ATOM   794  C CA  . THR A 1 106 ? -20.476 4.220   -9.539  1.00 20.09 ? 106 THR A CA  1 
ATOM   795  C C   . THR A 1 106 ? -20.702 3.589   -8.171  1.00 19.62 ? 106 THR A C   1 
ATOM   796  O O   . THR A 1 106 ? -19.746 3.183   -7.513  1.00 19.51 ? 106 THR A O   1 
ATOM   797  C CB  . THR A 1 106 ? -20.972 3.244   -10.623 1.00 21.22 ? 106 THR A CB  1 
ATOM   798  O OG1 . THR A 1 106 ? -20.176 2.054   -10.594 1.00 23.90 ? 106 THR A OG1 1 
ATOM   799  C CG2 . THR A 1 106 ? -20.879 3.881   -12.000 1.00 13.21 ? 106 THR A CG2 1 
ATOM   800  N N   . GLU A 1 107 ? -21.955 3.509   -7.742  1.00 25.71 ? 107 GLU A N   1 
ATOM   801  C CA  . GLU A 1 107 ? -22.260 2.919   -6.446  1.00 32.39 ? 107 GLU A CA  1 
ATOM   802  C C   . GLU A 1 107 ? -21.866 1.446   -6.421  1.00 28.73 ? 107 GLU A C   1 
ATOM   803  O O   . GLU A 1 107 ? -21.477 0.916   -5.381  1.00 27.39 ? 107 GLU A O   1 
ATOM   804  C CB  . GLU A 1 107 ? -23.751 3.064   -6.130  1.00 41.19 ? 107 GLU A CB  1 
ATOM   805  C CG  . GLU A 1 107 ? -24.054 3.217   -4.645  1.00 52.30 ? 107 GLU A CG  1 
ATOM   806  C CD  . GLU A 1 107 ? -23.754 4.613   -4.126  1.00 56.13 ? 107 GLU A CD  1 
ATOM   807  O OE1 . GLU A 1 107 ? -22.581 5.038   -4.195  1.00 58.68 ? 107 GLU A OE1 1 
ATOM   808  O OE2 . GLU A 1 107 ? -24.692 5.286   -3.647  1.00 61.67 ? 107 GLU A OE2 1 
ATOM   809  N N   . GLU A 1 108 ? -21.963 0.793   -7.573  1.00 27.04 ? 108 GLU A N   1 
ATOM   810  C CA  . GLU A 1 108 ? -21.619 -0.620  -7.680  1.00 27.22 ? 108 GLU A CA  1 
ATOM   811  C C   . GLU A 1 108 ? -20.112 -0.828  -7.644  1.00 23.27 ? 108 GLU A C   1 
ATOM   812  O O   . GLU A 1 108 ? -19.631 -1.837  -7.131  1.00 23.09 ? 108 GLU A O   1 
ATOM   813  C CB  . GLU A 1 108 ? -22.184 -1.204  -8.975  1.00 36.29 ? 108 GLU A CB  1 
ATOM   814  C CG  . GLU A 1 108 ? -22.011 -2.705  -9.091  1.00 43.73 ? 108 GLU A CG  1 
ATOM   815  C CD  . GLU A 1 108 ? -23.183 -3.371  -9.776  1.00 52.39 ? 108 GLU A CD  1 
ATOM   816  O OE1 . GLU A 1 108 ? -23.895 -2.685  -10.538 1.00 56.95 ? 108 GLU A OE1 1 
ATOM   817  O OE2 . GLU A 1 108 ? -23.392 -4.583  -9.552  1.00 56.94 ? 108 GLU A OE2 1 
ATOM   818  N N   . ARG A 1 109 ? -19.368 0.126   -8.196  1.00 23.40 ? 109 ARG A N   1 
ATOM   819  C CA  . ARG A 1 109 ? -17.912 0.039   -8.213  1.00 18.52 ? 109 ARG A CA  1 
ATOM   820  C C   . ARG A 1 109 ? -17.356 0.330   -6.824  1.00 15.04 ? 109 ARG A C   1 
ATOM   821  O O   . ARG A 1 109 ? -16.378 -0.281  -6.397  1.00 12.46 ? 109 ARG A O   1 
ATOM   822  C CB  . ARG A 1 109 ? -17.332 1.031   -9.225  1.00 19.41 ? 109 ARG A CB  1 
ATOM   823  C CG  . ARG A 1 109 ? -15.832 0.883   -9.456  1.00 25.17 ? 109 ARG A CG  1 
ATOM   824  C CD  . ARG A 1 109 ? -15.452 -0.545  -9.840  1.00 26.24 ? 109 ARG A CD  1 
ATOM   825  N NE  . ARG A 1 109 ? -14.009 -0.697  -10.020 1.00 28.76 ? 109 ARG A NE  1 
ATOM   826  C CZ  . ARG A 1 109 ? -13.384 -1.866  -10.130 1.00 26.90 ? 109 ARG A CZ  1 
ATOM   827  N NH1 . ARG A 1 109 ? -14.070 -2.999  -10.078 1.00 25.83 ? 109 ARG A NH1 1 
ATOM   828  N NH2 . ARG A 1 109 ? -12.069 -1.903  -10.295 1.00 25.34 ? 109 ARG A NH2 1 
ATOM   829  N N   . ARG A 1 110 ? -17.986 1.268   -6.124  1.00 13.69 ? 110 ARG A N   1 
ATOM   830  C CA  . ARG A 1 110 ? -17.562 1.629   -4.778  1.00 16.87 ? 110 ARG A CA  1 
ATOM   831  C C   . ARG A 1 110 ? -17.671 0.403   -3.886  1.00 14.78 ? 110 ARG A C   1 
ATOM   832  O O   . ARG A 1 110 ? -16.795 0.135   -3.068  1.00 12.53 ? 110 ARG A O   1 
ATOM   833  C CB  . ARG A 1 110 ? -18.448 2.743   -4.219  1.00 19.82 ? 110 ARG A CB  1 
ATOM   834  C CG  . ARG A 1 110 ? -17.988 4.146   -4.579  1.00 25.88 ? 110 ARG A CG  1 
ATOM   835  C CD  . ARG A 1 110 ? -19.036 5.181   -4.204  1.00 24.61 ? 110 ARG A CD  1 
ATOM   836  N NE  . ARG A 1 110 ? -19.468 5.960   -5.359  1.00 24.27 ? 110 ARG A NE  1 
ATOM   837  C CZ  . ARG A 1 110 ? -19.284 7.269   -5.489  1.00 26.86 ? 110 ARG A CZ  1 
ATOM   838  N NH1 . ARG A 1 110 ? -18.675 7.955   -4.533  1.00 35.01 ? 110 ARG A NH1 1 
ATOM   839  N NH2 . ARG A 1 110 ? -19.706 7.895   -6.579  1.00 28.68 ? 110 ARG A NH2 1 
ATOM   840  N N   . LYS A 1 111 ? -18.760 -0.338  -4.054  1.00 17.25 ? 111 LYS A N   1 
ATOM   841  C CA  . LYS A 1 111 ? -18.989 -1.545  -3.275  1.00 19.29 ? 111 LYS A CA  1 
ATOM   842  C C   . LYS A 1 111 ? -17.910 -2.561  -3.612  1.00 21.71 ? 111 LYS A C   1 
ATOM   843  O O   . LYS A 1 111 ? -17.248 -3.101  -2.724  1.00 25.49 ? 111 LYS A O   1 
ATOM   844  C CB  . LYS A 1 111 ? -20.362 -2.131  -3.598  1.00 21.13 ? 111 LYS A CB  1 
ATOM   845  C CG  . LYS A 1 111 ? -21.518 -1.178  -3.361  1.00 31.04 ? 111 LYS A CG  1 
ATOM   846  C CD  . LYS A 1 111 ? -22.857 -1.871  -3.568  1.00 35.10 ? 111 LYS A CD  1 
ATOM   847  C CE  . LYS A 1 111 ? -23.132 -2.140  -5.042  1.00 38.77 ? 111 LYS A CE  1 
ATOM   848  N NZ  . LYS A 1 111 ? -24.560 -2.487  -5.297  1.00 35.38 ? 111 LYS A NZ  1 
ATOM   849  N N   . ASP A 1 112 ? -17.743 -2.808  -4.907  1.00 21.25 ? 112 ASP A N   1 
ATOM   850  C CA  . ASP A 1 112 ? -16.753 -3.756  -5.406  1.00 23.37 ? 112 ASP A CA  1 
ATOM   851  C C   . ASP A 1 112 ? -15.347 -3.431  -4.910  1.00 20.32 ? 112 ASP A C   1 
ATOM   852  O O   . ASP A 1 112 ? -14.621 -4.313  -4.457  1.00 22.16 ? 112 ASP A O   1 
ATOM   853  C CB  . ASP A 1 112 ? -16.764 -3.760  -6.939  1.00 28.48 ? 112 ASP A CB  1 
ATOM   854  C CG  . ASP A 1 112 ? -17.855 -4.646  -7.515  1.00 33.86 ? 112 ASP A CG  1 
ATOM   855  O OD1 . ASP A 1 112 ? -18.874 -4.869  -6.825  1.00 38.25 ? 112 ASP A OD1 1 
ATOM   856  O OD2 . ASP A 1 112 ? -17.692 -5.120  -8.660  1.00 33.54 ? 112 ASP A OD2 1 
ATOM   857  N N   . LEU A 1 113 ? -14.969 -2.161  -4.999  1.00 19.55 ? 113 LEU A N   1 
ATOM   858  C CA  . LEU A 1 113 ? -13.649 -1.733  -4.559  1.00 16.52 ? 113 LEU A CA  1 
ATOM   859  C C   . LEU A 1 113 ? -13.512 -1.802  -3.041  1.00 14.39 ? 113 LEU A C   1 
ATOM   860  O O   . LEU A 1 113 ? -12.422 -2.034  -2.523  1.00 14.37 ? 113 LEU A O   1 
ATOM   861  C CB  . LEU A 1 113 ? -13.372 -0.308  -5.044  1.00 16.35 ? 113 LEU A CB  1 
ATOM   862  C CG  . LEU A 1 113 ? -13.023 -0.186  -6.530  1.00 11.52 ? 113 LEU A CG  1 
ATOM   863  C CD1 . LEU A 1 113 ? -13.009 1.278   -6.937  1.00 11.72 ? 113 LEU A CD1 1 
ATOM   864  C CD2 . LEU A 1 113 ? -11.669 -0.823  -6.789  1.00 17.84 ? 113 LEU A CD2 1 
ATOM   865  N N   . THR A 1 114 ? -14.619 -1.600  -2.331  1.00 14.00 ? 114 THR A N   1 
ATOM   866  C CA  . THR A 1 114 ? -14.600 -1.651  -0.873  1.00 15.24 ? 114 THR A CA  1 
ATOM   867  C C   . THR A 1 114 ? -14.324 -3.072  -0.398  1.00 17.64 ? 114 THR A C   1 
ATOM   868  O O   . THR A 1 114 ? -13.589 -3.282  0.566   1.00 20.47 ? 114 THR A O   1 
ATOM   869  C CB  . THR A 1 114 ? -15.938 -1.178  -0.274  1.00 13.32 ? 114 THR A CB  1 
ATOM   870  O OG1 . THR A 1 114 ? -16.113 0.219   -0.539  1.00 14.90 ? 114 THR A OG1 1 
ATOM   871  C CG2 . THR A 1 114 ? -15.953 -1.396  1.230   1.00 12.21 ? 114 THR A CG2 1 
ATOM   872  N N   . LYS A 1 115 ? -14.914 -4.045  -1.084  1.00 21.63 ? 115 LYS A N   1 
ATOM   873  C CA  . LYS A 1 115 ? -14.726 -5.447  -0.738  1.00 22.31 ? 115 LYS A CA  1 
ATOM   874  C C   . LYS A 1 115 ? -13.256 -5.835  -0.877  1.00 19.04 ? 115 LYS A C   1 
ATOM   875  O O   . LYS A 1 115 ? -12.694 -6.489  0.001   1.00 21.04 ? 115 LYS A O   1 
ATOM   876  C CB  . LYS A 1 115 ? -15.579 -6.333  -1.649  1.00 25.49 ? 115 LYS A CB  1 
ATOM   877  C CG  . LYS A 1 115 ? -17.076 -6.099  -1.519  1.00 37.39 ? 115 LYS A CG  1 
ATOM   878  C CD  . LYS A 1 115 ? -17.862 -6.996  -2.463  1.00 39.18 ? 115 LYS A CD  1 
ATOM   879  C CE  . LYS A 1 115 ? -19.305 -7.152  -2.010  1.00 41.22 ? 115 LYS A CE  1 
ATOM   880  N NZ  . LYS A 1 115 ? -20.267 -6.593  -2.999  1.00 38.49 ? 115 LYS A NZ  1 
ATOM   881  N N   . ILE A 1 116 ? -12.641 -5.421  -1.980  1.00 17.51 ? 116 ILE A N   1 
ATOM   882  C CA  . ILE A 1 116 ? -11.237 -5.723  -2.258  1.00 16.28 ? 116 ILE A CA  1 
ATOM   883  C C   . ILE A 1 116 ? -10.286 -5.180  -1.193  1.00 14.96 ? 116 ILE A C   1 
ATOM   884  O O   . ILE A 1 116 ? -9.336  -5.857  -0.799  1.00 9.88  ? 116 ILE A O   1 
ATOM   885  C CB  . ILE A 1 116 ? -10.803 -5.150  -3.628  1.00 25.53 ? 116 ILE A CB  1 
ATOM   886  C CG1 . ILE A 1 116 ? -11.786 -5.585  -4.716  1.00 24.47 ? 116 ILE A CG1 1 
ATOM   887  C CG2 . ILE A 1 116 ? -9.397  -5.625  -3.969  1.00 24.68 ? 116 ILE A CG2 1 
ATOM   888  C CD1 . ILE A 1 116 ? -11.611 -4.845  -6.028  1.00 26.03 ? 116 ILE A CD1 1 
ATOM   889  N N   . VAL A 1 117 ? -10.528 -3.955  -0.738  1.00 16.28 ? 117 VAL A N   1 
ATOM   890  C CA  . VAL A 1 117 ? -9.672  -3.352  0.278   1.00 17.31 ? 117 VAL A CA  1 
ATOM   891  C C   . VAL A 1 117 ? -9.875  -4.049  1.619   1.00 14.66 ? 117 VAL A C   1 
ATOM   892  O O   . VAL A 1 117 ? -8.926  -4.242  2.382   1.00 10.88 ? 117 VAL A O   1 
ATOM   893  C CB  . VAL A 1 117 ? -9.964  -1.843  0.436   1.00 17.13 ? 117 VAL A CB  1 
ATOM   894  C CG1 . VAL A 1 117 ? -9.193  -1.278  1.624   1.00 16.38 ? 117 VAL A CG1 1 
ATOM   895  C CG2 . VAL A 1 117 ? -9.571  -1.110  -0.838  1.00 22.00 ? 117 VAL A CG2 1 
ATOM   896  N N   . ARG A 1 118 ? -11.115 -4.431  1.900   1.00 12.65 ? 118 ARG A N   1 
ATOM   897  C CA  . ARG A 1 118 ? -11.433 -5.113  3.145   1.00 14.93 ? 118 ARG A CA  1 
ATOM   898  C C   . ARG A 1 118 ? -10.802 -6.500  3.149   1.00 18.05 ? 118 ARG A C   1 
ATOM   899  O O   . ARG A 1 118 ? -10.491 -7.049  4.205   1.00 20.80 ? 118 ARG A O   1 
ATOM   900  C CB  . ARG A 1 118 ? -12.947 -5.230  3.308   1.00 11.04 ? 118 ARG A CB  1 
ATOM   901  C CG  . ARG A 1 118 ? -13.561 -4.103  4.108   1.00 8.82  ? 118 ARG A CG  1 
ATOM   902  C CD  . ARG A 1 118 ? -15.072 -4.209  4.117   1.00 12.82 ? 118 ARG A CD  1 
ATOM   903  N NE  . ARG A 1 118 ? -15.700 -2.989  4.620   1.00 17.34 ? 118 ARG A NE  1 
ATOM   904  C CZ  . ARG A 1 118 ? -17.011 -2.774  4.623   1.00 17.70 ? 118 ARG A CZ  1 
ATOM   905  N NH1 . ARG A 1 118 ? -17.837 -3.699  4.150   1.00 22.10 ? 118 ARG A NH1 1 
ATOM   906  N NH2 . ARG A 1 118 ? -17.498 -1.638  5.100   1.00 25.37 ? 118 ARG A NH2 1 
ATOM   907  N N   . GLY A 1 119 ? -10.610 -7.057  1.957   1.00 20.71 ? 119 GLY A N   1 
ATOM   908  C CA  . GLY A 1 119 ? -10.011 -8.375  1.839   1.00 20.65 ? 119 GLY A CA  1 
ATOM   909  C C   . GLY A 1 119 ? -8.509  -8.336  2.037   1.00 18.72 ? 119 GLY A C   1 
ATOM   910  O O   . GLY A 1 119 ? -7.932  -9.233  2.651   1.00 25.11 ? 119 GLY A O   1 
ATOM   911  N N   . GLU A 1 120 ? -7.869  -7.295  1.515   1.00 18.18 ? 120 GLU A N   1 
ATOM   912  C CA  . GLU A 1 120 ? -6.425  -7.149  1.650   1.00 18.85 ? 120 GLU A CA  1 
ATOM   913  C C   . GLU A 1 120 ? -6.076  -6.833  3.098   1.00 17.64 ? 120 GLU A C   1 
ATOM   914  O O   . GLU A 1 120 ? -4.992  -7.170  3.576   1.00 14.03 ? 120 GLU A O   1 
ATOM   915  C CB  . GLU A 1 120 ? -5.918  -6.026  0.746   1.00 20.29 ? 120 GLU A CB  1 
ATOM   916  C CG  . GLU A 1 120 ? -6.063  -6.306  -0.738  1.00 31.45 ? 120 GLU A CG  1 
ATOM   917  C CD  . GLU A 1 120 ? -5.957  -5.047  -1.573  1.00 40.19 ? 120 GLU A CD  1 
ATOM   918  O OE1 . GLU A 1 120 ? -5.613  -5.152  -2.771  1.00 47.55 ? 120 GLU A OE1 1 
ATOM   919  O OE2 . GLU A 1 120 ? -6.215  -3.951  -1.031  1.00 43.39 ? 120 GLU A OE2 1 
ATOM   920  N N   . ALA A 1 121 ? -7.007  -6.182  3.790   1.00 16.67 ? 121 ALA A N   1 
ATOM   921  C CA  . ALA A 1 121 ? -6.812  -5.816  5.188   1.00 16.43 ? 121 ALA A CA  1 
ATOM   922  C C   . ALA A 1 121 ? -6.793  -7.056  6.080   1.00 11.15 ? 121 ALA A C   1 
ATOM   923  O O   . ALA A 1 121 ? -5.929  -7.191  6.948   1.00 8.86  ? 121 ALA A O   1 
ATOM   924  C CB  . ALA A 1 121 ? -7.917  -4.864  5.632   1.00 14.05 ? 121 ALA A CB  1 
ATOM   925  N N   . GLU A 1 122 ? -7.743  -7.959  5.864   1.00 8.74  ? 122 GLU A N   1 
ATOM   926  C CA  . GLU A 1 122 ? -7.815  -9.185  6.653   1.00 13.56 ? 122 GLU A CA  1 
ATOM   927  C C   . GLU A 1 122 ? -6.548  -10.002 6.425   1.00 12.47 ? 122 GLU A C   1 
ATOM   928  O O   . GLU A 1 122 ? -6.016  -10.621 7.346   1.00 11.90 ? 122 GLU A O   1 
ATOM   929  C CB  . GLU A 1 122 ? -9.043  -10.006 6.255   1.00 13.62 ? 122 GLU A CB  1 
ATOM   930  C CG  . GLU A 1 122 ? -9.306  -11.201 7.162   1.00 26.20 ? 122 GLU A CG  1 
ATOM   931  C CD  . GLU A 1 122 ? -9.243  -10.848 8.637   1.00 27.49 ? 122 GLU A CD  1 
ATOM   932  O OE1 . GLU A 1 122 ? -8.397  -11.423 9.351   1.00 35.80 ? 122 GLU A OE1 1 
ATOM   933  O OE2 . GLU A 1 122 ? -10.040 -9.998  9.085   1.00 29.47 ? 122 GLU A OE2 1 
ATOM   934  N N   . GLN A 1 123 ? -6.071  -9.994  5.185   1.00 13.83 ? 123 GLN A N   1 
ATOM   935  C CA  . GLN A 1 123 ? -4.859  -10.715 4.822   1.00 13.58 ? 123 GLN A CA  1 
ATOM   936  C C   . GLN A 1 123 ? -3.666  -10.063 5.522   1.00 13.09 ? 123 GLN A C   1 
ATOM   937  O O   . GLN A 1 123 ? -2.746  -10.745 5.972   1.00 9.89  ? 123 GLN A O   1 
ATOM   938  C CB  . GLN A 1 123 ? -4.670  -10.684 3.301   1.00 17.45 ? 123 GLN A CB  1 
ATOM   939  C CG  . GLN A 1 123 ? -3.434  -11.409 2.802   1.00 27.76 ? 123 GLN A CG  1 
ATOM   940  C CD  . GLN A 1 123 ? -2.936  -10.861 1.477   1.00 37.30 ? 123 GLN A CD  1 
ATOM   941  O OE1 . GLN A 1 123 ? -1.906  -10.188 1.416   1.00 40.69 ? 123 GLN A OE1 1 
ATOM   942  N NE2 . GLN A 1 123 ? -3.669  -11.147 0.405   1.00 36.52 ? 123 GLN A NE2 1 
ATOM   943  N N   . ALA A 1 124 ? -3.692  -8.736  5.618   1.00 14.16 ? 124 ALA A N   1 
ATOM   944  C CA  . ALA A 1 124 ? -2.617  -8.004  6.275   1.00 11.41 ? 124 ALA A CA  1 
ATOM   945  C C   . ALA A 1 124 ? -2.689  -8.245  7.779   1.00 13.97 ? 124 ALA A C   1 
ATOM   946  O O   . ALA A 1 124 ? -1.664  -8.316  8.455   1.00 13.02 ? 124 ALA A O   1 
ATOM   947  C CB  . ALA A 1 124 ? -2.738  -6.520  5.980   1.00 14.39 ? 124 ALA A CB  1 
ATOM   948  N N   . ARG A 1 125 ? -3.908  -8.369  8.295   1.00 14.41 ? 125 ARG A N   1 
ATOM   949  C CA  . ARG A 1 125 ? -4.123  -8.604  9.718   1.00 12.61 ? 125 ARG A CA  1 
ATOM   950  C C   . ARG A 1 125 ? -3.634  -9.994  10.104  1.00 13.22 ? 125 ARG A C   1 
ATOM   951  O O   . ARG A 1 125 ? -3.047  -10.183 11.170  1.00 9.00  ? 125 ARG A O   1 
ATOM   952  C CB  . ARG A 1 125 ? -5.611  -8.465  10.056  1.00 15.89 ? 125 ARG A CB  1 
ATOM   953  C CG  . ARG A 1 125 ? -6.055  -7.033  10.312  1.00 11.10 ? 125 ARG A CG  1 
ATOM   954  C CD  . ARG A 1 125 ? -7.403  -6.986  11.011  1.00 17.26 ? 125 ARG A CD  1 
ATOM   955  N NE  . ARG A 1 125 ? -8.459  -7.579  10.198  1.00 16.16 ? 125 ARG A NE  1 
ATOM   956  C CZ  . ARG A 1 125 ? -9.296  -6.886  9.433   1.00 15.88 ? 125 ARG A CZ  1 
ATOM   957  N NH1 . ARG A 1 125 ? -9.215  -5.564  9.376   1.00 14.51 ? 125 ARG A NH1 1 
ATOM   958  N NH2 . ARG A 1 125 ? -10.216 -7.518  8.720   1.00 16.74 ? 125 ARG A NH2 1 
ATOM   959  N N   . VAL A 1 126 ? -3.876  -10.963 9.228   1.00 11.57 ? 126 VAL A N   1 
ATOM   960  C CA  . VAL A 1 126 ? -3.455  -12.340 9.473   1.00 11.44 ? 126 VAL A CA  1 
ATOM   961  C C   . VAL A 1 126 ? -1.932  -12.459 9.444   1.00 9.71  ? 126 VAL A C   1 
ATOM   962  O O   . VAL A 1 126 ? -1.351  -13.253 10.179  1.00 11.33 ? 126 VAL A O   1 
ATOM   963  C CB  . VAL A 1 126 ? -4.052  -13.293 8.421   1.00 6.47  ? 126 VAL A CB  1 
ATOM   964  C CG1 . VAL A 1 126 ? -3.409  -14.664 8.532   1.00 7.57  ? 126 VAL A CG1 1 
ATOM   965  C CG2 . VAL A 1 126 ? -5.556  -13.392 8.612   1.00 4.97  ? 126 VAL A CG2 1 
ATOM   966  N N   . ALA A 1 127 ? -1.293  -11.661 8.593   1.00 13.73 ? 127 ALA A N   1 
ATOM   967  C CA  . ALA A 1 127 ? 0.161   -11.668 8.473   1.00 12.56 ? 127 ALA A CA  1 
ATOM   968  C C   . ALA A 1 127 ? 0.792   -11.149 9.759   1.00 12.61 ? 127 ALA A C   1 
ATOM   969  O O   . ALA A 1 127 ? 1.801   -11.676 10.226  1.00 15.84 ? 127 ALA A O   1 
ATOM   970  C CB  . ALA A 1 127 ? 0.594   -10.803 7.295   1.00 14.63 ? 127 ALA A CB  1 
ATOM   971  N N   . VAL A 1 128 ? 0.187   -10.109 10.325  1.00 10.85 ? 128 VAL A N   1 
ATOM   972  C CA  . VAL A 1 128 ? 0.676   -9.507  11.561  1.00 13.56 ? 128 VAL A CA  1 
ATOM   973  C C   . VAL A 1 128 ? 0.570   -10.496 12.722  1.00 11.03 ? 128 VAL A C   1 
ATOM   974  O O   . VAL A 1 128 ? 1.470   -10.583 13.557  1.00 10.48 ? 128 VAL A O   1 
ATOM   975  C CB  . VAL A 1 128 ? -0.125  -8.223  11.908  1.00 14.98 ? 128 VAL A CB  1 
ATOM   976  C CG1 . VAL A 1 128 ? 0.171   -7.786  13.331  1.00 12.41 ? 128 VAL A CG1 1 
ATOM   977  C CG2 . VAL A 1 128 ? 0.235   -7.108  10.934  1.00 8.47  ? 128 VAL A CG2 1 
ATOM   978  N N   . ARG A 1 129 ? -0.530  -11.240 12.772  1.00 12.07 ? 129 ARG A N   1 
ATOM   979  C CA  . ARG A 1 129 ? -0.727  -12.222 13.832  1.00 13.79 ? 129 ARG A CA  1 
ATOM   980  C C   . ARG A 1 129 ? 0.295   -13.338 13.685  1.00 10.74 ? 129 ARG A C   1 
ATOM   981  O O   . ARG A 1 129 ? 0.898   -13.778 14.663  1.00 12.04 ? 129 ARG A O   1 
ATOM   982  C CB  . ARG A 1 129 ? -2.137  -12.809 13.764  1.00 9.80  ? 129 ARG A CB  1 
ATOM   983  C CG  . ARG A 1 129 ? -3.217  -11.869 14.249  1.00 9.30  ? 129 ARG A CG  1 
ATOM   984  C CD  . ARG A 1 129 ? -4.589  -12.325 13.791  1.00 12.44 ? 129 ARG A CD  1 
ATOM   985  N NE  . ARG A 1 129 ? -5.588  -11.280 13.983  1.00 7.00  ? 129 ARG A NE  1 
ATOM   986  C CZ  . ARG A 1 129 ? -6.625  -11.085 13.178  1.00 6.57  ? 129 ARG A CZ  1 
ATOM   987  N NH1 . ARG A 1 129 ? -6.800  -11.865 12.121  1.00 6.26  ? 129 ARG A NH1 1 
ATOM   988  N NH2 . ARG A 1 129 ? -7.482  -10.105 13.429  1.00 9.48  ? 129 ARG A NH2 1 
ATOM   989  N N   . ASN A 1 130 ? 0.488   -13.791 12.452  1.00 8.87  ? 130 ASN A N   1 
ATOM   990  C CA  . ASN A 1 130 ? 1.438   -14.853 12.167  1.00 10.11 ? 130 ASN A CA  1 
ATOM   991  C C   . ASN A 1 130 ? 2.840   -14.431 12.570  1.00 8.33  ? 130 ASN A C   1 
ATOM   992  O O   . ASN A 1 130 ? 3.652   -15.262 12.969  1.00 13.82 ? 130 ASN A O   1 
ATOM   993  C CB  . ASN A 1 130 ? 1.396   -15.206 10.683  1.00 11.50 ? 130 ASN A CB  1 
ATOM   994  C CG  . ASN A 1 130 ? 0.218   -16.090 10.338  1.00 11.95 ? 130 ASN A CG  1 
ATOM   995  O OD1 . ASN A 1 130 ? -0.452  -16.614 11.226  1.00 14.12 ? 130 ASN A OD1 1 
ATOM   996  N ND2 . ASN A 1 130 ? -0.041  -16.261 9.047   1.00 11.78 ? 130 ASN A ND2 1 
ATOM   997  N N   . VAL A 1 131 ? 3.124   -13.135 12.465  1.00 12.45 ? 131 VAL A N   1 
ATOM   998  C CA  . VAL A 1 131 ? 4.432   -12.622 12.850  1.00 10.26 ? 131 VAL A CA  1 
ATOM   999  C C   . VAL A 1 131 ? 4.538   -12.710 14.369  1.00 11.99 ? 131 VAL A C   1 
ATOM   1000 O O   . VAL A 1 131 ? 5.583   -13.071 14.909  1.00 12.70 ? 131 VAL A O   1 
ATOM   1001 C CB  . VAL A 1 131 ? 4.625   -11.152 12.420  1.00 13.79 ? 131 VAL A CB  1 
ATOM   1002 C CG1 . VAL A 1 131 ? 5.823   -10.553 13.149  1.00 11.85 ? 131 VAL A CG1 1 
ATOM   1003 C CG2 . VAL A 1 131 ? 4.828   -11.071 10.915  1.00 11.43 ? 131 VAL A CG2 1 
ATOM   1004 N N   . GLY A 1 132 ? 3.444   -12.377 15.051  1.00 11.40 ? 132 GLY A N   1 
ATOM   1005 C CA  . GLY A 1 132 ? 3.430   -12.436 16.500  1.00 13.18 ? 132 GLY A CA  1 
ATOM   1006 C C   . GLY A 1 132 ? 3.443   -13.869 16.989  1.00 15.24 ? 132 GLY A C   1 
ATOM   1007 O O   . GLY A 1 132 ? 4.111   -14.195 17.970  1.00 16.07 ? 132 GLY A O   1 
ATOM   1008 N N   . ARG A 1 133 ? 2.704   -14.731 16.297  1.00 16.58 ? 133 ARG A N   1 
ATOM   1009 C CA  . ARG A 1 133 ? 2.627   -16.141 16.654  1.00 19.71 ? 133 ARG A CA  1 
ATOM   1010 C C   . ARG A 1 133 ? 4.002   -16.799 16.598  1.00 19.17 ? 133 ARG A C   1 
ATOM   1011 O O   . ARG A 1 133 ? 4.332   -17.620 17.451  1.00 20.08 ? 133 ARG A O   1 
ATOM   1012 C CB  . ARG A 1 133 ? 1.664   -16.874 15.712  1.00 24.58 ? 133 ARG A CB  1 
ATOM   1013 C CG  . ARG A 1 133 ? 1.581   -18.375 15.951  1.00 29.01 ? 133 ARG A CG  1 
ATOM   1014 C CD  . ARG A 1 133 ? 0.616   -19.035 14.978  1.00 22.18 ? 133 ARG A CD  1 
ATOM   1015 N NE  . ARG A 1 133 ? -0.766  -18.640 15.237  1.00 18.21 ? 133 ARG A NE  1 
ATOM   1016 C CZ  . ARG A 1 133 ? -1.506  -19.122 16.230  1.00 18.54 ? 133 ARG A CZ  1 
ATOM   1017 N NH1 . ARG A 1 133 ? -2.755  -18.707 16.391  1.00 15.56 ? 133 ARG A NH1 1 
ATOM   1018 N NH2 . ARG A 1 133 ? -0.998  -20.021 17.061  1.00 14.86 ? 133 ARG A NH2 1 
ATOM   1019 N N   . ASP A 1 134 ? 4.801   -16.441 15.598  1.00 19.49 ? 134 ASP A N   1 
ATOM   1020 C CA  . ASP A 1 134 ? 6.136   -17.015 15.461  1.00 22.75 ? 134 ASP A CA  1 
ATOM   1021 C C   . ASP A 1 134 ? 7.100   -16.463 16.508  1.00 19.81 ? 134 ASP A C   1 
ATOM   1022 O O   . ASP A 1 134 ? 8.039   -17.144 16.920  1.00 19.58 ? 134 ASP A O   1 
ATOM   1023 C CB  . ASP A 1 134 ? 6.693   -16.760 14.056  1.00 33.15 ? 134 ASP A CB  1 
ATOM   1024 C CG  . ASP A 1 134 ? 6.917   -15.289 13.769  1.00 44.70 ? 134 ASP A CG  1 
ATOM   1025 O OD1 . ASP A 1 134 ? 7.757   -14.661 14.449  1.00 55.19 ? 134 ASP A OD1 1 
ATOM   1026 O OD2 . ASP A 1 134 ? 6.252   -14.759 12.856  1.00 54.93 ? 134 ASP A OD2 1 
ATOM   1027 N N   . ALA A 1 135 ? 6.869   -15.225 16.933  1.00 17.93 ? 135 ALA A N   1 
ATOM   1028 C CA  . ALA A 1 135 ? 7.717   -14.604 17.944  1.00 16.08 ? 135 ALA A CA  1 
ATOM   1029 C C   . ALA A 1 135 ? 7.458   -15.304 19.271  1.00 16.71 ? 135 ALA A C   1 
ATOM   1030 O O   . ALA A 1 135 ? 8.353   -15.432 20.108  1.00 14.45 ? 135 ALA A O   1 
ATOM   1031 C CB  . ALA A 1 135 ? 7.397   -13.118 18.061  1.00 19.05 ? 135 ALA A CB  1 
ATOM   1032 N N   . ASN A 1 136 ? 6.221   -15.757 19.451  1.00 13.72 ? 136 ASN A N   1 
ATOM   1033 C CA  . ASN A 1 136 ? 5.823   -16.458 20.662  1.00 14.70 ? 136 ASN A CA  1 
ATOM   1034 C C   . ASN A 1 136 ? 6.390   -17.877 20.649  1.00 13.11 ? 136 ASN A C   1 
ATOM   1035 O O   . ASN A 1 136 ? 6.829   -18.385 21.680  1.00 11.97 ? 136 ASN A O   1 
ATOM   1036 C CB  . ASN A 1 136 ? 4.296   -16.507 20.766  1.00 13.53 ? 136 ASN A CB  1 
ATOM   1037 C CG  . ASN A 1 136 ? 3.701   -15.191 21.241  1.00 17.70 ? 136 ASN A CG  1 
ATOM   1038 O OD1 . ASN A 1 136 ? 2.506   -14.938 21.074  1.00 17.31 ? 136 ASN A OD1 1 
ATOM   1039 N ND2 . ASN A 1 136 ? 4.535   -14.347 21.836  1.00 17.28 ? 136 ASN A ND2 1 
ATOM   1040 N N   . ASP A 1 137 ? 6.381   -18.507 19.478  1.00 17.26 ? 137 ASP A N   1 
ATOM   1041 C CA  . ASP A 1 137 ? 6.902   -19.863 19.327  1.00 18.37 ? 137 ASP A CA  1 
ATOM   1042 C C   . ASP A 1 137 ? 8.385   -19.885 19.685  1.00 19.10 ? 137 ASP A C   1 
ATOM   1043 O O   . ASP A 1 137 ? 8.887   -20.865 20.235  1.00 18.22 ? 137 ASP A O   1 
ATOM   1044 C CB  . ASP A 1 137 ? 6.717   -20.350 17.886  1.00 24.05 ? 137 ASP A CB  1 
ATOM   1045 C CG  . ASP A 1 137 ? 5.261   -20.339 17.447  1.00 36.50 ? 137 ASP A CG  1 
ATOM   1046 O OD1 . ASP A 1 137 ? 5.005   -20.395 16.225  1.00 40.29 ? 137 ASP A OD1 1 
ATOM   1047 O OD2 . ASP A 1 137 ? 4.374   -20.274 18.324  1.00 38.64 ? 137 ASP A OD2 1 
ATOM   1048 N N   . LYS A 1 138 ? 9.078   -18.796 19.366  1.00 19.17 ? 138 LYS A N   1 
ATOM   1049 C CA  . LYS A 1 138 ? 10.505  -18.671 19.647  1.00 19.69 ? 138 LYS A CA  1 
ATOM   1050 C C   . LYS A 1 138 ? 10.748  -18.521 21.146  1.00 17.17 ? 138 LYS A C   1 
ATOM   1051 O O   . LYS A 1 138 ? 11.700  -19.081 21.688  1.00 19.12 ? 138 LYS A O   1 
ATOM   1052 C CB  . LYS A 1 138 ? 11.087  -17.459 18.912  1.00 19.72 ? 138 LYS A CB  1 
ATOM   1053 C CG  . LYS A 1 138 ? 10.998  -17.545 17.398  1.00 23.54 ? 138 LYS A CG  1 
ATOM   1054 C CD  . LYS A 1 138 ? 12.086  -16.716 16.737  1.00 27.25 ? 138 LYS A CD  1 
ATOM   1055 C CE  . LYS A 1 138 ? 11.620  -16.131 15.417  1.00 24.37 ? 138 LYS A CE  1 
ATOM   1056 N NZ  . LYS A 1 138 ? 12.485  -14.997 14.986  1.00 31.19 ? 138 LYS A NZ  1 
ATOM   1057 N N   . VAL A 1 139 ? 9.885   -17.754 21.805  1.00 15.75 ? 139 VAL A N   1 
ATOM   1058 C CA  . VAL A 1 139 ? 9.990   -17.526 23.242  1.00 14.33 ? 139 VAL A CA  1 
ATOM   1059 C C   . VAL A 1 139 ? 9.635   -18.808 23.993  1.00 16.20 ? 139 VAL A C   1 
ATOM   1060 O O   . VAL A 1 139 ? 10.274  -19.155 24.988  1.00 12.08 ? 139 VAL A O   1 
ATOM   1061 C CB  . VAL A 1 139 ? 9.040   -16.393 23.693  1.00 15.44 ? 139 VAL A CB  1 
ATOM   1062 C CG1 . VAL A 1 139 ? 9.135   -16.194 25.193  1.00 13.15 ? 139 VAL A CG1 1 
ATOM   1063 C CG2 . VAL A 1 139 ? 9.392   -15.105 22.966  1.00 13.60 ? 139 VAL A CG2 1 
ATOM   1064 N N   . LYS A 1 140 ? 8.613   -19.505 23.508  1.00 15.88 ? 140 LYS A N   1 
ATOM   1065 C CA  . LYS A 1 140 ? 8.181   -20.752 24.125  1.00 20.42 ? 140 LYS A CA  1 
ATOM   1066 C C   . LYS A 1 140 ? 9.328   -21.751 24.095  1.00 24.19 ? 140 LYS A C   1 
ATOM   1067 O O   . LYS A 1 140 ? 9.498   -22.544 25.022  1.00 24.29 ? 140 LYS A O   1 
ATOM   1068 C CB  . LYS A 1 140 ? 6.976   -21.327 23.377  1.00 24.42 ? 140 LYS A CB  1 
ATOM   1069 C CG  . LYS A 1 140 ? 6.194   -22.367 24.168  1.00 30.03 ? 140 LYS A CG  1 
ATOM   1070 C CD  . LYS A 1 140 ? 4.874   -21.806 24.667  1.00 32.68 ? 140 LYS A CD  1 
ATOM   1071 C CE  . LYS A 1 140 ? 3.811   -21.843 23.580  1.00 41.44 ? 140 LYS A CE  1 
ATOM   1072 N NZ  . LYS A 1 140 ? 3.286   -23.221 23.354  1.00 39.37 ? 140 LYS A NZ  1 
ATOM   1073 N N   . ALA A 1 141 ? 10.115  -21.704 23.025  1.00 26.30 ? 141 ALA A N   1 
ATOM   1074 C CA  . ALA A 1 141 ? 11.258  -22.595 22.868  1.00 26.60 ? 141 ALA A CA  1 
ATOM   1075 C C   . ALA A 1 141 ? 12.287  -22.335 23.964  1.00 28.33 ? 141 ALA A C   1 
ATOM   1076 O O   . ALA A 1 141 ? 12.855  -23.270 24.526  1.00 31.78 ? 141 ALA A O   1 
ATOM   1077 C CB  . ALA A 1 141 ? 11.891  -22.392 21.495  1.00 30.60 ? 141 ALA A CB  1 
ATOM   1078 N N   . LEU A 1 142 ? 12.527  -21.059 24.259  1.00 26.67 ? 142 LEU A N   1 
ATOM   1079 C CA  . LEU A 1 142 ? 13.481  -20.676 25.292  1.00 28.30 ? 142 LEU A CA  1 
ATOM   1080 C C   . LEU A 1 142 ? 13.001  -21.157 26.653  1.00 27.73 ? 142 LEU A C   1 
ATOM   1081 O O   . LEU A 1 142 ? 13.794  -21.606 27.480  1.00 30.08 ? 142 LEU A O   1 
ATOM   1082 C CB  . LEU A 1 142 ? 13.652  -19.156 25.320  1.00 30.22 ? 142 LEU A CB  1 
ATOM   1083 C CG  . LEU A 1 142 ? 14.320  -18.515 24.104  1.00 38.72 ? 142 LEU A CG  1 
ATOM   1084 C CD1 . LEU A 1 142 ? 14.380  -17.004 24.292  1.00 37.44 ? 142 LEU A CD1 1 
ATOM   1085 C CD2 . LEU A 1 142 ? 15.718  -19.092 23.919  1.00 36.39 ? 142 LEU A CD2 1 
ATOM   1086 N N   . LEU A 1 143 ? 11.695  -21.054 26.881  1.00 30.75 ? 143 LEU A N   1 
ATOM   1087 C CA  . LEU A 1 143 ? 11.093  -21.482 28.138  1.00 32.13 ? 143 LEU A CA  1 
ATOM   1088 C C   . LEU A 1 143 ? 11.208  -22.997 28.267  1.00 32.72 ? 143 LEU A C   1 
ATOM   1089 O O   . LEU A 1 143 ? 11.390  -23.522 29.365  1.00 36.31 ? 143 LEU A O   1 
ATOM   1090 C CB  . LEU A 1 143 ? 9.619   -21.064 28.189  1.00 31.02 ? 143 LEU A CB  1 
ATOM   1091 C CG  . LEU A 1 143 ? 8.772   -21.603 29.351  1.00 27.48 ? 143 LEU A CG  1 
ATOM   1092 C CD1 . LEU A 1 143 ? 9.113   -20.853 30.628  1.00 24.88 ? 143 LEU A CD1 1 
ATOM   1093 C CD2 . LEU A 1 143 ? 7.294   -21.449 29.025  1.00 23.94 ? 143 LEU A CD2 1 
ATOM   1094 N N   . LYS A 1 144 ? 11.102  -23.692 27.139  1.00 31.34 ? 144 LYS A N   1 
ATOM   1095 C CA  . LYS A 1 144 ? 11.196  -25.145 27.119  1.00 34.18 ? 144 LYS A CA  1 
ATOM   1096 C C   . LYS A 1 144 ? 12.580  -25.596 27.569  1.00 36.05 ? 144 LYS A C   1 
ATOM   1097 O O   . LYS A 1 144 ? 12.772  -26.745 27.964  1.00 39.09 ? 144 LYS A O   1 
ATOM   1098 C CB  . LYS A 1 144 ? 10.916  -25.675 25.711  1.00 33.64 ? 144 LYS A CB  1 
ATOM   1099 C CG  . LYS A 1 144 ? 9.443   -25.667 25.336  1.00 38.18 ? 144 LYS A CG  1 
ATOM   1100 C CD  . LYS A 1 144 ? 9.181   -26.515 24.103  1.00 37.42 ? 144 LYS A CD  1 
ATOM   1101 C CE  . LYS A 1 144 ? 7.693   -26.625 23.820  1.00 39.50 ? 144 LYS A CE  1 
ATOM   1102 N NZ  . LYS A 1 144 ? 7.403   -26.621 22.359  1.00 43.87 ? 144 LYS A NZ  1 
ATOM   1103 N N   . ASP A 1 145 ? 13.541  -24.680 27.507  1.00 39.75 ? 145 ASP A N   1 
ATOM   1104 C CA  . ASP A 1 145 ? 14.910  -24.975 27.912  1.00 41.59 ? 145 ASP A CA  1 
ATOM   1105 C C   . ASP A 1 145 ? 15.126  -24.600 29.377  1.00 45.96 ? 145 ASP A C   1 
ATOM   1106 O O   . ASP A 1 145 ? 14.817  -25.383 30.276  1.00 49.08 ? 145 ASP A O   1 
ATOM   1107 C CB  . ASP A 1 145 ? 15.894  -24.213 27.021  1.00 40.00 ? 145 ASP A CB  1 
ATOM   1108 C CG  . ASP A 1 145 ? 15.625  -24.426 25.542  1.00 42.71 ? 145 ASP A CG  1 
ATOM   1109 O OD1 . ASP A 1 145 ? 15.276  -25.562 25.156  1.00 37.38 ? 145 ASP A OD1 1 
ATOM   1110 O OD2 . ASP A 1 145 ? 15.762  -23.458 24.761  1.00 44.33 ? 145 ASP A OD2 1 
ATOM   1111 N N   . LYS A 1 146 ? 15.657  -23.404 29.616  1.00 50.82 ? 146 LYS A N   1 
ATOM   1112 C CA  . LYS A 1 146 ? 15.908  -22.944 30.979  1.00 56.82 ? 146 LYS A CA  1 
ATOM   1113 C C   . LYS A 1 146 ? 16.161  -21.440 31.048  1.00 57.86 ? 146 LYS A C   1 
ATOM   1114 O O   . LYS A 1 146 ? 15.887  -20.802 32.064  1.00 58.38 ? 146 LYS A O   1 
ATOM   1115 C CB  . LYS A 1 146 ? 17.109  -23.687 31.582  1.00 62.12 ? 146 LYS A CB  1 
ATOM   1116 C CG  . LYS A 1 146 ? 17.973  -24.436 30.571  1.00 67.01 ? 146 LYS A CG  1 
ATOM   1117 C CD  . LYS A 1 146 ? 19.125  -25.170 31.245  1.00 70.02 ? 146 LYS A CD  1 
ATOM   1118 C CE  . LYS A 1 146 ? 19.243  -26.603 30.736  1.00 71.54 ? 146 LYS A CE  1 
ATOM   1119 N NZ  . LYS A 1 146 ? 19.889  -26.685 29.395  1.00 71.84 ? 146 LYS A NZ  1 
ATOM   1120 N N   . GLU A 1 147 ? 16.683  -20.884 29.961  1.00 59.27 ? 147 GLU A N   1 
ATOM   1121 C CA  . GLU A 1 147 ? 16.991  -19.461 29.893  1.00 60.71 ? 147 GLU A CA  1 
ATOM   1122 C C   . GLU A 1 147 ? 15.847  -18.565 30.356  1.00 59.92 ? 147 GLU A C   1 
ATOM   1123 O O   . GLU A 1 147 ? 16.069  -17.569 31.046  1.00 61.20 ? 147 GLU A O   1 
ATOM   1124 C CB  . GLU A 1 147 ? 17.388  -19.085 28.465  1.00 62.82 ? 147 GLU A CB  1 
ATOM   1125 C CG  . GLU A 1 147 ? 18.887  -19.018 28.239  1.00 67.57 ? 147 GLU A CG  1 
ATOM   1126 C CD  . GLU A 1 147 ? 19.337  -17.665 27.727  1.00 69.78 ? 147 GLU A CD  1 
ATOM   1127 O OE1 . GLU A 1 147 ? 19.201  -16.670 28.471  1.00 70.28 ? 147 GLU A OE1 1 
ATOM   1128 O OE2 . GLU A 1 147 ? 19.826  -17.599 26.582  1.00 75.13 ? 147 GLU A OE2 1 
ATOM   1129 N N   . ILE A 1 148 ? 14.625  -18.923 29.979  1.00 58.96 ? 148 ILE A N   1 
ATOM   1130 C CA  . ILE A 1 148 ? 13.457  -18.131 30.341  1.00 55.81 ? 148 ILE A CA  1 
ATOM   1131 C C   . ILE A 1 148 ? 12.559  -18.819 31.367  1.00 54.06 ? 148 ILE A C   1 
ATOM   1132 O O   . ILE A 1 148 ? 12.345  -20.030 31.315  1.00 54.18 ? 148 ILE A O   1 
ATOM   1133 C CB  . ILE A 1 148 ? 12.623  -17.786 29.073  1.00 55.27 ? 148 ILE A CB  1 
ATOM   1134 C CG1 . ILE A 1 148 ? 12.979  -16.380 28.587  1.00 53.75 ? 148 ILE A CG1 1 
ATOM   1135 C CG2 . ILE A 1 148 ? 11.130  -17.865 29.366  1.00 57.11 ? 148 ILE A CG2 1 
ATOM   1136 C CD1 . ILE A 1 148 ? 12.341  -16.020 27.263  1.00 55.25 ? 148 ILE A CD1 1 
ATOM   1137 N N   . SER A 1 149 ? 12.041  -18.028 32.302  1.00 51.78 ? 149 SER A N   1 
ATOM   1138 C CA  . SER A 1 149 ? 11.144  -18.525 33.338  1.00 48.04 ? 149 SER A CA  1 
ATOM   1139 C C   . SER A 1 149 ? 9.717   -18.415 32.813  1.00 44.07 ? 149 SER A C   1 
ATOM   1140 O O   . SER A 1 149 ? 9.482   -17.826 31.758  1.00 42.18 ? 149 SER A O   1 
ATOM   1141 C CB  . SER A 1 149 ? 11.292  -17.690 34.611  1.00 49.44 ? 149 SER A CB  1 
ATOM   1142 O OG  . SER A 1 149 ? 11.988  -18.407 35.616  1.00 60.23 ? 149 SER A OG  1 
ATOM   1143 N N   . GLU A 1 150 ? 8.760   -18.977 33.541  1.00 41.43 ? 150 GLU A N   1 
ATOM   1144 C CA  . GLU A 1 150 ? 7.374   -18.915 33.104  1.00 40.10 ? 150 GLU A CA  1 
ATOM   1145 C C   . GLU A 1 150 ? 6.805   -17.513 33.262  1.00 36.80 ? 150 GLU A C   1 
ATOM   1146 O O   . GLU A 1 150 ? 5.720   -17.218 32.770  1.00 40.44 ? 150 GLU A O   1 
ATOM   1147 C CB  . GLU A 1 150 ? 6.515   -19.909 33.886  1.00 42.81 ? 150 GLU A CB  1 
ATOM   1148 C CG  . GLU A 1 150 ? 5.203   -20.229 33.195  1.00 50.18 ? 150 GLU A CG  1 
ATOM   1149 C CD  . GLU A 1 150 ? 4.491   -21.416 33.807  1.00 58.28 ? 150 GLU A CD  1 
ATOM   1150 O OE1 . GLU A 1 150 ? 5.179   -22.317 34.334  1.00 60.02 ? 150 GLU A OE1 1 
ATOM   1151 O OE2 . GLU A 1 150 ? 3.243   -21.447 33.760  1.00 62.71 ? 150 GLU A OE2 1 
ATOM   1152 N N   . ASP A 1 151 ? 7.537   -16.648 33.955  1.00 38.20 ? 151 ASP A N   1 
ATOM   1153 C CA  . ASP A 1 151 ? 7.089   -15.275 34.151  1.00 40.19 ? 151 ASP A CA  1 
ATOM   1154 C C   . ASP A 1 151 ? 7.519   -14.433 32.961  1.00 39.18 ? 151 ASP A C   1 
ATOM   1155 O O   . ASP A 1 151 ? 6.766   -13.585 32.481  1.00 36.93 ? 151 ASP A O   1 
ATOM   1156 C CB  . ASP A 1 151 ? 7.681   -14.688 35.432  1.00 42.16 ? 151 ASP A CB  1 
ATOM   1157 C CG  . ASP A 1 151 ? 7.337   -13.220 35.607  1.00 44.93 ? 151 ASP A CG  1 
ATOM   1158 O OD1 . ASP A 1 151 ? 6.141   -12.903 35.788  1.00 43.32 ? 151 ASP A OD1 1 
ATOM   1159 O OD2 . ASP A 1 151 ? 8.261   -12.382 35.563  1.00 45.93 ? 151 ASP A OD2 1 
ATOM   1160 N N   . ASP A 1 152 ? 8.738   -14.668 32.491  1.00 38.14 ? 152 ASP A N   1 
ATOM   1161 C CA  . ASP A 1 152 ? 9.269   -13.940 31.348  1.00 34.67 ? 152 ASP A CA  1 
ATOM   1162 C C   . ASP A 1 152 ? 8.411   -14.249 30.127  1.00 32.96 ? 152 ASP A C   1 
ATOM   1163 O O   . ASP A 1 152 ? 7.997   -13.346 29.398  1.00 32.57 ? 152 ASP A O   1 
ATOM   1164 C CB  . ASP A 1 152 ? 10.716  -14.360 31.074  1.00 35.10 ? 152 ASP A CB  1 
ATOM   1165 C CG  . ASP A 1 152 ? 11.649  -14.031 32.224  1.00 36.50 ? 152 ASP A CG  1 
ATOM   1166 O OD1 . ASP A 1 152 ? 11.309  -13.143 33.035  1.00 40.42 ? 152 ASP A OD1 1 
ATOM   1167 O OD2 . ASP A 1 152 ? 12.723  -14.662 32.317  1.00 33.07 ? 152 ASP A OD2 1 
ATOM   1168 N N   . ASP A 1 153 ? 8.143   -15.534 29.919  1.00 31.89 ? 153 ASP A N   1 
ATOM   1169 C CA  . ASP A 1 153 ? 7.341   -15.990 28.790  1.00 26.30 ? 153 ASP A CA  1 
ATOM   1170 C C   . ASP A 1 153 ? 5.961   -15.347 28.763  1.00 28.11 ? 153 ASP A C   1 
ATOM   1171 O O   . ASP A 1 153 ? 5.526   -14.849 27.726  1.00 28.77 ? 153 ASP A O   1 
ATOM   1172 C CB  . ASP A 1 153 ? 7.194   -17.510 28.830  1.00 25.75 ? 153 ASP A CB  1 
ATOM   1173 C CG  . ASP A 1 153 ? 6.491   -18.057 27.607  1.00 25.68 ? 153 ASP A CG  1 
ATOM   1174 O OD1 . ASP A 1 153 ? 6.939   -17.754 26.484  1.00 27.53 ? 153 ASP A OD1 1 
ATOM   1175 O OD2 . ASP A 1 153 ? 5.492   -18.788 27.768  1.00 31.16 ? 153 ASP A OD2 1 
ATOM   1176 N N   . ARG A 1 154 ? 5.269   -15.363 29.899  1.00 26.90 ? 154 ARG A N   1 
ATOM   1177 C CA  . ARG A 1 154 ? 3.938   -14.773 29.979  1.00 29.80 ? 154 ARG A CA  1 
ATOM   1178 C C   . ARG A 1 154 ? 4.003   -13.282 29.662  1.00 29.67 ? 154 ARG A C   1 
ATOM   1179 O O   . ARG A 1 154 ? 3.094   -12.726 29.046  1.00 26.97 ? 154 ARG A O   1 
ATOM   1180 C CB  . ARG A 1 154 ? 3.340   -14.994 31.374  1.00 36.70 ? 154 ARG A CB  1 
ATOM   1181 C CG  . ARG A 1 154 ? 3.878   -14.062 32.447  1.00 47.71 ? 154 ARG A CG  1 
ATOM   1182 C CD  . ARG A 1 154 ? 3.122   -14.230 33.755  1.00 53.54 ? 154 ARG A CD  1 
ATOM   1183 N NE  . ARG A 1 154 ? 3.816   -15.126 34.677  1.00 55.04 ? 154 ARG A NE  1 
ATOM   1184 C CZ  . ARG A 1 154 ? 3.572   -16.429 34.781  1.00 54.58 ? 154 ARG A CZ  1 
ATOM   1185 N NH1 . ARG A 1 154 ? 2.647   -16.996 34.017  1.00 53.41 ? 154 ARG A NH1 1 
ATOM   1186 N NH2 . ARG A 1 154 ? 4.253   -17.164 35.649  1.00 55.44 ? 154 ARG A NH2 1 
ATOM   1187 N N   . ARG A 1 155 ? 5.088   -12.640 30.082  1.00 30.16 ? 155 ARG A N   1 
ATOM   1188 C CA  . ARG A 1 155 ? 5.276   -11.216 29.837  1.00 32.33 ? 155 ARG A CA  1 
ATOM   1189 C C   . ARG A 1 155 ? 5.519   -10.966 28.350  1.00 30.71 ? 155 ARG A C   1 
ATOM   1190 O O   . ARG A 1 155 ? 4.993   -10.009 27.776  1.00 25.34 ? 155 ARG A O   1 
ATOM   1191 C CB  . ARG A 1 155 ? 6.462   -10.694 30.653  1.00 41.03 ? 155 ARG A CB  1 
ATOM   1192 C CG  . ARG A 1 155 ? 6.065   -9.865  31.867  1.00 53.26 ? 155 ARG A CG  1 
ATOM   1193 C CD  . ARG A 1 155 ? 5.882   -10.734 33.104  1.00 62.83 ? 155 ARG A CD  1 
ATOM   1194 N NE  . ARG A 1 155 ? 5.986   -9.960  34.337  1.00 71.86 ? 155 ARG A NE  1 
ATOM   1195 C CZ  . ARG A 1 155 ? 5.037   -9.147  34.792  1.00 76.50 ? 155 ARG A CZ  1 
ATOM   1196 N NH1 . ARG A 1 155 ? 3.906   -9.000  34.115  1.00 79.40 ? 155 ARG A NH1 1 
ATOM   1197 N NH2 . ARG A 1 155 ? 5.218   -8.482  35.925  1.00 78.54 ? 155 ARG A NH2 1 
ATOM   1198 N N   . SER A 1 156 ? 6.317   -11.833 27.734  1.00 29.63 ? 156 SER A N   1 
ATOM   1199 C CA  . SER A 1 156 ? 6.634   -11.727 26.313  1.00 25.91 ? 156 SER A CA  1 
ATOM   1200 C C   . SER A 1 156 ? 5.363   -11.854 25.482  1.00 22.63 ? 156 SER A C   1 
ATOM   1201 O O   . SER A 1 156 ? 5.180   -11.144 24.493  1.00 16.60 ? 156 SER A O   1 
ATOM   1202 C CB  . SER A 1 156 ? 7.625   -12.824 25.912  1.00 23.64 ? 156 SER A CB  1 
ATOM   1203 O OG  . SER A 1 156 ? 8.007   -12.697 24.554  1.00 29.78 ? 156 SER A OG  1 
ATOM   1204 N N   . GLN A 1 157 ? 4.488   -12.767 25.891  1.00 20.70 ? 157 GLN A N   1 
ATOM   1205 C CA  . GLN A 1 157 ? 3.227   -12.992 25.202  1.00 21.23 ? 157 GLN A CA  1 
ATOM   1206 C C   . GLN A 1 157 ? 2.389   -11.721 25.233  1.00 21.20 ? 157 GLN A C   1 
ATOM   1207 O O   . GLN A 1 157 ? 1.731   -11.372 24.253  1.00 22.62 ? 157 GLN A O   1 
ATOM   1208 C CB  . GLN A 1 157 ? 2.457   -14.126 25.875  1.00 20.92 ? 157 GLN A CB  1 
ATOM   1209 C CG  . GLN A 1 157 ? 2.963   -15.518 25.536  1.00 28.71 ? 157 GLN A CG  1 
ATOM   1210 C CD  . GLN A 1 157 ? 1.905   -16.581 25.744  1.00 29.20 ? 157 GLN A CD  1 
ATOM   1211 O OE1 . GLN A 1 157 ? 1.910   -17.291 26.748  1.00 29.67 ? 157 GLN A OE1 1 
ATOM   1212 N NE2 . GLN A 1 157 ? 0.983   -16.693 24.793  1.00 37.94 ? 157 GLN A NE2 1 
ATOM   1213 N N   . ASP A 1 158 ? 2.417   -11.032 26.369  1.00 25.77 ? 158 ASP A N   1 
ATOM   1214 C CA  . ASP A 1 158 ? 1.663   -9.795  26.535  1.00 26.24 ? 158 ASP A CA  1 
ATOM   1215 C C   . ASP A 1 158 ? 2.217   -8.721  25.614  1.00 23.45 ? 158 ASP A C   1 
ATOM   1216 O O   . ASP A 1 158 ? 1.483   -8.129  24.824  1.00 31.53 ? 158 ASP A O   1 
ATOM   1217 C CB  . ASP A 1 158 ? 1.741   -9.319  27.988  1.00 29.11 ? 158 ASP A CB  1 
ATOM   1218 C CG  . ASP A 1 158 ? 0.624   -9.883  28.848  1.00 35.91 ? 158 ASP A CG  1 
ATOM   1219 O OD1 . ASP A 1 158 ? -0.017  -10.872 28.427  1.00 32.83 ? 158 ASP A OD1 1 
ATOM   1220 O OD2 . ASP A 1 158 ? 0.385   -9.338  29.946  1.00 36.93 ? 158 ASP A OD2 1 
ATOM   1221 N N   . ASP A 1 159 ? 3.520   -8.482  25.717  1.00 22.12 ? 159 ASP A N   1 
ATOM   1222 C CA  . ASP A 1 159 ? 4.190   -7.482  24.895  1.00 23.34 ? 159 ASP A CA  1 
ATOM   1223 C C   . ASP A 1 159 ? 3.971   -7.746  23.408  1.00 22.44 ? 159 ASP A C   1 
ATOM   1224 O O   . ASP A 1 159 ? 3.750   -6.817  22.631  1.00 26.63 ? 159 ASP A O   1 
ATOM   1225 C CB  . ASP A 1 159 ? 5.691   -7.473  25.200  1.00 30.02 ? 159 ASP A CB  1 
ATOM   1226 C CG  . ASP A 1 159 ? 6.329   -6.120  24.952  1.00 33.69 ? 159 ASP A CG  1 
ATOM   1227 O OD1 . ASP A 1 159 ? 5.989   -5.474  23.938  1.00 37.84 ? 159 ASP A OD1 1 
ATOM   1228 O OD2 . ASP A 1 159 ? 7.171   -5.701  25.773  1.00 40.22 ? 159 ASP A OD2 1 
ATOM   1229 N N   . VAL A 1 160 ? 4.038   -9.013  23.012  1.00 17.74 ? 160 VAL A N   1 
ATOM   1230 C CA  . VAL A 1 160 ? 3.835   -9.383  21.615  1.00 16.64 ? 160 VAL A CA  1 
ATOM   1231 C C   . VAL A 1 160 ? 2.382   -9.112  21.234  1.00 16.68 ? 160 VAL A C   1 
ATOM   1232 O O   . VAL A 1 160 ? 2.097   -8.649  20.128  1.00 18.60 ? 160 VAL A O   1 
ATOM   1233 C CB  . VAL A 1 160 ? 4.156   -10.880 21.373  1.00 19.66 ? 160 VAL A CB  1 
ATOM   1234 C CG1 . VAL A 1 160 ? 3.670   -11.302 19.993  1.00 13.66 ? 160 VAL A CG1 1 
ATOM   1235 C CG2 . VAL A 1 160 ? 5.659   -11.119 21.497  1.00 12.35 ? 160 VAL A CG2 1 
ATOM   1236 N N   . GLN A 1 161 ? 1.468   -9.401  22.156  1.00 16.35 ? 161 GLN A N   1 
ATOM   1237 C CA  . GLN A 1 161 ? 0.048   -9.177  21.920  1.00 18.23 ? 161 GLN A CA  1 
ATOM   1238 C C   . GLN A 1 161 ? -0.198  -7.691  21.697  1.00 16.05 ? 161 GLN A C   1 
ATOM   1239 O O   . GLN A 1 161 ? -1.006  -7.303  20.853  1.00 14.33 ? 161 GLN A O   1 
ATOM   1240 C CB  . GLN A 1 161 ? -0.774  -9.658  23.119  1.00 21.56 ? 161 GLN A CB  1 
ATOM   1241 C CG  . GLN A 1 161 ? -2.244  -9.271  23.062  1.00 27.71 ? 161 GLN A CG  1 
ATOM   1242 C CD  . GLN A 1 161 ? -2.941  -9.794  21.818  1.00 33.43 ? 161 GLN A CD  1 
ATOM   1243 O OE1 . GLN A 1 161 ? -3.096  -9.077  20.829  1.00 40.42 ? 161 GLN A OE1 1 
ATOM   1244 N NE2 . GLN A 1 161 ? -3.370  -11.049 21.865  1.00 35.34 ? 161 GLN A NE2 1 
ATOM   1245 N N   . LYS A 1 162 ? 0.508   -6.865  22.462  1.00 14.24 ? 162 LYS A N   1 
ATOM   1246 C CA  . LYS A 1 162 ? 0.384   -5.417  22.349  1.00 16.72 ? 162 LYS A CA  1 
ATOM   1247 C C   . LYS A 1 162 ? 0.834   -4.963  20.965  1.00 15.59 ? 162 LYS A C   1 
ATOM   1248 O O   . LYS A 1 162 ? 0.150   -4.179  20.308  1.00 22.48 ? 162 LYS A O   1 
ATOM   1249 C CB  . LYS A 1 162 ? 1.239   -4.731  23.419  1.00 20.15 ? 162 LYS A CB  1 
ATOM   1250 C CG  . LYS A 1 162 ? 0.888   -5.121  24.847  1.00 25.92 ? 162 LYS A CG  1 
ATOM   1251 C CD  . LYS A 1 162 ? 0.542   -3.902  25.686  1.00 24.87 ? 162 LYS A CD  1 
ATOM   1252 C CE  . LYS A 1 162 ? 1.591   -3.651  26.756  1.00 26.10 ? 162 LYS A CE  1 
ATOM   1253 N NZ  . LYS A 1 162 ? 1.165   -2.580  27.697  1.00 30.85 ? 162 LYS A NZ  1 
ATOM   1254 N N   . LEU A 1 163 ? 1.987   -5.463  20.531  1.00 14.79 ? 163 LEU A N   1 
ATOM   1255 C CA  . LEU A 1 163 ? 2.542   -5.116  19.227  1.00 11.81 ? 163 LEU A CA  1 
ATOM   1256 C C   . LEU A 1 163 ? 1.558   -5.440  18.113  1.00 9.57  ? 163 LEU A C   1 
ATOM   1257 O O   . LEU A 1 163 ? 1.439   -4.694  17.143  1.00 8.96  ? 163 LEU A O   1 
ATOM   1258 C CB  . LEU A 1 163 ? 3.853   -5.874  18.990  1.00 14.98 ? 163 LEU A CB  1 
ATOM   1259 C CG  . LEU A 1 163 ? 5.110   -5.325  19.673  1.00 15.04 ? 163 LEU A CG  1 
ATOM   1260 C CD1 . LEU A 1 163 ? 6.254   -6.308  19.510  1.00 14.61 ? 163 LEU A CD1 1 
ATOM   1261 C CD2 . LEU A 1 163 ? 5.478   -3.981  19.070  1.00 20.95 ? 163 LEU A CD2 1 
ATOM   1262 N N   . THR A 1 164 ? 0.852   -6.558  18.259  1.00 12.62 ? 164 THR A N   1 
ATOM   1263 C CA  . THR A 1 164 ? -0.128  -6.986  17.266  1.00 13.65 ? 164 THR A CA  1 
ATOM   1264 C C   . THR A 1 164 ? -1.311  -6.023  17.214  1.00 13.21 ? 164 THR A C   1 
ATOM   1265 O O   . THR A 1 164 ? -1.724  -5.590  16.138  1.00 12.57 ? 164 THR A O   1 
ATOM   1266 C CB  . THR A 1 164 ? -0.655  -8.403  17.586  1.00 14.74 ? 164 THR A CB  1 
ATOM   1267 O OG1 . THR A 1 164 ? 0.454   -9.283  17.804  1.00 14.39 ? 164 THR A OG1 1 
ATOM   1268 C CG2 . THR A 1 164 ? -1.504  -8.935  16.437  1.00 11.17 ? 164 THR A CG2 1 
ATOM   1269 N N   . ASP A 1 165 ? -1.851  -5.692  18.381  1.00 11.20 ? 165 ASP A N   1 
ATOM   1270 C CA  . ASP A 1 165 ? -2.986  -4.782  18.470  1.00 14.08 ? 165 ASP A CA  1 
ATOM   1271 C C   . ASP A 1 165 ? -2.619  -3.404  17.932  1.00 8.86  ? 165 ASP A C   1 
ATOM   1272 O O   . ASP A 1 165 ? -3.437  -2.739  17.304  1.00 16.28 ? 165 ASP A O   1 
ATOM   1273 C CB  . ASP A 1 165 ? -3.451  -4.660  19.923  1.00 15.92 ? 165 ASP A CB  1 
ATOM   1274 C CG  . ASP A 1 165 ? -4.113  -5.925  20.430  1.00 13.74 ? 165 ASP A CG  1 
ATOM   1275 O OD1 . ASP A 1 165 ? -4.513  -6.765  19.598  1.00 19.90 ? 165 ASP A OD1 1 
ATOM   1276 O OD2 . ASP A 1 165 ? -4.234  -6.078  21.663  1.00 19.69 ? 165 ASP A OD2 1 
ATOM   1277 N N   . ALA A 1 166 ? -1.385  -2.984  18.182  1.00 9.96  ? 166 ALA A N   1 
ATOM   1278 C CA  . ALA A 1 166 ? -0.907  -1.686  17.723  1.00 9.13  ? 166 ALA A CA  1 
ATOM   1279 C C   . ALA A 1 166 ? -0.809  -1.633  16.200  1.00 8.94  ? 166 ALA A C   1 
ATOM   1280 O O   . ALA A 1 166 ? -1.204  -0.645  15.581  1.00 14.58 ? 166 ALA A O   1 
ATOM   1281 C CB  . ALA A 1 166 ? 0.452   -1.379  18.347  1.00 3.60  ? 166 ALA A CB  1 
ATOM   1282 N N   . ALA A 1 167 ? -0.285  -2.696  15.599  1.00 10.64 ? 167 ALA A N   1 
ATOM   1283 C CA  . ALA A 1 167 ? -0.137  -2.759  14.149  1.00 5.42  ? 167 ALA A CA  1 
ATOM   1284 C C   . ALA A 1 167 ? -1.492  -2.945  13.483  1.00 8.64  ? 167 ALA A C   1 
ATOM   1285 O O   . ALA A 1 167 ? -1.790  -2.309  12.473  1.00 7.74  ? 167 ALA A O   1 
ATOM   1286 C CB  . ALA A 1 167 ? 0.793   -3.902  13.766  1.00 2.00  ? 167 ALA A CB  1 
ATOM   1287 N N   . ILE A 1 168 ? -2.311  -3.823  14.049  1.00 13.14 ? 168 ILE A N   1 
ATOM   1288 C CA  . ILE A 1 168 ? -3.635  -4.078  13.503  1.00 11.99 ? 168 ILE A CA  1 
ATOM   1289 C C   . ILE A 1 168 ? -4.462  -2.793  13.531  1.00 16.25 ? 168 ILE A C   1 
ATOM   1290 O O   . ILE A 1 168 ? -5.372  -2.618  12.725  1.00 15.75 ? 168 ILE A O   1 
ATOM   1291 C CB  . ILE A 1 168 ? -4.357  -5.197  14.293  1.00 13.25 ? 168 ILE A CB  1 
ATOM   1292 C CG1 . ILE A 1 168 ? -3.752  -6.557  13.922  1.00 17.68 ? 168 ILE A CG1 1 
ATOM   1293 C CG2 . ILE A 1 168 ? -5.848  -5.191  13.982  1.00 14.94 ? 168 ILE A CG2 1 
ATOM   1294 C CD1 . ILE A 1 168 ? -4.449  -7.753  14.545  1.00 9.95  ? 168 ILE A CD1 1 
ATOM   1295 N N   . LYS A 1 169 ? -4.129  -1.892  14.453  1.00 17.52 ? 169 LYS A N   1 
ATOM   1296 C CA  . LYS A 1 169 ? -4.836  -0.619  14.569  1.00 17.19 ? 169 LYS A CA  1 
ATOM   1297 C C   . LYS A 1 169 ? -4.497  0.268   13.377  1.00 13.24 ? 169 LYS A C   1 
ATOM   1298 O O   . LYS A 1 169 ? -5.352  0.985   12.861  1.00 13.76 ? 169 LYS A O   1 
ATOM   1299 C CB  . LYS A 1 169 ? -4.442  0.100   15.864  1.00 20.86 ? 169 LYS A CB  1 
ATOM   1300 C CG  . LYS A 1 169 ? -5.186  -0.372  17.103  1.00 29.73 ? 169 LYS A CG  1 
ATOM   1301 C CD  . LYS A 1 169 ? -6.673  -0.072  17.020  1.00 37.76 ? 169 LYS A CD  1 
ATOM   1302 C CE  . LYS A 1 169 ? -7.484  -1.057  17.857  1.00 44.51 ? 169 LYS A CE  1 
ATOM   1303 N NZ  . LYS A 1 169 ? -8.518  -0.386  18.695  1.00 44.44 ? 169 LYS A NZ  1 
ATOM   1304 N N   . LYS A 1 170 ? -3.243  0.214   12.944  1.00 16.32 ? 170 LYS A N   1 
ATOM   1305 C CA  . LYS A 1 170 ? -2.791  1.013   11.810  1.00 20.42 ? 170 LYS A CA  1 
ATOM   1306 C C   . LYS A 1 170 ? -3.422  0.525   10.507  1.00 16.89 ? 170 LYS A C   1 
ATOM   1307 O O   . LYS A 1 170 ? -3.619  1.299   9.570   1.00 15.39 ? 170 LYS A O   1 
ATOM   1308 C CB  . LYS A 1 170 ? -1.265  0.956   11.709  1.00 18.65 ? 170 LYS A CB  1 
ATOM   1309 C CG  . LYS A 1 170 ? -0.556  1.355   12.993  1.00 21.48 ? 170 LYS A CG  1 
ATOM   1310 C CD  . LYS A 1 170 ? 0.882   1.752   12.731  1.00 23.59 ? 170 LYS A CD  1 
ATOM   1311 C CE  . LYS A 1 170 ? 1.627   1.999   14.030  1.00 24.09 ? 170 LYS A CE  1 
ATOM   1312 N NZ  . LYS A 1 170 ? 1.916   3.447   14.226  1.00 30.97 ? 170 LYS A NZ  1 
ATOM   1313 N N   . ILE A 1 171 ? -3.741  -0.764  10.458  1.00 16.15 ? 171 ILE A N   1 
ATOM   1314 C CA  . ILE A 1 171 ? -4.356  -1.360  9.279   1.00 9.98  ? 171 ILE A CA  1 
ATOM   1315 C C   . ILE A 1 171 ? -5.833  -0.975  9.202   1.00 14.67 ? 171 ILE A C   1 
ATOM   1316 O O   . ILE A 1 171 ? -6.358  -0.711  8.119   1.00 16.41 ? 171 ILE A O   1 
ATOM   1317 C CB  . ILE A 1 171 ? -4.228  -2.903  9.314   1.00 11.60 ? 171 ILE A CB  1 
ATOM   1318 C CG1 . ILE A 1 171 ? -2.805  -3.312  8.919   1.00 9.65  ? 171 ILE A CG1 1 
ATOM   1319 C CG2 . ILE A 1 171 ? -5.233  -3.536  8.369   1.00 2.00  ? 171 ILE A CG2 1 
ATOM   1320 C CD1 . ILE A 1 171 ? -2.323  -4.582  9.583   1.00 9.98  ? 171 ILE A CD1 1 
ATOM   1321 N N   . GLU A 1 172 ? -6.499  -0.944  10.353  1.00 11.45 ? 172 GLU A N   1 
ATOM   1322 C CA  . GLU A 1 172 ? -7.912  -0.588  10.413  1.00 12.68 ? 172 GLU A CA  1 
ATOM   1323 C C   . GLU A 1 172 ? -8.101  0.894   10.113  1.00 14.92 ? 172 GLU A C   1 
ATOM   1324 O O   . GLU A 1 172 ? -9.122  1.302   9.557   1.00 12.71 ? 172 GLU A O   1 
ATOM   1325 C CB  . GLU A 1 172 ? -8.484  -0.903  11.796  1.00 10.89 ? 172 GLU A CB  1 
ATOM   1326 C CG  . GLU A 1 172 ? -8.126  -2.281  12.324  1.00 19.11 ? 172 GLU A CG  1 
ATOM   1327 C CD  . GLU A 1 172 ? -8.993  -3.381  11.744  1.00 26.84 ? 172 GLU A CD  1 
ATOM   1328 O OE1 . GLU A 1 172 ? -8.939  -4.516  12.262  1.00 30.64 ? 172 GLU A OE1 1 
ATOM   1329 O OE2 . GLU A 1 172 ? -9.727  -3.112  10.769  1.00 36.02 ? 172 GLU A OE2 1 
ATOM   1330 N N   . ALA A 1 173 ? -7.108  1.696   10.488  1.00 14.96 ? 173 ALA A N   1 
ATOM   1331 C CA  . ALA A 1 173 ? -7.148  3.135   10.259  1.00 13.16 ? 173 ALA A CA  1 
ATOM   1332 C C   . ALA A 1 173 ? -6.934  3.425   8.778   1.00 11.83 ? 173 ALA A C   1 
ATOM   1333 O O   . ALA A 1 173 ? -7.617  4.269   8.199   1.00 13.34 ? 173 ALA A O   1 
ATOM   1334 C CB  . ALA A 1 173 ? -6.073  3.828   11.094  1.00 11.86 ? 173 ALA A CB  1 
ATOM   1335 N N   . ALA A 1 174 ? -5.980  2.724   8.171   1.00 10.51 ? 174 ALA A N   1 
ATOM   1336 C CA  . ALA A 1 174 ? -5.690  2.901   6.753   1.00 10.17 ? 174 ALA A CA  1 
ATOM   1337 C C   . ALA A 1 174 ? -6.886  2.404   5.958   1.00 12.75 ? 174 ALA A C   1 
ATOM   1338 O O   . ALA A 1 174 ? -7.278  3.008   4.961   1.00 14.95 ? 174 ALA A O   1 
ATOM   1339 C CB  . ALA A 1 174 ? -4.441  2.118   6.365   1.00 7.15  ? 174 ALA A CB  1 
ATOM   1340 N N   . LEU A 1 175 ? -7.461  1.296   6.416   1.00 14.80 ? 175 LEU A N   1 
ATOM   1341 C CA  . LEU A 1 175 ? -8.622  0.702   5.768   1.00 12.48 ? 175 LEU A CA  1 
ATOM   1342 C C   . LEU A 1 175 ? -9.800  1.674   5.828   1.00 11.50 ? 175 LEU A C   1 
ATOM   1343 O O   . LEU A 1 175 ? -10.457 1.931   4.821   1.00 10.54 ? 175 LEU A O   1 
ATOM   1344 C CB  . LEU A 1 175 ? -8.991  -0.615  6.460   1.00 5.14  ? 175 LEU A CB  1 
ATOM   1345 C CG  . LEU A 1 175 ? -10.373 -1.208  6.170   1.00 13.05 ? 175 LEU A CG  1 
ATOM   1346 C CD1 . LEU A 1 175 ? -10.336 -2.718  6.321   1.00 14.86 ? 175 LEU A CD1 1 
ATOM   1347 C CD2 . LEU A 1 175 ? -11.389 -0.620  7.130   1.00 20.93 ? 175 LEU A CD2 1 
ATOM   1348 N N   . ALA A 1 176 ? -10.056 2.209   7.018   1.00 15.55 ? 176 ALA A N   1 
ATOM   1349 C CA  . ALA A 1 176 ? -11.149 3.151   7.224   1.00 13.21 ? 176 ALA A CA  1 
ATOM   1350 C C   . ALA A 1 176 ? -11.003 4.362   6.309   1.00 16.02 ? 176 ALA A C   1 
ATOM   1351 O O   . ALA A 1 176 ? -11.964 4.784   5.668   1.00 19.47 ? 176 ALA A O   1 
ATOM   1352 C CB  . ALA A 1 176 ? -11.187 3.597   8.683   1.00 13.55 ? 176 ALA A CB  1 
ATOM   1353 N N   . ASP A 1 177 ? -9.795  4.914   6.252   1.00 19.27 ? 177 ASP A N   1 
ATOM   1354 C CA  . ASP A 1 177 ? -9.524  6.075   5.412   1.00 19.71 ? 177 ASP A CA  1 
ATOM   1355 C C   . ASP A 1 177 ? -9.805  5.765   3.945   1.00 20.21 ? 177 ASP A C   1 
ATOM   1356 O O   . ASP A 1 177 ? -10.417 6.567   3.238   1.00 23.06 ? 177 ASP A O   1 
ATOM   1357 C CB  . ASP A 1 177 ? -8.067  6.514   5.576   1.00 22.95 ? 177 ASP A CB  1 
ATOM   1358 C CG  . ASP A 1 177 ? -7.837  7.306   6.850   1.00 30.07 ? 177 ASP A CG  1 
ATOM   1359 O OD1 . ASP A 1 177 ? -8.822  7.844   7.402   1.00 33.70 ? 177 ASP A OD1 1 
ATOM   1360 O OD2 . ASP A 1 177 ? -6.675  7.388   7.299   1.00 22.75 ? 177 ASP A OD2 1 
ATOM   1361 N N   . LYS A 1 178 ? -9.354  4.600   3.491   1.00 19.14 ? 178 LYS A N   1 
ATOM   1362 C CA  . LYS A 1 178 ? -9.562  4.190   2.107   1.00 15.68 ? 178 LYS A CA  1 
ATOM   1363 C C   . LYS A 1 178 ? -11.048 4.013   1.825   1.00 16.88 ? 178 LYS A C   1 
ATOM   1364 O O   . LYS A 1 178 ? -11.532 4.362   0.749   1.00 16.10 ? 178 LYS A O   1 
ATOM   1365 C CB  . LYS A 1 178 ? -8.823  2.878   1.826   1.00 15.35 ? 178 LYS A CB  1 
ATOM   1366 C CG  . LYS A 1 178 ? -8.851  2.453   0.363   1.00 16.67 ? 178 LYS A CG  1 
ATOM   1367 C CD  . LYS A 1 178 ? -8.108  3.449   -0.515  1.00 16.63 ? 178 LYS A CD  1 
ATOM   1368 C CE  . LYS A 1 178 ? -7.991  2.951   -1.945  1.00 21.30 ? 178 LYS A CE  1 
ATOM   1369 N NZ  . LYS A 1 178 ? -7.108  3.829   -2.762  1.00 17.03 ? 178 LYS A NZ  1 
ATOM   1370 N N   . GLU A 1 179 ? -11.768 3.467   2.801   1.00 18.87 ? 179 GLU A N   1 
ATOM   1371 C CA  . GLU A 1 179 ? -13.203 3.243   2.665   1.00 21.43 ? 179 GLU A CA  1 
ATOM   1372 C C   . GLU A 1 179 ? -13.920 4.572   2.497   1.00 20.59 ? 179 GLU A C   1 
ATOM   1373 O O   . GLU A 1 179 ? -14.781 4.722   1.627   1.00 25.84 ? 179 GLU A O   1 
ATOM   1374 C CB  . GLU A 1 179 ? -13.749 2.528   3.901   1.00 21.93 ? 179 GLU A CB  1 
ATOM   1375 C CG  . GLU A 1 179 ? -13.311 1.083   4.013   1.00 33.24 ? 179 GLU A CG  1 
ATOM   1376 C CD  . GLU A 1 179 ? -14.375 0.199   4.622   1.00 36.20 ? 179 GLU A CD  1 
ATOM   1377 O OE1 . GLU A 1 179 ? -15.557 0.603   4.624   1.00 46.29 ? 179 GLU A OE1 1 
ATOM   1378 O OE2 . GLU A 1 179 ? -14.029 -0.902  5.100   1.00 40.14 ? 179 GLU A OE2 1 
ATOM   1379 N N   . ALA A 1 180 ? -13.555 5.535   3.338   1.00 16.73 ? 180 ALA A N   1 
ATOM   1380 C CA  . ALA A 1 180 ? -14.148 6.865   3.303   1.00 16.66 ? 180 ALA A CA  1 
ATOM   1381 C C   . ALA A 1 180 ? -13.982 7.511   1.932   1.00 11.63 ? 180 ALA A C   1 
ATOM   1382 O O   . ALA A 1 180 ? -14.920 8.094   1.392   1.00 12.07 ? 180 ALA A O   1 
ATOM   1383 C CB  . ALA A 1 180 ? -13.508 7.745   4.373   1.00 11.92 ? 180 ALA A CB  1 
ATOM   1384 N N   . GLU A 1 181 ? -12.783 7.398   1.371   1.00 13.64 ? 181 GLU A N   1 
ATOM   1385 C CA  . GLU A 1 181 ? -12.490 7.976   0.064   1.00 17.52 ? 181 GLU A CA  1 
ATOM   1386 C C   . GLU A 1 181 ? -13.310 7.342   -1.054  1.00 19.56 ? 181 GLU A C   1 
ATOM   1387 O O   . GLU A 1 181 ? -13.690 8.016   -2.014  1.00 22.86 ? 181 GLU A O   1 
ATOM   1388 C CB  . GLU A 1 181 ? -11.000 7.835   -0.250  1.00 19.18 ? 181 GLU A CB  1 
ATOM   1389 C CG  . GLU A 1 181 ? -10.530 8.710   -1.396  1.00 24.84 ? 181 GLU A CG  1 
ATOM   1390 C CD  . GLU A 1 181 ? -9.024  8.711   -1.539  1.00 28.87 ? 181 GLU A CD  1 
ATOM   1391 O OE1 . GLU A 1 181 ? -8.342  9.221   -0.625  1.00 35.54 ? 181 GLU A OE1 1 
ATOM   1392 O OE2 . GLU A 1 181 ? -8.521  8.201   -2.563  1.00 35.89 ? 181 GLU A OE2 1 
ATOM   1393 N N   . LEU A 1 182 ? -13.583 6.046   -0.929  1.00 19.02 ? 182 LEU A N   1 
ATOM   1394 C CA  . LEU A 1 182 ? -14.354 5.325   -1.935  1.00 19.64 ? 182 LEU A CA  1 
ATOM   1395 C C   . LEU A 1 182 ? -15.809 5.775   -1.991  1.00 25.79 ? 182 LEU A C   1 
ATOM   1396 O O   . LEU A 1 182 ? -16.344 6.022   -3.070  1.00 26.57 ? 182 LEU A O   1 
ATOM   1397 C CB  . LEU A 1 182 ? -14.296 3.817   -1.673  1.00 8.55  ? 182 LEU A CB  1 
ATOM   1398 C CG  . LEU A 1 182 ? -13.035 3.116   -2.192  1.00 17.75 ? 182 LEU A CG  1 
ATOM   1399 C CD1 . LEU A 1 182 ? -12.910 1.747   -1.545  1.00 19.25 ? 182 LEU A CD1 1 
ATOM   1400 C CD2 . LEU A 1 182 ? -13.085 2.993   -3.709  1.00 16.98 ? 182 LEU A CD2 1 
ATOM   1401 N N   . MET A 1 183 ? -16.442 5.894   -0.829  1.00 30.50 ? 183 MET A N   1 
ATOM   1402 C CA  . MET A 1 183 ? -17.844 6.288   -0.756  1.00 33.74 ? 183 MET A CA  1 
ATOM   1403 C C   . MET A 1 183 ? -18.076 7.783   -0.920  1.00 35.83 ? 183 MET A C   1 
ATOM   1404 O O   . MET A 1 183 ? -19.183 8.216   -1.250  1.00 38.30 ? 183 MET A O   1 
ATOM   1405 C CB  . MET A 1 183 ? -18.440 5.822   0.571   1.00 37.42 ? 183 MET A CB  1 
ATOM   1406 C CG  . MET A 1 183 ? -18.691 4.314   0.655   1.00 37.56 ? 183 MET A CG  1 
ATOM   1407 S SD  . MET A 1 183 ? -19.112 3.541   -0.931  1.00 45.50 ? 183 MET A SD  1 
ATOM   1408 C CE  . MET A 1 183 ? -19.412 1.848   -0.422  1.00 38.27 ? 183 MET A CE  1 
ATOM   1409 N N   . GLN A 1 184 ? -17.034 8.572   -0.690  1.00 35.71 ? 184 GLN A N   1 
ATOM   1410 C CA  . GLN A 1 184 ? -17.146 10.017  -0.800  1.00 39.71 ? 184 GLN A CA  1 
ATOM   1411 C C   . GLN A 1 184 ? -16.977 10.500  -2.222  1.00 41.81 ? 184 GLN A C   1 
ATOM   1412 O O   . GLN A 1 184 ? -17.439 11.580  -2.570  1.00 46.58 ? 184 GLN A O   1 
ATOM   1413 C CB  . GLN A 1 184 ? -16.121 10.693  0.104   1.00 42.23 ? 184 GLN A CB  1 
ATOM   1414 C CG  . GLN A 1 184 ? -16.486 10.606  1.575   1.00 49.29 ? 184 GLN A CG  1 
ATOM   1415 C CD  . GLN A 1 184 ? -16.191 11.883  2.353   1.00 52.87 ? 184 GLN A CD  1 
ATOM   1416 O OE1 . GLN A 1 184 ? -15.189 12.561  2.113   1.00 52.98 ? 184 GLN A OE1 1 
ATOM   1417 N NE2 . GLN A 1 184 ? -17.067 12.209  3.298   1.00 56.11 ? 184 GLN A NE2 1 
ATOM   1418 N N   . PHE A 1 185 ? -16.314 9.687   -3.037  1.00 42.35 ? 185 PHE A N   1 
ATOM   1419 C CA  . PHE A 1 185 ? -16.067 9.990   -4.442  1.00 41.84 ? 185 PHE A CA  1 
ATOM   1420 C C   . PHE A 1 185 ? -15.038 9.030   -5.027  1.00 43.68 ? 185 PHE A C   1 
ATOM   1421 O O   . PHE A 1 185 ? -15.395 8.034   -5.657  1.00 42.22 ? 185 PHE A O   1 
ATOM   1422 C CB  . PHE A 1 185 ? -15.591 11.443  -4.641  1.00 41.99 ? 185 PHE A CB  1 
ATOM   1423 C CG  . PHE A 1 185 ? -14.440 11.865  -3.754  1.00 36.95 ? 185 PHE A CG  1 
ATOM   1424 C CD1 . PHE A 1 185 ? -13.924 11.025  -2.776  1.00 37.00 ? 185 PHE A CD1 1 
ATOM   1425 C CD2 . PHE A 1 185 ? -13.884 13.135  -3.898  1.00 37.05 ? 185 PHE A CD2 1 
ATOM   1426 C CE1 . PHE A 1 185 ? -12.887 11.445  -1.944  1.00 35.19 ? 185 PHE A CE1 1 
ATOM   1427 C CE2 . PHE A 1 185 ? -12.845 13.565  -3.070  1.00 34.24 ? 185 PHE A CE2 1 
ATOM   1428 C CZ  . PHE A 1 185 ? -12.344 12.714  -2.095  1.00 34.61 ? 185 PHE A CZ  1 
HETATM 1429 O O   . HOH B 2 .   ? 19.709  -24.872 39.083  1.00 27.14 ? 186 HOH A O   1 
HETATM 1430 O O   . HOH B 2 .   ? -5.923  6.084   -5.323  1.00 18.36 ? 187 HOH A O   1 
HETATM 1431 O O   . HOH B 2 .   ? -5.140  -11.246 17.332  1.00 17.99 ? 188 HOH A O   1 
HETATM 1432 O O   . HOH B 2 .   ? 7.783   6.076   -10.430 1.00 20.59 ? 189 HOH A O   1 
HETATM 1433 O O   . HOH B 2 .   ? -8.711  6.407   10.240  1.00 17.51 ? 190 HOH A O   1 
HETATM 1434 O O   . HOH B 2 .   ? 3.262   -0.831  14.387  1.00 24.72 ? 191 HOH A O   1 
HETATM 1435 O O   . HOH B 2 .   ? 18.267  4.572   -19.931 1.00 18.75 ? 192 HOH A O   1 
HETATM 1436 O O   . HOH B 2 .   ? -2.430  2.623   -12.433 1.00 15.26 ? 193 HOH A O   1 
HETATM 1437 O O   . HOH B 2 .   ? 0.446   7.331   -0.863  1.00 59.37 ? 194 HOH A O   1 
HETATM 1438 O O   . HOH B 2 .   ? 3.040   17.707  -13.325 1.00 15.57 ? 195 HOH A O   1 
HETATM 1439 O O   . HOH B 2 .   ? 1.487   -14.864 6.412   1.00 47.05 ? 196 HOH A O   1 
HETATM 1440 O O   . HOH B 2 .   ? 2.491   3.875   0.888   1.00 29.77 ? 197 HOH A O   1 
HETATM 1441 O O   . HOH B 2 .   ? -11.592 6.948   -10.855 1.00 13.37 ? 198 HOH A O   1 
HETATM 1442 O O   . HOH B 2 .   ? -6.440  -3.856  16.959  1.00 18.20 ? 199 HOH A O   1 
HETATM 1443 O O   . HOH B 2 .   ? 3.621   -0.793  -19.847 1.00 23.02 ? 200 HOH A O   1 
HETATM 1444 O O   . HOH B 2 .   ? -6.948  1.372   20.534  1.00 38.64 ? 201 HOH A O   1 
HETATM 1445 O O   . HOH B 2 .   ? 2.774   -0.574  -22.444 1.00 44.07 ? 202 HOH A O   1 
HETATM 1446 O O   . HOH B 2 .   ? -10.084 9.313   3.588   1.00 29.86 ? 203 HOH A O   1 
HETATM 1447 O O   . HOH B 2 .   ? -1.183  -19.355 11.955  1.00 35.12 ? 204 HOH A O   1 
HETATM 1448 O O   . HOH B 2 .   ? 4.912   2.342   -22.891 1.00 10.24 ? 205 HOH A O   1 
HETATM 1449 O O   . HOH B 2 .   ? -2.001  -2.403  -13.059 1.00 30.06 ? 206 HOH A O   1 
HETATM 1450 O O   . HOH B 2 .   ? 16.481  4.192   -16.695 1.00 20.50 ? 207 HOH A O   1 
HETATM 1451 O O   . HOH B 2 .   ? 4.930   1.136   13.907  1.00 34.39 ? 208 HOH A O   1 
HETATM 1452 O O   . HOH B 2 .   ? 4.140   -19.264 30.379  1.00 16.51 ? 209 HOH A O   1 
HETATM 1453 O O   . HOH B 2 .   ? 4.046   -0.109  -15.535 1.00 15.01 ? 210 HOH A O   1 
HETATM 1454 O O   . HOH B 2 .   ? -2.041  -10.625 -2.174  1.00 49.67 ? 211 HOH A O   1 
HETATM 1455 O O   . HOH B 2 .   ? 5.674   -15.126 9.287   1.00 41.80 ? 212 HOH A O   1 
HETATM 1456 O O   . HOH B 2 .   ? 15.370  -13.195 17.180  1.00 29.11 ? 213 HOH A O   1 
HETATM 1457 O O   . HOH B 2 .   ? -11.854 15.295  -14.427 1.00 20.06 ? 214 HOH A O   1 
HETATM 1458 O O   . HOH B 2 .   ? 13.965  11.690  -19.266 1.00 11.90 ? 215 HOH A O   1 
HETATM 1459 O O   . HOH B 2 .   ? -4.681  13.727  -26.808 1.00 34.14 ? 216 HOH A O   1 
HETATM 1460 O O   . HOH B 2 .   ? -4.274  11.035  -26.654 1.00 41.02 ? 217 HOH A O   1 
HETATM 1461 O O   . HOH B 2 .   ? -14.915 -6.660  -10.442 1.00 20.90 ? 218 HOH A O   1 
HETATM 1462 O O   . HOH B 2 .   ? 1.527   -5.208  -10.555 1.00 54.37 ? 219 HOH A O   1 
HETATM 1463 O O   . HOH B 2 .   ? -1.794  3.309   -26.907 1.00 29.21 ? 220 HOH A O   1 
HETATM 1464 O O   . HOH B 2 .   ? -1.579  -16.392 13.904  1.00 15.69 ? 221 HOH A O   1 
HETATM 1465 O O   . HOH B 2 .   ? 5.575   -17.372 24.190  1.00 11.64 ? 222 HOH A O   1 
HETATM 1466 O O   . HOH B 2 .   ? 1.293   11.422  -26.133 1.00 22.22 ? 223 HOH A O   1 
HETATM 1467 O O   . HOH B 2 .   ? 2.258   -0.068  -17.760 1.00 30.64 ? 224 HOH A O   1 
HETATM 1468 O O   . HOH B 2 .   ? -5.744  8.910   -8.593  1.00 18.64 ? 225 HOH A O   1 
HETATM 1469 O O   . HOH B 2 .   ? 7.684   7.822   -26.549 1.00 15.01 ? 226 HOH A O   1 
HETATM 1470 O O   . HOH B 2 .   ? 0.822   2.977   -6.343  1.00 20.88 ? 227 HOH A O   1 
HETATM 1471 O O   . HOH B 2 .   ? 3.426   16.359  -28.098 1.00 33.38 ? 228 HOH A O   1 
HETATM 1472 O O   . HOH B 2 .   ? -2.789  3.920   9.155   1.00 15.28 ? 229 HOH A O   1 
HETATM 1473 O O   . HOH B 2 .   ? 3.854   -2.535  16.281  1.00 17.88 ? 230 HOH A O   1 
HETATM 1474 O O   . HOH B 2 .   ? 10.813  -9.640  32.549  1.00 45.86 ? 231 HOH A O   1 
HETATM 1475 O O   . HOH B 2 .   ? -12.484 -10.854 9.476   1.00 23.23 ? 232 HOH A O   1 
HETATM 1476 O O   . HOH B 2 .   ? -3.265  17.924  -21.791 1.00 22.85 ? 233 HOH A O   1 
HETATM 1477 O O   . HOH B 2 .   ? 7.796   2.804   -10.566 1.00 24.74 ? 234 HOH A O   1 
HETATM 1478 O O   . HOH B 2 .   ? -6.842  14.973  -4.343  1.00 21.25 ? 235 HOH A O   1 
HETATM 1479 O O   . HOH B 2 .   ? -8.129  -0.052  -10.316 1.00 18.23 ? 236 HOH A O   1 
HETATM 1480 O O   . HOH B 2 .   ? -3.180  0.939   -10.209 1.00 44.99 ? 237 HOH A O   1 
HETATM 1481 O O   . HOH B 2 .   ? 3.279   -18.052 12.045  1.00 25.99 ? 238 HOH A O   1 
HETATM 1482 O O   . HOH B 2 .   ? 13.650  7.585   -27.068 1.00 40.09 ? 239 HOH A O   1 
HETATM 1483 O O   . HOH B 2 .   ? -18.626 15.369  -10.924 1.00 22.62 ? 240 HOH A O   1 
HETATM 1484 O O   . HOH B 2 .   ? -9.005  -5.949  14.487  1.00 37.40 ? 241 HOH A O   1 
HETATM 1485 O O   . HOH B 2 .   ? 18.510  -14.258 27.622  1.00 49.77 ? 242 HOH A O   1 
HETATM 1486 O O   . HOH B 2 .   ? 17.587  8.308   -13.828 1.00 52.53 ? 243 HOH A O   1 
HETATM 1487 O O   . HOH B 2 .   ? 5.982   -1.617  1.139   1.00 31.83 ? 244 HOH A O   1 
HETATM 1488 O O   . HOH B 2 .   ? -18.503 11.894  -5.382  1.00 22.54 ? 245 HOH A O   1 
HETATM 1489 O O   . HOH B 2 .   ? -1.498  -7.969  26.317  1.00 22.13 ? 246 HOH A O   1 
HETATM 1490 O O   . HOH B 2 .   ? -4.368  7.258   10.028  1.00 41.80 ? 247 HOH A O   1 
HETATM 1491 O O   . HOH B 2 .   ? -4.014  6.824   7.202   1.00 57.31 ? 248 HOH A O   1 
HETATM 1492 O O   . HOH B 2 .   ? 11.323  12.013  -19.588 1.00 19.39 ? 249 HOH A O   1 
HETATM 1493 O O   . HOH B 2 .   ? 7.231   -9.140  7.214   1.00 25.86 ? 250 HOH A O   1 
HETATM 1494 O O   . HOH B 2 .   ? 6.770   12.669  -9.108  1.00 16.15 ? 251 HOH A O   1 
HETATM 1495 O O   . HOH B 2 .   ? 2.958   -13.257 8.469   1.00 22.86 ? 252 HOH A O   1 
HETATM 1496 O O   . HOH B 2 .   ? -1.634  0.596   -23.897 1.00 30.77 ? 253 HOH A O   1 
HETATM 1497 O O   . HOH B 2 .   ? 2.804   -22.740 30.602  1.00 43.05 ? 254 HOH A O   1 
HETATM 1498 O O   . HOH B 2 .   ? 17.289  8.196   -16.503 1.00 21.96 ? 255 HOH A O   1 
HETATM 1499 O O   . HOH B 2 .   ? -9.405  -14.062 9.849   1.00 19.51 ? 256 HOH A O   1 
HETATM 1500 O O   . HOH B 2 .   ? 13.543  -20.931 36.584  1.00 40.51 ? 257 HOH A O   1 
HETATM 1501 O O   . HOH B 2 .   ? 17.792  -21.708 24.512  1.00 39.05 ? 258 HOH A O   1 
HETATM 1502 O O   . HOH B 2 .   ? -4.981  17.920  -27.290 1.00 33.30 ? 259 HOH A O   1 
HETATM 1503 O O   . HOH B 2 .   ? 11.722  -13.260 28.138  1.00 19.45 ? 260 HOH A O   1 
HETATM 1504 O O   . HOH B 2 .   ? 15.256  -5.310  5.470   1.00 56.89 ? 261 HOH A O   1 
HETATM 1505 O O   . HOH B 2 .   ? 1.870   -1.402  30.101  1.00 31.23 ? 262 HOH A O   1 
HETATM 1506 O O   . HOH B 2 .   ? -7.085  8.108   -24.177 1.00 24.99 ? 263 HOH A O   1 
HETATM 1507 O O   . HOH B 2 .   ? 11.666  15.658  -26.633 1.00 23.78 ? 264 HOH A O   1 
HETATM 1508 O O   . HOH B 2 .   ? 4.705   -13.009 39.517  1.00 35.46 ? 265 HOH A O   1 
HETATM 1509 O O   . HOH B 2 .   ? -12.875 12.936  -14.032 1.00 18.03 ? 266 HOH A O   1 
HETATM 1510 O O   . HOH B 2 .   ? -19.802 12.552  -9.224  1.00 34.77 ? 267 HOH A O   1 
HETATM 1511 O O   . HOH B 2 .   ? 13.714  -19.939 20.431  1.00 33.29 ? 268 HOH A O   1 
HETATM 1512 O O   . HOH B 2 .   ? -13.108 -7.633  -7.660  1.00 34.64 ? 269 HOH A O   1 
HETATM 1513 O O   . HOH B 2 .   ? -13.709 0.583   8.405   1.00 32.45 ? 270 HOH A O   1 
HETATM 1514 O O   . HOH B 2 .   ? -17.435 -6.844  6.104   1.00 30.55 ? 271 HOH A O   1 
HETATM 1515 O O   . HOH B 2 .   ? 17.961  -2.581  -25.456 1.00 46.44 ? 272 HOH A O   1 
HETATM 1516 O O   . HOH B 2 .   ? -12.393 -3.286  9.882   1.00 34.20 ? 273 HOH A O   1 
HETATM 1517 O O   . HOH B 2 .   ? -1.353  4.894   12.251  1.00 30.37 ? 274 HOH A O   1 
HETATM 1518 O O   . HOH B 2 .   ? -1.368  10.330  -3.605  1.00 16.08 ? 275 HOH A O   1 
HETATM 1519 O O   . HOH B 2 .   ? 6.490   -23.602 20.546  1.00 32.36 ? 276 HOH A O   1 
HETATM 1520 O O   . HOH B 2 .   ? -5.669  4.965   4.063   1.00 24.84 ? 277 HOH A O   1 
HETATM 1521 O O   . HOH B 2 .   ? 15.275  -10.561 29.124  1.00 51.67 ? 278 HOH A O   1 
HETATM 1522 O O   . HOH B 2 .   ? -11.373 7.505   8.208   1.00 29.76 ? 279 HOH A O   1 
HETATM 1523 O O   . HOH B 2 .   ? 4.735   0.269   17.939  1.00 54.15 ? 280 HOH A O   1 
HETATM 1524 O O   . HOH B 2 .   ? 6.069   3.284   9.921   1.00 36.93 ? 281 HOH A O   1 
HETATM 1525 O O   . HOH B 2 .   ? -11.196 -6.348  6.577   1.00 14.81 ? 282 HOH A O   1 
HETATM 1526 O O   . HOH B 2 .   ? 2.541   1.503   9.579   1.00 18.79 ? 283 HOH A O   1 
HETATM 1527 O O   . HOH B 2 .   ? 22.151  -16.675 26.816  1.00 28.45 ? 284 HOH A O   1 
HETATM 1528 O O   . HOH B 2 .   ? -4.422  23.428  -21.068 1.00 58.65 ? 285 HOH A O   1 
HETATM 1529 O O   . HOH B 2 .   ? -26.302 -3.049  -9.114  1.00 40.53 ? 286 HOH A O   1 
HETATM 1530 O O   . HOH B 2 .   ? -25.092 3.661   -9.585  1.00 43.34 ? 287 HOH A O   1 
HETATM 1531 O O   . HOH B 2 .   ? -1.348  -0.112  27.594  1.00 37.85 ? 288 HOH A O   1 
HETATM 1532 O O   . HOH B 2 .   ? 0.449   1.410   -30.251 1.00 50.26 ? 289 HOH A O   1 
HETATM 1533 O O   . HOH B 2 .   ? 16.701  -3.035  20.496  1.00 41.07 ? 290 HOH A O   1 
HETATM 1534 O O   . HOH B 2 .   ? -22.888 7.986   -7.187  1.00 24.74 ? 291 HOH A O   1 
HETATM 1535 O O   . HOH B 2 .   ? 2.878   4.007   10.747  1.00 34.84 ? 292 HOH A O   1 
HETATM 1536 O O   . HOH B 2 .   ? -2.792  4.579   14.494  1.00 38.64 ? 293 HOH A O   1 
HETATM 1537 O O   . HOH B 2 .   ? -11.217 9.783   -18.230 1.00 35.30 ? 294 HOH A O   1 
HETATM 1538 O O   . HOH B 2 .   ? -2.705  19.030  -29.343 1.00 38.32 ? 295 HOH A O   1 
HETATM 1539 O O   . HOH B 2 .   ? -0.404  -2.161  -9.777  1.00 43.31 ? 296 HOH A O   1 
HETATM 1540 O O   . HOH B 2 .   ? -1.323  -13.734 5.129   1.00 25.10 ? 297 HOH A O   1 
HETATM 1541 O O   . HOH B 2 .   ? 0.835   -13.679 29.214  1.00 34.10 ? 298 HOH A O   1 
HETATM 1542 O O   . HOH B 2 .   ? 16.863  -2.532  23.070  1.00 49.14 ? 299 HOH A O   1 
HETATM 1543 O O   . HOH B 2 .   ? 7.298   9.385   -6.737  1.00 25.01 ? 300 HOH A O   1 
HETATM 1544 O O   . HOH B 2 .   ? 9.763   -23.327 15.311  1.00 56.02 ? 301 HOH A O   1 
HETATM 1545 O O   . HOH B 2 .   ? 4.078   19.864  -28.745 1.00 48.12 ? 302 HOH A O   1 
HETATM 1546 O O   . HOH B 2 .   ? -11.620 2.724   -9.571  1.00 25.99 ? 303 HOH A O   1 
HETATM 1547 O O   . HOH B 2 .   ? -2.335  13.603  -28.106 1.00 50.30 ? 304 HOH A O   1 
HETATM 1548 O O   . HOH B 2 .   ? 17.530  -3.773  -19.107 1.00 39.46 ? 305 HOH A O   1 
HETATM 1549 O O   . HOH B 2 .   ? 6.616   7.326   -2.886  1.00 43.53 ? 306 HOH A O   1 
HETATM 1550 O O   . HOH B 2 .   ? 1.621   -9.852  32.669  1.00 54.23 ? 307 HOH A O   1 
HETATM 1551 O O   . HOH B 2 .   ? 15.889  -1.399  -14.239 1.00 40.42 ? 308 HOH A O   1 
HETATM 1552 O O   . HOH B 2 .   ? -0.886  7.252   -26.696 1.00 50.34 ? 309 HOH A O   1 
HETATM 1553 O O   . HOH B 2 .   ? 3.624   4.800   4.552   1.00 28.74 ? 310 HOH A O   1 
HETATM 1554 O O   . HOH B 2 .   ? 5.451   -3.360  -17.067 1.00 34.11 ? 311 HOH A O   1 
HETATM 1555 O O   . HOH B 2 .   ? 13.345  -8.784  4.567   1.00 41.67 ? 312 HOH A O   1 
HETATM 1556 O O   . HOH B 2 .   ? -3.103  6.160   -4.539  1.00 16.32 ? 313 HOH A O   1 
HETATM 1557 O O   . HOH B 2 .   ? -6.485  10.823  8.527   1.00 29.01 ? 314 HOH A O   1 
HETATM 1558 O O   . HOH B 2 .   ? 5.043   -1.828  32.158  1.00 40.16 ? 315 HOH A O   1 
HETATM 1559 O O   . HOH B 2 .   ? 7.659   -0.973  -2.066  1.00 38.90 ? 316 HOH A O   1 
HETATM 1560 O O   . HOH B 2 .   ? 1.585   -12.574 -1.371  1.00 32.22 ? 317 HOH A O   1 
HETATM 1561 O O   . HOH B 2 .   ? -20.174 12.305  8.960   1.00 43.69 ? 318 HOH A O   1 
HETATM 1562 O O   . HOH B 2 .   ? 3.478   21.671  -24.488 1.00 42.13 ? 319 HOH A O   1 
HETATM 1563 O O   . HOH B 2 .   ? 17.773  -20.800 21.400  1.00 36.60 ? 320 HOH A O   1 
HETATM 1564 O O   . HOH B 2 .   ? -13.205 -9.104  6.315   1.00 38.09 ? 321 HOH A O   1 
HETATM 1565 O O   . HOH B 2 .   ? 6.137   -7.421  5.430   1.00 23.64 ? 322 HOH A O   1 
HETATM 1566 O O   . HOH B 2 .   ? -5.422  19.719  -24.293 1.00 50.31 ? 323 HOH A O   1 
HETATM 1567 O O   . HOH B 2 .   ? 0.212   -24.566 22.977  1.00 59.09 ? 324 HOH A O   1 
HETATM 1568 O O   . HOH B 2 .   ? 5.787   4.154   -2.540  1.00 57.10 ? 325 HOH A O   1 
HETATM 1569 O O   . HOH B 2 .   ? 11.256  -18.056 11.561  1.00 39.27 ? 326 HOH A O   1 
HETATM 1570 O O   . HOH B 2 .   ? 13.317  -4.239  -26.399 1.00 40.98 ? 327 HOH A O   1 
HETATM 1571 O O   . HOH B 2 .   ? 9.701   -3.325  2.241   1.00 53.39 ? 328 HOH A O   1 
HETATM 1572 O O   . HOH B 2 .   ? 0.504   -12.039 3.029   1.00 35.60 ? 329 HOH A O   1 
HETATM 1573 O O   . HOH B 2 .   ? 1.737   -19.930 10.790  1.00 48.35 ? 330 HOH A O   1 
HETATM 1574 O O   . HOH B 2 .   ? 18.055  0.325   17.659  1.00 48.19 ? 331 HOH A O   1 
HETATM 1575 O O   . HOH B 2 .   ? 7.623   4.507   -28.294 1.00 37.66 ? 332 HOH A O   1 
HETATM 1576 O O   . HOH B 2 .   ? -18.779 -4.587  8.272   1.00 45.03 ? 333 HOH A O   1 
HETATM 1577 O O   . HOH B 2 .   ? -7.957  -8.482  -3.929  1.00 49.50 ? 334 HOH A O   1 
HETATM 1578 O O   . HOH B 2 .   ? 10.814  0.703   -28.042 1.00 27.06 ? 335 HOH A O   1 
HETATM 1579 O O   . HOH B 2 .   ? 2.611   -25.102 25.040  1.00 35.52 ? 336 HOH A O   1 
HETATM 1580 O O   . HOH B 2 .   ? -4.603  4.952   -0.338  1.00 29.01 ? 337 HOH A O   1 
HETATM 1581 O O   . HOH B 2 .   ? -16.351 2.034   1.282   1.00 22.94 ? 338 HOH A O   1 
HETATM 1582 O O   . HOH B 2 .   ? -1.247  5.975   8.142   1.00 57.96 ? 339 HOH A O   1 
HETATM 1583 O O   . HOH B 2 .   ? -9.449  14.301  -20.908 1.00 34.29 ? 340 HOH A O   1 
HETATM 1584 O O   . HOH B 2 .   ? -13.549 11.306  -10.043 1.00 19.04 ? 341 HOH A O   1 
HETATM 1585 O O   . HOH B 2 .   ? 2.737   4.158   -2.528  1.00 52.72 ? 342 HOH A O   1 
HETATM 1586 O O   . HOH B 2 .   ? 19.888  -5.528  25.182  1.00 53.58 ? 343 HOH A O   1 
HETATM 1587 O O   . HOH B 2 .   ? 12.465  -8.158  27.112  1.00 32.84 ? 344 HOH A O   1 
HETATM 1588 O O   . HOH B 2 .   ? 7.866   -0.599  -24.567 1.00 34.32 ? 345 HOH A O   1 
HETATM 1589 O O   . HOH B 2 .   ? 3.588   -3.303  -3.915  1.00 50.90 ? 346 HOH A O   1 
HETATM 1590 O O   . HOH B 2 .   ? -23.470 -7.182  0.718   1.00 44.84 ? 347 HOH A O   1 
HETATM 1591 O O   . HOH B 2 .   ? 21.518  -10.570 21.526  1.00 52.42 ? 348 HOH A O   1 
HETATM 1592 O O   . HOH B 2 .   ? -7.735  2.021   14.434  1.00 24.26 ? 349 HOH A O   1 
HETATM 1593 O O   . HOH B 2 .   ? 8.151   18.797  -30.360 1.00 41.58 ? 350 HOH A O   1 
HETATM 1594 O O   . HOH B 2 .   ? -16.103 14.222  -13.429 1.00 44.36 ? 351 HOH A O   1 
HETATM 1595 O O   . HOH B 2 .   ? 15.936  -12.682 27.722  1.00 21.09 ? 352 HOH A O   1 
HETATM 1596 O O   . HOH B 2 .   ? -1.449  -6.200  3.325   1.00 42.86 ? 353 HOH A O   1 
HETATM 1597 O O   . HOH B 2 .   ? 12.318  -22.573 17.273  1.00 46.49 ? 354 HOH A O   1 
HETATM 1598 O O   . HOH B 2 .   ? -9.811  14.225  -25.337 1.00 59.42 ? 355 HOH A O   1 
HETATM 1599 O O   . HOH B 2 .   ? -6.458  5.991   1.588   1.00 25.63 ? 356 HOH A O   1 
HETATM 1600 O O   . HOH B 2 .   ? 0.767   -13.573 22.666  1.00 28.44 ? 357 HOH A O   1 
HETATM 1601 O O   . HOH B 2 .   ? -18.890 -9.770  -0.398  1.00 43.29 ? 358 HOH A O   1 
HETATM 1602 O O   . HOH B 2 .   ? -9.644  11.952  6.015   1.00 56.60 ? 359 HOH A O   1 
HETATM 1603 O O   . HOH B 2 .   ? 12.611  -0.938  21.045  1.00 51.95 ? 360 HOH A O   1 
HETATM 1604 O O   . HOH B 2 .   ? -14.710 16.456  -6.003  1.00 21.59 ? 361 HOH A O   1 
HETATM 1605 O O   . HOH B 2 .   ? 4.310   -19.411 37.137  1.00 21.23 ? 362 HOH A O   1 
HETATM 1606 O O   . HOH B 2 .   ? -3.818  -14.064 26.688  1.00 57.93 ? 363 HOH A O   1 
HETATM 1607 O O   . HOH B 2 .   ? -0.678  -7.121  -10.347 1.00 35.98 ? 364 HOH A O   1 
HETATM 1608 O O   . HOH B 2 .   ? 10.901  -12.243 16.511  1.00 16.97 ? 365 HOH A O   1 
HETATM 1609 O O   . HOH B 2 .   ? -19.358 16.679  -13.450 1.00 39.48 ? 366 HOH A O   1 
HETATM 1610 O O   . HOH B 2 .   ? 3.574   -3.516  -19.215 1.00 33.49 ? 367 HOH A O   1 
HETATM 1611 O O   . HOH B 2 .   ? -12.534 -2.945  14.155  1.00 33.06 ? 368 HOH A O   1 
HETATM 1612 O O   . HOH B 2 .   ? -1.981  -13.733 24.383  1.00 49.91 ? 369 HOH A O   1 
HETATM 1613 O O   . HOH B 2 .   ? 15.895  -12.276 21.477  1.00 24.36 ? 370 HOH A O   1 
HETATM 1614 O O   . HOH B 2 .   ? 5.760   -11.335 7.631   1.00 39.56 ? 371 HOH A O   1 
HETATM 1615 O O   . HOH B 2 .   ? -3.184  -0.909  20.161  1.00 32.84 ? 372 HOH A O   1 
HETATM 1616 O O   . HOH B 2 .   ? 12.942  -19.405 15.556  1.00 28.60 ? 373 HOH A O   1 
HETATM 1617 O O   . HOH B 2 .   ? -16.343 16.359  -15.940 1.00 47.92 ? 374 HOH A O   1 
HETATM 1618 O O   . HOH B 2 .   ? -13.986 -9.079  1.428   1.00 53.15 ? 375 HOH A O   1 
HETATM 1619 O O   . HOH B 2 .   ? -4.347  6.368   -27.431 1.00 51.93 ? 376 HOH A O   1 
HETATM 1620 O O   . HOH B 2 .   ? 7.400   -3.736  22.669  1.00 34.47 ? 377 HOH A O   1 
HETATM 1621 O O   . HOH B 2 .   ? -11.897 -11.338 3.556   1.00 31.13 ? 378 HOH A O   1 
HETATM 1622 O O   . HOH B 2 .   ? -1.541  2.055   19.710  1.00 39.46 ? 379 HOH A O   1 
HETATM 1623 O O   . HOH B 2 .   ? 6.080   -14.518 23.919  1.00 25.97 ? 380 HOH A O   1 
HETATM 1624 O O   . HOH B 2 .   ? -2.644  4.430   4.057   1.00 30.69 ? 381 HOH A O   1 
HETATM 1625 O O   . HOH B 2 .   ? 17.523  -14.950 20.739  1.00 41.63 ? 382 HOH A O   1 
HETATM 1626 O O   . HOH B 2 .   ? 17.466  0.505   14.985  1.00 33.96 ? 383 HOH A O   1 
HETATM 1627 O O   . HOH B 2 .   ? -18.517 1.210   3.211   1.00 34.96 ? 384 HOH A O   1 
HETATM 1628 O O   . HOH B 2 .   ? -2.147  4.014   0.935   1.00 19.23 ? 385 HOH A O   1 
HETATM 1629 O O   . HOH B 2 .   ? 1.039   1.679   -10.591 1.00 37.59 ? 386 HOH A O   1 
HETATM 1630 O O   . HOH B 2 .   ? 8.283   -2.615  -18.913 1.00 54.71 ? 387 HOH A O   1 
# 
